data_3OZB
#
_entry.id   3OZB
#
_cell.length_a   99.469
_cell.length_b   99.469
_cell.length_c   334.935
_cell.angle_alpha   90.000
_cell.angle_beta   90.000
_cell.angle_gamma   90.000
#
_symmetry.space_group_name_H-M   'P 41 21 2'
#
loop_
_entity.id
_entity.type
_entity.pdbx_description
1 polymer 'Methylthioadenosine phosphorylase'
2 non-polymer HYPOXANTHINE
3 non-polymer 'SULFATE ION'
4 water water
#
_entity_poly.entity_id   1
_entity_poly.type   'polypeptide(L)'
_entity_poly.pdbx_seq_one_letter_code
;MHHHHHHENLYFQGMSVYAIIGGTGLTQLEGLTLSESLPIETPYGAPSAPLQRGRYAGREVLFLARHGHPHRFPPHQVNY
RANLWALKQAGAEAVIAVNAVGGIHAAMGTGHLCVPHQLIDYTSGREHTYFAGDIEHVTHIDFSHPYDEPLRQRLIEALR
ALGLAHSSHGVYACTQGPRLETVAEIARLERDGNDIVGMTGMPEAALARELDLPYACLALVVNPAAGKSAGIITMAEIEQ
ALHDGIGKVREVLARVLAG
;
_entity_poly.pdbx_strand_id   A,B,C,D,E,F
#
loop_
_chem_comp.id
_chem_comp.type
_chem_comp.name
_chem_comp.formula
HPA non-polymer HYPOXANTHINE 'C5 H4 N4 O'
SO4 non-polymer 'SULFATE ION' 'O4 S -2'
#
# COMPACT_ATOMS: atom_id res chain seq x y z
N MET A 15 -18.61 41.68 6.84
CA MET A 15 -17.50 42.23 7.68
C MET A 15 -16.09 41.84 7.17
N SER A 16 -15.67 40.59 7.37
CA SER A 16 -14.27 40.18 7.12
C SER A 16 -13.84 40.20 5.66
N VAL A 17 -12.60 40.63 5.42
CA VAL A 17 -12.10 40.79 4.06
C VAL A 17 -11.68 39.46 3.48
N TYR A 18 -12.21 39.17 2.30
CA TYR A 18 -11.89 37.95 1.58
C TYR A 18 -10.98 38.20 0.37
N ALA A 19 -10.04 37.26 0.19
CA ALA A 19 -9.25 37.20 -1.01
C ALA A 19 -9.62 35.94 -1.80
N ILE A 20 -9.68 36.06 -3.13
CA ILE A 20 -9.93 34.93 -3.99
C ILE A 20 -8.77 34.83 -4.95
N ILE A 21 -8.15 33.65 -4.97
CA ILE A 21 -7.05 33.36 -5.87
C ILE A 21 -7.57 32.36 -6.88
N GLY A 22 -7.29 32.60 -8.16
CA GLY A 22 -7.74 31.73 -9.24
C GLY A 22 -7.64 32.41 -10.60
N GLY A 23 -8.29 31.83 -11.59
CA GLY A 23 -8.33 32.39 -12.94
C GLY A 23 -9.16 33.65 -12.95
N THR A 24 -8.84 34.55 -13.89
CA THR A 24 -9.73 35.70 -14.14
C THR A 24 -11.01 35.09 -14.70
N GLY A 25 -12.11 35.78 -14.63
CA GLY A 25 -13.33 35.12 -15.05
C GLY A 25 -14.03 34.63 -13.82
N LEU A 26 -13.26 34.42 -12.76
CA LEU A 26 -13.82 34.47 -11.44
C LEU A 26 -14.19 35.92 -11.18
N THR A 27 -13.46 36.85 -11.82
CA THR A 27 -13.74 38.27 -11.72
C THR A 27 -15.02 38.64 -12.46
N GLN A 28 -15.50 37.78 -13.35
CA GLN A 28 -16.77 38.08 -14.01
C GLN A 28 -17.97 37.76 -13.10
N LEU A 29 -17.70 37.53 -11.82
CA LEU A 29 -18.73 37.29 -10.79
C LEU A 29 -19.77 38.41 -10.74
N GLU A 30 -21.03 38.12 -11.06
CA GLU A 30 -22.08 39.14 -11.20
C GLU A 30 -22.29 39.97 -9.93
N GLY A 31 -22.04 41.27 -10.04
CA GLY A 31 -22.24 42.17 -8.92
C GLY A 31 -20.97 42.57 -8.20
N LEU A 32 -19.85 41.95 -8.58
CA LEU A 32 -18.55 42.34 -8.09
C LEU A 32 -18.03 43.62 -8.77
N THR A 33 -17.55 44.58 -7.98
CA THR A 33 -16.74 45.68 -8.50
C THR A 33 -15.26 45.39 -8.24
N LEU A 34 -14.41 45.81 -9.16
CA LEU A 34 -12.97 45.69 -9.02
C LEU A 34 -12.32 46.95 -9.60
N SER A 35 -12.13 47.94 -8.73
CA SER A 35 -11.82 49.28 -9.23
C SER A 35 -10.48 49.86 -8.73
N GLU A 36 -9.52 48.97 -8.47
CA GLU A 36 -8.18 49.43 -8.12
C GLU A 36 -7.17 48.40 -8.61
N SER A 37 -5.95 48.87 -8.89
CA SER A 37 -4.87 48.03 -9.39
C SER A 37 -3.49 48.57 -8.95
N LEU A 38 -3.03 48.11 -7.80
CA LEU A 38 -1.66 48.42 -7.36
C LEU A 38 -0.63 47.35 -7.83
N PRO A 39 0.38 47.78 -8.63
CA PRO A 39 1.45 46.85 -9.03
C PRO A 39 2.49 46.69 -7.91
N ILE A 40 2.22 45.79 -6.98
CA ILE A 40 2.98 45.67 -5.73
C ILE A 40 4.40 45.10 -5.93
N GLU A 41 5.38 45.61 -5.17
CA GLU A 41 6.67 44.91 -5.06
C GLU A 41 6.97 44.51 -3.60
N THR A 42 7.03 43.20 -3.33
CA THR A 42 7.25 42.67 -1.97
C THR A 42 8.72 42.26 -1.68
N PRO A 43 9.03 42.00 -0.40
CA PRO A 43 10.37 41.56 -0.01
C PRO A 43 10.78 40.23 -0.68
N TYR A 44 9.77 39.52 -1.20
CA TYR A 44 9.92 38.18 -1.74
C TYR A 44 9.83 38.22 -3.25
N GLY A 45 9.74 39.43 -3.80
CA GLY A 45 9.73 39.63 -5.22
C GLY A 45 8.35 39.92 -5.76
N ALA A 46 8.17 39.69 -7.04
CA ALA A 46 6.97 40.15 -7.73
C ALA A 46 5.81 39.18 -7.58
N PRO A 47 4.62 39.69 -7.19
CA PRO A 47 3.42 38.87 -7.21
C PRO A 47 3.06 38.59 -8.67
N SER A 48 2.10 37.71 -8.89
CA SER A 48 1.80 37.24 -10.25
C SER A 48 1.17 38.33 -11.14
N ALA A 49 0.11 38.96 -10.64
CA ALA A 49 -0.55 40.07 -11.32
C ALA A 49 -0.63 41.20 -10.30
N PRO A 50 -1.13 42.38 -10.70
CA PRO A 50 -1.44 43.39 -9.68
C PRO A 50 -2.64 42.96 -8.84
N LEU A 51 -2.65 43.38 -7.58
CA LEU A 51 -3.83 43.22 -6.71
C LEU A 51 -5.04 43.96 -7.22
N GLN A 52 -6.19 43.28 -7.23
CA GLN A 52 -7.45 43.96 -7.50
C GLN A 52 -8.38 44.00 -6.30
N ARG A 53 -8.67 45.21 -5.81
CA ARG A 53 -9.55 45.40 -4.66
C ARG A 53 -10.92 45.89 -5.10
N GLY A 54 -11.96 45.26 -4.56
CA GLY A 54 -13.33 45.61 -4.88
C GLY A 54 -14.35 45.38 -3.79
N ARG A 55 -15.62 45.55 -4.13
CA ARG A 55 -16.70 45.40 -3.18
C ARG A 55 -17.66 44.32 -3.70
N TYR A 56 -18.05 43.35 -2.87
CA TYR A 56 -19.13 42.43 -3.28
C TYR A 56 -20.11 42.12 -2.14
N ALA A 57 -21.40 42.34 -2.39
CA ALA A 57 -22.44 42.29 -1.35
C ALA A 57 -22.05 42.99 -0.04
N GLY A 58 -21.30 44.09 -0.14
CA GLY A 58 -20.96 44.90 1.01
C GLY A 58 -19.73 44.45 1.78
N ARG A 59 -18.90 43.64 1.16
CA ARG A 59 -17.70 43.12 1.78
C ARG A 59 -16.52 43.46 0.89
N GLU A 60 -15.39 43.80 1.52
CA GLU A 60 -14.18 44.16 0.79
C GLU A 60 -13.68 42.88 0.21
N VAL A 61 -13.19 42.93 -1.02
CA VAL A 61 -12.86 41.72 -1.73
C VAL A 61 -11.55 41.84 -2.49
N LEU A 62 -10.72 40.81 -2.44
CA LEU A 62 -9.45 40.89 -3.11
C LEU A 62 -9.33 39.77 -4.15
N PHE A 63 -8.71 40.09 -5.27
N PHE A 63 -8.76 40.08 -5.30
CA PHE A 63 -8.51 39.14 -6.36
CA PHE A 63 -8.50 39.05 -6.29
C PHE A 63 -7.07 39.13 -6.84
C PHE A 63 -7.09 39.12 -6.81
N LEU A 64 -6.43 37.97 -6.77
CA LEU A 64 -5.09 37.79 -7.30
C LEU A 64 -5.15 36.68 -8.33
N ALA A 65 -4.77 37.00 -9.56
CA ALA A 65 -4.60 36.00 -10.59
C ALA A 65 -3.37 35.20 -10.23
N ARG A 66 -3.51 33.89 -10.25
CA ARG A 66 -2.40 33.04 -9.90
C ARG A 66 -1.29 33.02 -10.97
N HIS A 67 -1.61 33.38 -12.22
CA HIS A 67 -0.60 33.23 -13.28
C HIS A 67 -0.41 34.36 -14.33
N GLY A 68 -1.01 35.53 -14.13
CA GLY A 68 -0.66 36.72 -14.95
C GLY A 68 -0.73 36.74 -16.48
N HIS A 69 -0.72 37.96 -17.05
CA HIS A 69 -0.95 38.21 -18.48
C HIS A 69 0.13 39.15 -19.05
N PHE A 73 3.63 32.04 -16.86
CA PHE A 73 4.25 31.36 -15.71
C PHE A 73 3.69 29.94 -15.38
N PRO A 74 4.55 28.88 -15.47
CA PRO A 74 4.15 27.52 -15.11
C PRO A 74 3.99 27.39 -13.60
N PRO A 75 3.02 26.60 -13.14
CA PRO A 75 2.74 26.47 -11.71
C PRO A 75 3.98 26.41 -10.82
N HIS A 76 5.04 25.69 -11.26
CA HIS A 76 6.21 25.46 -10.40
C HIS A 76 7.09 26.69 -10.24
N GLN A 77 6.82 27.74 -11.02
CA GLN A 77 7.58 28.99 -10.86
C GLN A 77 6.77 30.24 -10.46
N VAL A 78 5.47 30.06 -10.25
CA VAL A 78 4.61 31.13 -9.75
C VAL A 78 5.13 31.56 -8.37
N ASN A 79 5.34 32.87 -8.20
CA ASN A 79 5.80 33.35 -6.92
C ASN A 79 4.67 33.41 -5.88
N TYR A 80 4.27 32.25 -5.38
CA TYR A 80 3.24 32.12 -4.35
C TYR A 80 3.54 32.89 -3.08
N ARG A 81 4.80 32.85 -2.64
CA ARG A 81 5.26 33.65 -1.50
C ARG A 81 4.93 35.13 -1.65
N ALA A 82 5.25 35.70 -2.80
CA ALA A 82 4.91 37.08 -3.09
C ALA A 82 3.40 37.27 -3.07
N ASN A 83 2.66 36.38 -3.71
CA ASN A 83 1.20 36.49 -3.72
C ASN A 83 0.61 36.58 -2.31
N LEU A 84 1.00 35.63 -1.46
CA LEU A 84 0.37 35.57 -0.15
C LEU A 84 0.80 36.72 0.75
N TRP A 85 2.01 37.24 0.53
CA TRP A 85 2.46 38.34 1.34
C TRP A 85 1.67 39.56 0.97
N ALA A 86 1.41 39.72 -0.32
CA ALA A 86 0.77 40.92 -0.83
C ALA A 86 -0.66 41.01 -0.30
N LEU A 87 -1.32 39.85 -0.24
CA LEU A 87 -2.71 39.69 0.20
C LEU A 87 -2.84 39.86 1.70
N LYS A 88 -1.97 39.20 2.47
CA LYS A 88 -1.90 39.45 3.89
C LYS A 88 -1.82 40.95 4.18
N GLN A 89 -0.93 41.63 3.46
CA GLN A 89 -0.64 43.04 3.68
C GLN A 89 -1.78 43.92 3.25
N ALA A 90 -2.34 43.67 2.06
CA ALA A 90 -3.54 44.39 1.61
C ALA A 90 -4.75 44.18 2.50
N GLY A 91 -4.64 43.28 3.48
CA GLY A 91 -5.62 43.17 4.53
C GLY A 91 -6.47 41.93 4.54
N ALA A 92 -6.03 40.88 3.83
CA ALA A 92 -6.80 39.61 3.76
C ALA A 92 -6.98 38.96 5.14
N GLU A 93 -8.14 38.33 5.35
CA GLU A 93 -8.41 37.65 6.63
C GLU A 93 -8.94 36.25 6.35
N ALA A 94 -9.03 35.93 5.05
CA ALA A 94 -9.48 34.63 4.60
C ALA A 94 -9.23 34.54 3.12
N VAL A 95 -8.79 33.38 2.67
CA VAL A 95 -8.48 33.19 1.28
C VAL A 95 -9.22 31.97 0.80
N ILE A 96 -9.93 32.12 -0.32
CA ILE A 96 -10.55 31.00 -0.99
C ILE A 96 -9.78 30.78 -2.27
N ALA A 97 -9.19 29.60 -2.41
CA ALA A 97 -8.37 29.28 -3.59
C ALA A 97 -9.07 28.32 -4.52
N VAL A 98 -9.30 28.77 -5.73
CA VAL A 98 -9.98 27.93 -6.71
C VAL A 98 -8.93 27.14 -7.51
N ASN A 99 -9.18 25.85 -7.70
CA ASN A 99 -8.17 24.96 -8.28
C ASN A 99 -8.74 23.99 -9.29
N ALA A 100 -8.11 23.96 -10.47
CA ALA A 100 -8.43 23.01 -11.51
C ALA A 100 -7.64 21.73 -11.27
N VAL A 101 -8.34 20.60 -11.22
CA VAL A 101 -7.71 19.33 -10.88
C VAL A 101 -8.06 18.20 -11.83
N GLY A 102 -7.36 17.09 -11.70
CA GLY A 102 -7.77 15.85 -12.34
C GLY A 102 -8.43 14.97 -11.28
N GLY A 103 -9.41 14.17 -11.66
CA GLY A 103 -10.10 13.30 -10.73
C GLY A 103 -9.45 11.94 -10.69
N ILE A 104 -8.99 11.52 -9.51
CA ILE A 104 -8.50 10.15 -9.32
C ILE A 104 -9.60 9.22 -8.81
N HIS A 105 -10.42 9.70 -7.87
CA HIS A 105 -11.51 8.90 -7.36
C HIS A 105 -12.64 8.72 -8.39
N ALA A 106 -13.12 7.49 -8.52
CA ALA A 106 -14.16 7.19 -9.50
C ALA A 106 -15.41 8.09 -9.40
N ALA A 107 -15.71 8.59 -8.21
CA ALA A 107 -16.92 9.39 -8.01
C ALA A 107 -16.62 10.84 -8.27
N MET A 108 -15.37 11.18 -8.54
CA MET A 108 -15.05 12.57 -8.72
C MET A 108 -14.67 12.80 -10.17
N GLY A 109 -15.65 12.68 -11.06
CA GLY A 109 -15.46 12.85 -12.51
C GLY A 109 -15.59 14.28 -13.01
N THR A 110 -15.45 14.45 -14.33
CA THR A 110 -15.45 15.77 -14.98
C THR A 110 -16.66 16.60 -14.54
N GLY A 111 -16.39 17.82 -14.08
CA GLY A 111 -17.43 18.79 -13.74
C GLY A 111 -17.71 18.80 -12.25
N HIS A 112 -17.21 17.75 -11.58
CA HIS A 112 -17.43 17.56 -10.15
C HIS A 112 -16.73 18.66 -9.33
N LEU A 113 -17.36 19.02 -8.22
CA LEU A 113 -16.77 19.98 -7.32
C LEU A 113 -16.41 19.25 -6.04
N CYS A 114 -15.19 19.43 -5.59
CA CYS A 114 -14.76 18.80 -4.37
C CYS A 114 -14.14 19.85 -3.49
N VAL A 115 -14.41 19.75 -2.20
CA VAL A 115 -13.86 20.68 -1.23
C VAL A 115 -12.94 19.80 -0.39
N PRO A 116 -11.64 19.80 -0.71
CA PRO A 116 -10.72 18.93 -0.01
C PRO A 116 -10.64 19.21 1.50
N HIS A 117 -10.17 18.24 2.30
CA HIS A 117 -9.94 18.46 3.74
C HIS A 117 -8.50 18.11 4.13
N GLN A 118 -7.79 17.54 3.16
CA GLN A 118 -6.41 17.13 3.36
C GLN A 118 -5.63 17.33 2.08
N LEU A 119 -4.32 17.23 2.19
CA LEU A 119 -3.47 17.20 1.00
C LEU A 119 -2.15 16.44 1.19
N ILE A 120 -1.60 15.98 0.09
CA ILE A 120 -0.31 15.40 0.11
C ILE A 120 0.49 16.14 -0.94
N ASP A 121 1.61 16.67 -0.51
CA ASP A 121 2.42 17.56 -1.31
C ASP A 121 3.53 16.78 -1.97
N TYR A 122 3.51 16.73 -3.30
CA TYR A 122 4.57 16.08 -4.08
C TYR A 122 5.45 17.09 -4.85
N THR A 123 5.43 18.37 -4.44
CA THR A 123 6.17 19.42 -5.14
C THR A 123 7.59 19.47 -4.63
N SER A 124 8.44 20.22 -5.33
CA SER A 124 9.82 20.51 -4.89
C SER A 124 10.33 21.74 -5.60
N GLY A 125 11.43 22.29 -5.08
CA GLY A 125 12.10 23.45 -5.69
C GLY A 125 11.26 24.70 -5.81
N ARG A 126 10.21 24.85 -5.00
CA ARG A 126 9.38 26.06 -5.04
C ARG A 126 9.63 26.81 -3.76
N GLU A 127 9.78 28.15 -3.83
CA GLU A 127 9.95 28.91 -2.60
C GLU A 127 8.70 28.67 -1.72
N HIS A 128 8.86 27.80 -0.71
CA HIS A 128 7.74 27.20 0.03
C HIS A 128 7.61 27.63 1.50
N THR A 129 8.44 28.59 1.96
CA THR A 129 8.37 29.09 3.33
C THR A 129 8.95 30.49 3.53
N TYR A 130 8.40 31.22 4.49
CA TYR A 130 8.93 32.51 4.92
C TYR A 130 10.07 32.31 5.90
N PHE A 131 10.15 31.12 6.47
CA PHE A 131 11.22 30.82 7.41
C PHE A 131 12.40 30.20 6.67
N ALA A 132 13.06 31.02 5.85
CA ALA A 132 14.33 30.67 5.17
C ALA A 132 15.26 31.90 4.99
N GLY A 133 16.42 31.71 4.38
CA GLY A 133 17.39 32.81 4.29
C GLY A 133 17.69 33.43 5.65
N ASP A 134 17.62 34.75 5.74
CA ASP A 134 17.94 35.43 7.00
C ASP A 134 16.71 35.55 7.94
N ILE A 135 16.68 34.70 8.97
CA ILE A 135 15.65 34.67 10.04
C ILE A 135 16.33 34.43 11.39
N GLU A 136 15.70 34.82 12.51
CA GLU A 136 16.40 34.76 13.80
C GLU A 136 15.97 33.62 14.74
N HIS A 137 14.86 32.97 14.38
CA HIS A 137 14.40 31.75 15.04
C HIS A 137 13.68 30.96 13.96
N VAL A 138 13.81 29.64 13.98
CA VAL A 138 13.05 28.85 13.00
C VAL A 138 11.75 28.38 13.64
N THR A 139 10.64 28.60 12.94
CA THR A 139 9.40 28.04 13.38
C THR A 139 8.92 26.91 12.47
N HIS A 140 8.43 25.87 13.11
CA HIS A 140 7.84 24.77 12.44
C HIS A 140 6.34 24.89 12.63
N ILE A 141 5.61 25.39 11.65
CA ILE A 141 4.17 25.50 11.84
C ILE A 141 3.59 24.10 11.89
N ASP A 142 2.59 23.92 12.74
CA ASP A 142 1.73 22.77 12.60
C ASP A 142 1.07 22.92 11.26
N PHE A 143 0.56 21.82 10.72
CA PHE A 143 -0.09 21.82 9.40
C PHE A 143 -0.87 20.53 9.30
N SER A 144 -1.46 20.10 10.40
CA SER A 144 -2.15 18.83 10.43
C SER A 144 -3.37 18.84 9.53
N HIS A 145 -4.12 19.93 9.60
CA HIS A 145 -5.32 20.11 8.82
C HIS A 145 -5.12 21.34 7.99
N PRO A 146 -4.70 21.16 6.72
CA PRO A 146 -4.31 22.29 5.85
C PRO A 146 -5.41 23.33 5.49
N TYR A 147 -6.67 23.04 5.73
CA TYR A 147 -7.69 23.97 5.31
C TYR A 147 -8.52 24.47 6.47
N ASP A 148 -8.80 25.76 6.55
CA ASP A 148 -9.60 26.25 7.66
C ASP A 148 -10.99 25.59 7.58
N GLU A 149 -11.44 25.05 8.70
CA GLU A 149 -12.73 24.38 8.75
C GLU A 149 -13.96 25.32 8.55
N PRO A 150 -14.00 26.52 9.19
CA PRO A 150 -15.12 27.42 8.88
C PRO A 150 -15.30 27.72 7.39
N LEU A 151 -14.20 27.96 6.69
CA LEU A 151 -14.27 28.18 5.27
C LEU A 151 -14.80 26.95 4.57
N ARG A 152 -14.22 25.78 4.83
CA ARG A 152 -14.70 24.56 4.18
C ARG A 152 -16.23 24.45 4.31
N GLN A 153 -16.76 24.59 5.53
CA GLN A 153 -18.23 24.49 5.75
C GLN A 153 -19.03 25.55 4.96
N ARG A 154 -18.55 26.79 4.91
CA ARG A 154 -19.22 27.80 4.10
C ARG A 154 -19.25 27.40 2.63
N LEU A 155 -18.20 26.74 2.16
CA LEU A 155 -18.21 26.24 0.79
C LEU A 155 -19.20 25.11 0.65
N ILE A 156 -19.19 24.19 1.58
CA ILE A 156 -20.14 23.09 1.55
C ILE A 156 -21.60 23.60 1.65
N GLU A 157 -21.88 24.43 2.65
CA GLU A 157 -23.21 24.99 2.83
C GLU A 157 -23.70 25.61 1.50
N ALA A 158 -22.80 26.29 0.79
CA ALA A 158 -23.17 26.91 -0.47
C ALA A 158 -23.42 25.85 -1.53
N LEU A 159 -22.60 24.82 -1.57
CA LEU A 159 -22.78 23.78 -2.55
C LEU A 159 -24.06 22.96 -2.35
N ARG A 160 -24.47 22.73 -1.09
CA ARG A 160 -25.75 22.02 -0.82
C ARG A 160 -26.93 22.90 -1.17
N ALA A 161 -26.80 24.18 -0.82
CA ALA A 161 -27.86 25.14 -1.04
C ALA A 161 -28.15 25.23 -2.53
N LEU A 162 -27.11 25.10 -3.34
CA LEU A 162 -27.23 25.26 -4.78
C LEU A 162 -27.58 23.94 -5.47
N GLY A 163 -27.52 22.84 -4.74
CA GLY A 163 -27.82 21.53 -5.29
C GLY A 163 -26.85 21.11 -6.37
N LEU A 164 -25.61 21.57 -6.24
CA LEU A 164 -24.51 21.14 -7.11
C LEU A 164 -23.91 19.84 -6.61
N ALA A 165 -23.46 19.02 -7.57
CA ALA A 165 -22.84 17.73 -7.27
C ALA A 165 -21.42 17.93 -6.74
N HIS A 166 -21.20 17.51 -5.50
CA HIS A 166 -19.91 17.73 -4.86
C HIS A 166 -19.53 16.61 -3.91
N SER A 167 -18.27 16.67 -3.50
CA SER A 167 -17.79 15.94 -2.35
C SER A 167 -17.36 16.95 -1.28
N SER A 168 -17.76 16.67 -0.05
CA SER A 168 -17.44 17.56 1.07
C SER A 168 -16.04 17.34 1.64
N HIS A 169 -15.36 16.27 1.20
CA HIS A 169 -14.00 15.97 1.62
C HIS A 169 -13.30 15.30 0.46
N GLY A 170 -12.00 15.14 0.60
CA GLY A 170 -11.14 14.67 -0.45
C GLY A 170 -9.69 15.05 -0.18
N VAL A 171 -8.78 14.25 -0.69
CA VAL A 171 -7.37 14.49 -0.43
C VAL A 171 -6.74 14.99 -1.71
N TYR A 172 -6.08 16.13 -1.60
CA TYR A 172 -5.50 16.83 -2.74
C TYR A 172 -4.03 16.47 -2.93
N ALA A 173 -3.73 15.83 -4.06
CA ALA A 173 -2.37 15.55 -4.40
C ALA A 173 -1.86 16.74 -5.13
N CYS A 174 -0.80 17.34 -4.63
CA CYS A 174 -0.21 18.45 -5.36
C CYS A 174 1.10 18.09 -6.09
N THR A 175 1.01 17.83 -7.39
CA THR A 175 2.19 17.49 -8.20
C THR A 175 2.89 18.72 -8.78
N GLN A 176 3.94 18.52 -9.56
CA GLN A 176 4.87 19.61 -9.92
C GLN A 176 4.61 20.21 -11.31
N GLY A 177 4.18 19.39 -12.26
CA GLY A 177 4.05 19.81 -13.65
C GLY A 177 5.32 20.42 -14.25
N PRO A 178 5.17 21.23 -15.34
CA PRO A 178 3.92 21.40 -16.07
C PRO A 178 3.34 20.09 -16.60
N ARG A 179 4.17 19.13 -16.99
CA ARG A 179 3.64 17.87 -17.54
C ARG A 179 2.52 17.25 -16.69
N LEU A 180 1.57 16.58 -17.36
CA LEU A 180 0.56 15.76 -16.66
C LEU A 180 1.17 14.45 -16.11
N GLU A 181 0.36 13.65 -15.43
CA GLU A 181 0.92 12.48 -14.77
C GLU A 181 0.88 11.25 -15.64
N THR A 182 1.65 10.27 -15.19
CA THR A 182 1.81 8.97 -15.79
C THR A 182 0.82 8.00 -15.15
N VAL A 183 0.43 6.97 -15.88
CA VAL A 183 -0.62 6.05 -15.39
C VAL A 183 -0.21 5.41 -14.08
N ALA A 184 1.00 4.85 -14.04
CA ALA A 184 1.59 4.30 -12.83
C ALA A 184 1.81 5.40 -11.76
N GLU A 185 1.92 6.66 -12.20
CA GLU A 185 2.05 7.74 -11.26
C GLU A 185 0.69 8.01 -10.62
N ILE A 186 -0.37 7.90 -11.40
CA ILE A 186 -1.72 8.02 -10.80
C ILE A 186 -2.01 6.81 -9.88
N ALA A 187 -1.63 5.61 -10.33
CA ALA A 187 -1.67 4.43 -9.49
C ALA A 187 -1.10 4.71 -8.11
N ARG A 188 0.02 5.41 -8.05
CA ARG A 188 0.69 5.62 -6.77
C ARG A 188 0.00 6.69 -5.94
N LEU A 189 -0.41 7.77 -6.57
CA LEU A 189 -1.20 8.80 -5.90
C LEU A 189 -2.46 8.18 -5.30
N GLU A 190 -3.13 7.29 -6.06
CA GLU A 190 -4.31 6.60 -5.57
C GLU A 190 -4.00 5.65 -4.41
N ARG A 191 -2.91 4.89 -4.50
CA ARG A 191 -2.46 4.08 -3.37
C ARG A 191 -2.07 4.96 -2.15
N ASP A 192 -1.73 6.22 -2.41
CA ASP A 192 -1.33 7.10 -1.33
C ASP A 192 -2.53 7.77 -0.65
N GLY A 193 -3.74 7.52 -1.14
CA GLY A 193 -4.94 8.10 -0.56
C GLY A 193 -5.56 9.28 -1.27
N ASN A 194 -4.90 9.82 -2.30
CA ASN A 194 -5.43 11.03 -2.95
C ASN A 194 -6.68 10.84 -3.76
N ASP A 195 -7.52 11.87 -3.78
CA ASP A 195 -8.75 11.81 -4.60
C ASP A 195 -8.66 12.63 -5.87
N ILE A 196 -7.81 13.65 -5.83
CA ILE A 196 -7.71 14.66 -6.88
C ILE A 196 -6.31 15.18 -6.96
N VAL A 197 -5.96 15.74 -8.11
CA VAL A 197 -4.57 16.09 -8.39
C VAL A 197 -4.45 17.36 -9.22
N GLY A 198 -3.63 18.29 -8.73
CA GLY A 198 -3.35 19.52 -9.41
C GLY A 198 -1.96 20.00 -9.07
N MET A 199 -1.56 21.11 -9.69
CA MET A 199 -0.20 21.64 -9.57
C MET A 199 -0.04 22.94 -8.77
N THR A 200 -1.13 23.46 -8.23
CA THR A 200 -1.07 24.82 -7.68
C THR A 200 -1.55 24.94 -6.23
N GLY A 201 -1.79 23.78 -5.59
CA GLY A 201 -2.32 23.77 -4.23
C GLY A 201 -1.25 24.06 -3.21
N MET A 202 -0.04 23.61 -3.49
CA MET A 202 1.09 23.79 -2.60
C MET A 202 2.25 24.45 -3.34
N PRO A 203 2.97 25.37 -2.70
CA PRO A 203 3.02 25.66 -1.27
C PRO A 203 1.98 26.68 -0.74
N GLU A 204 1.03 27.04 -1.60
CA GLU A 204 0.07 28.06 -1.31
C GLU A 204 -0.55 27.85 0.05
N ALA A 205 -1.15 26.67 0.27
CA ALA A 205 -1.85 26.42 1.55
C ALA A 205 -0.97 26.59 2.81
N ALA A 206 0.31 26.18 2.72
CA ALA A 206 1.25 26.34 3.84
C ALA A 206 1.65 27.80 4.10
N LEU A 207 1.93 28.55 3.04
CA LEU A 207 2.30 29.96 3.19
C LEU A 207 1.15 30.73 3.78
N ALA A 208 -0.07 30.34 3.43
CA ALA A 208 -1.23 30.90 4.08
C ALA A 208 -1.17 30.55 5.57
N ARG A 209 -0.86 29.31 5.90
CA ARG A 209 -0.77 28.96 7.32
C ARG A 209 0.28 29.75 8.10
N GLU A 210 1.52 29.79 7.59
CA GLU A 210 2.61 30.57 8.19
C GLU A 210 2.23 32.02 8.48
N LEU A 211 1.18 32.51 7.85
CA LEU A 211 0.76 33.88 8.06
C LEU A 211 -0.54 33.98 8.87
N ASP A 212 -0.91 32.89 9.54
CA ASP A 212 -2.21 32.78 10.22
C ASP A 212 -3.41 33.21 9.37
N LEU A 213 -3.31 32.97 8.06
CA LEU A 213 -4.37 33.32 7.12
C LEU A 213 -5.27 32.11 6.88
N PRO A 214 -6.55 32.18 7.28
CA PRO A 214 -7.38 31.01 7.04
C PRO A 214 -7.56 30.83 5.54
N TYR A 215 -7.42 29.59 5.08
CA TYR A 215 -7.38 29.28 3.65
C TYR A 215 -8.13 27.97 3.43
N ALA A 216 -8.97 27.94 2.40
CA ALA A 216 -9.69 26.75 2.00
C ALA A 216 -9.75 26.69 0.49
N CYS A 217 -9.68 25.48 -0.04
CA CYS A 217 -9.62 25.24 -1.47
C CYS A 217 -10.97 24.79 -2.03
N LEU A 218 -11.39 25.39 -3.14
CA LEU A 218 -12.52 24.82 -3.91
C LEU A 218 -12.00 24.26 -5.23
N ALA A 219 -12.26 22.98 -5.50
CA ALA A 219 -11.66 22.29 -6.67
C ALA A 219 -12.61 21.83 -7.77
N LEU A 220 -12.37 22.31 -8.98
CA LEU A 220 -13.09 21.83 -10.15
C LEU A 220 -12.31 20.75 -10.92
N VAL A 221 -12.93 19.59 -11.08
CA VAL A 221 -12.31 18.47 -11.76
C VAL A 221 -12.48 18.75 -13.23
N VAL A 222 -11.38 18.96 -13.93
CA VAL A 222 -11.46 19.32 -15.33
C VAL A 222 -11.20 18.15 -16.26
N ASN A 223 -10.69 17.05 -15.73
CA ASN A 223 -10.42 15.84 -16.53
C ASN A 223 -10.33 14.61 -15.64
N PRO A 224 -10.53 13.41 -16.21
CA PRO A 224 -10.11 12.23 -15.42
C PRO A 224 -8.60 12.22 -15.41
N ALA A 225 -8.01 11.80 -14.29
CA ALA A 225 -6.57 11.70 -14.20
C ALA A 225 -6.11 10.59 -15.12
N ALA A 226 -4.83 10.62 -15.50
CA ALA A 226 -4.29 9.68 -16.49
C ALA A 226 -4.70 8.25 -16.20
N GLY A 227 -5.11 7.52 -17.23
CA GLY A 227 -5.52 6.12 -17.07
C GLY A 227 -6.97 5.85 -16.66
N LYS A 228 -7.70 6.88 -16.24
CA LYS A 228 -9.11 6.72 -15.83
C LYS A 228 -10.10 6.67 -17.01
N SER A 229 -10.02 7.65 -17.91
CA SER A 229 -10.77 7.60 -19.17
C SER A 229 -10.07 6.65 -20.13
N ALA A 230 -10.72 6.32 -21.25
CA ALA A 230 -10.11 5.40 -22.23
C ALA A 230 -8.97 6.03 -23.06
N GLY A 231 -9.22 7.21 -23.66
CA GLY A 231 -8.25 7.90 -24.51
C GLY A 231 -7.09 8.54 -23.75
N ILE A 232 -6.71 9.74 -24.18
CA ILE A 232 -5.70 10.52 -23.47
C ILE A 232 -6.26 11.88 -23.13
N ILE A 233 -5.60 12.58 -22.21
CA ILE A 233 -6.04 13.90 -21.79
C ILE A 233 -5.60 14.97 -22.81
N THR A 234 -6.56 15.73 -23.30
CA THR A 234 -6.29 16.82 -24.23
C THR A 234 -6.63 18.17 -23.61
N MET A 235 -5.87 19.19 -23.97
CA MET A 235 -6.07 20.52 -23.42
C MET A 235 -7.45 21.12 -23.74
N ALA A 236 -8.02 20.73 -24.88
CA ALA A 236 -9.36 21.19 -25.26
C ALA A 236 -10.47 20.52 -24.43
N GLU A 237 -10.27 19.26 -24.02
CA GLU A 237 -11.20 18.59 -23.10
C GLU A 237 -11.26 19.43 -21.82
N ILE A 238 -10.08 19.92 -21.43
CA ILE A 238 -9.88 20.64 -20.19
C ILE A 238 -10.42 22.07 -20.31
N GLU A 239 -10.06 22.75 -21.40
CA GLU A 239 -10.54 24.11 -21.73
C GLU A 239 -12.07 24.19 -21.72
N GLN A 240 -12.70 23.19 -22.33
CA GLN A 240 -14.15 23.07 -22.39
C GLN A 240 -14.73 22.93 -20.98
N ALA A 241 -14.15 22.03 -20.19
CA ALA A 241 -14.60 21.75 -18.82
C ALA A 241 -14.57 22.99 -17.91
N LEU A 242 -13.51 23.79 -18.05
CA LEU A 242 -13.36 25.07 -17.37
C LEU A 242 -14.52 25.98 -17.71
N HIS A 243 -14.64 26.29 -19.00
CA HIS A 243 -15.72 27.08 -19.50
C HIS A 243 -17.04 26.57 -18.94
N ASP A 244 -17.30 25.27 -19.03
CA ASP A 244 -18.53 24.71 -18.46
C ASP A 244 -18.71 24.94 -16.93
N GLY A 245 -17.65 24.80 -16.15
CA GLY A 245 -17.76 24.75 -14.70
C GLY A 245 -17.51 26.04 -13.94
N ILE A 246 -16.78 26.96 -14.56
CA ILE A 246 -16.44 28.26 -13.97
C ILE A 246 -17.66 29.04 -13.45
N GLY A 247 -18.78 29.00 -14.19
CA GLY A 247 -20.04 29.61 -13.77
C GLY A 247 -20.58 28.98 -12.49
N LYS A 248 -20.37 27.67 -12.34
CA LYS A 248 -20.83 26.93 -11.17
C LYS A 248 -20.01 27.40 -9.98
N VAL A 249 -18.70 27.48 -10.19
CA VAL A 249 -17.82 28.02 -9.18
C VAL A 249 -18.27 29.43 -8.84
N ARG A 250 -18.63 30.23 -9.83
CA ARG A 250 -18.95 31.61 -9.52
C ARG A 250 -20.15 31.71 -8.60
N GLU A 251 -21.17 30.89 -8.86
CA GLU A 251 -22.35 30.80 -8.00
C GLU A 251 -21.98 30.45 -6.57
N VAL A 252 -20.98 29.61 -6.39
CA VAL A 252 -20.55 29.22 -5.05
C VAL A 252 -19.84 30.36 -4.36
N LEU A 253 -18.97 31.05 -5.05
CA LEU A 253 -18.30 32.23 -4.47
C LEU A 253 -19.32 33.28 -4.07
N ALA A 254 -20.27 33.53 -4.96
CA ALA A 254 -21.35 34.46 -4.65
C ALA A 254 -21.93 34.14 -3.27
N ARG A 255 -22.40 32.91 -3.05
CA ARG A 255 -23.04 32.57 -1.79
C ARG A 255 -22.07 32.68 -0.63
N VAL A 256 -20.84 32.22 -0.84
CA VAL A 256 -19.81 32.35 0.21
C VAL A 256 -19.49 33.81 0.55
N LEU A 257 -19.47 34.69 -0.46
CA LEU A 257 -19.04 36.06 -0.25
C LEU A 257 -20.07 36.97 0.43
N ALA A 258 -21.26 36.44 0.67
CA ALA A 258 -22.35 37.25 1.18
C ALA A 258 -22.56 37.03 2.68
N SER B 16 13.81 6.62 -42.20
CA SER B 16 13.36 7.29 -40.93
C SER B 16 14.46 7.32 -39.84
N VAL B 17 14.77 8.53 -39.37
CA VAL B 17 16.01 8.72 -38.63
C VAL B 17 15.92 8.50 -37.12
N TYR B 18 16.62 7.46 -36.68
CA TYR B 18 16.66 7.04 -35.28
C TYR B 18 17.87 7.63 -34.63
N ALA B 19 17.72 7.93 -33.36
CA ALA B 19 18.79 8.41 -32.53
C ALA B 19 18.96 7.44 -31.37
N ILE B 20 20.19 7.27 -30.90
CA ILE B 20 20.40 6.44 -29.74
C ILE B 20 21.11 7.18 -28.66
N ILE B 21 20.52 7.15 -27.47
CA ILE B 21 21.09 7.72 -26.26
C ILE B 21 21.59 6.60 -25.35
N GLY B 22 22.84 6.69 -24.92
CA GLY B 22 23.37 5.74 -23.97
C GLY B 22 24.87 5.81 -23.92
N GLY B 23 25.50 4.73 -23.45
CA GLY B 23 26.94 4.71 -23.32
C GLY B 23 27.65 4.74 -24.67
N THR B 24 28.95 5.00 -24.66
CA THR B 24 29.76 4.73 -25.86
C THR B 24 30.00 3.22 -25.89
N GLY B 25 30.40 2.71 -27.05
CA GLY B 25 30.44 1.26 -27.23
C GLY B 25 29.12 0.78 -27.81
N LEU B 26 28.06 1.54 -27.54
CA LEU B 26 26.81 1.38 -28.30
C LEU B 26 27.08 1.73 -29.76
N THR B 27 28.25 2.29 -30.04
CA THR B 27 28.63 2.63 -31.39
C THR B 27 29.60 1.60 -31.96
N GLN B 28 30.22 0.82 -31.07
CA GLN B 28 31.05 -0.33 -31.47
C GLN B 28 30.17 -1.38 -32.16
N LEU B 29 29.16 -0.88 -32.89
CA LEU B 29 28.16 -1.66 -33.58
C LEU B 29 28.63 -2.03 -34.99
N GLU B 30 28.65 -3.35 -35.25
CA GLU B 30 29.22 -3.90 -36.46
C GLU B 30 28.37 -3.54 -37.68
N GLY B 31 29.03 -3.03 -38.72
CA GLY B 31 28.36 -2.60 -39.94
C GLY B 31 27.91 -1.16 -39.94
N LEU B 32 28.09 -0.50 -38.80
CA LEU B 32 27.80 0.92 -38.66
C LEU B 32 29.01 1.77 -39.07
N THR B 33 28.89 2.44 -40.22
CA THR B 33 29.87 3.44 -40.59
C THR B 33 29.49 4.77 -39.94
N LEU B 34 30.20 5.09 -38.85
CA LEU B 34 29.93 6.30 -38.06
C LEU B 34 30.92 7.40 -38.44
N SER B 35 30.40 8.51 -38.97
CA SER B 35 31.26 9.46 -39.66
C SER B 35 31.55 10.78 -38.92
N GLU B 36 30.53 11.36 -38.27
CA GLU B 36 30.65 12.72 -37.76
C GLU B 36 30.87 12.78 -36.26
N SER B 37 31.48 13.89 -35.84
CA SER B 37 31.49 14.33 -34.46
C SER B 37 31.09 15.82 -34.50
N LEU B 38 29.79 16.08 -34.33
CA LEU B 38 29.23 17.44 -34.33
C LEU B 38 29.02 18.02 -32.91
N PRO B 39 29.88 18.97 -32.48
CA PRO B 39 29.53 19.63 -31.22
C PRO B 39 28.53 20.77 -31.48
N ILE B 40 27.27 20.55 -31.11
CA ILE B 40 26.20 21.53 -31.34
C ILE B 40 25.97 22.34 -30.07
N GLU B 41 25.51 23.58 -30.23
CA GLU B 41 25.13 24.44 -29.10
C GLU B 41 23.61 24.65 -29.12
N THR B 42 23.01 24.69 -27.94
CA THR B 42 21.56 24.78 -27.80
C THR B 42 21.19 25.98 -26.93
N PRO B 43 19.92 26.45 -27.03
CA PRO B 43 19.35 27.49 -26.17
C PRO B 43 19.34 27.12 -24.69
N TYR B 44 19.79 25.91 -24.37
CA TYR B 44 19.70 25.38 -23.03
C TYR B 44 21.06 24.96 -22.55
N GLY B 45 22.08 25.40 -23.28
CA GLY B 45 23.48 25.11 -22.96
C GLY B 45 24.00 23.95 -23.79
N ALA B 46 25.12 23.34 -23.35
CA ALA B 46 25.80 22.31 -24.13
C ALA B 46 25.25 20.91 -23.88
N PRO B 47 25.23 20.07 -24.92
CA PRO B 47 24.94 18.65 -24.73
C PRO B 47 26.13 17.97 -24.07
N SER B 48 25.90 16.77 -23.52
CA SER B 48 26.90 16.06 -22.72
C SER B 48 28.16 15.72 -23.51
N ALA B 49 27.93 15.41 -24.79
CA ALA B 49 28.96 14.99 -25.73
C ALA B 49 28.70 15.60 -27.11
N PRO B 50 29.62 15.41 -28.07
CA PRO B 50 29.24 15.73 -29.44
C PRO B 50 28.31 14.68 -30.03
N LEU B 51 27.37 15.10 -30.86
CA LEU B 51 26.51 14.20 -31.57
C LEU B 51 27.23 13.47 -32.69
N GLN B 52 27.23 12.14 -32.63
CA GLN B 52 27.81 11.36 -33.73
C GLN B 52 26.70 11.09 -34.73
N ARG B 53 26.93 11.41 -35.99
CA ARG B 53 26.01 11.00 -37.03
C ARG B 53 26.64 9.88 -37.84
N GLY B 54 25.81 8.95 -38.29
CA GLY B 54 26.29 7.86 -39.14
C GLY B 54 25.19 7.24 -39.98
N ARG B 55 25.56 6.19 -40.70
CA ARG B 55 24.57 5.41 -41.40
C ARG B 55 24.68 3.95 -40.98
N TYR B 56 23.55 3.37 -40.65
CA TYR B 56 23.44 1.94 -40.46
C TYR B 56 22.27 1.41 -41.28
N ALA B 57 22.51 0.32 -42.00
CA ALA B 57 21.52 -0.35 -42.83
C ALA B 57 20.86 0.59 -43.86
N GLY B 58 21.53 1.67 -44.22
CA GLY B 58 20.94 2.65 -45.13
C GLY B 58 19.94 3.58 -44.45
N ARG B 59 20.08 3.76 -43.14
CA ARG B 59 19.24 4.70 -42.39
C ARG B 59 20.12 5.72 -41.65
N GLU B 60 19.77 7.01 -41.76
CA GLU B 60 20.52 8.04 -41.03
C GLU B 60 20.35 7.75 -39.54
N VAL B 61 21.48 7.69 -38.86
CA VAL B 61 21.51 7.22 -37.48
C VAL B 61 22.26 8.22 -36.59
N LEU B 62 21.63 8.57 -35.48
CA LEU B 62 22.12 9.62 -34.59
C LEU B 62 22.49 9.09 -33.20
N PHE B 63 23.72 9.36 -32.76
CA PHE B 63 24.17 8.92 -31.44
C PHE B 63 24.52 10.06 -30.54
N LEU B 64 24.17 9.91 -29.27
CA LEU B 64 24.50 10.89 -28.25
C LEU B 64 24.79 10.19 -26.93
N ALA B 65 26.06 10.22 -26.53
CA ALA B 65 26.47 9.66 -25.25
C ALA B 65 26.02 10.62 -24.14
N ARG B 66 25.10 10.18 -23.28
CA ARG B 66 24.59 11.07 -22.22
C ARG B 66 25.56 11.25 -21.06
N HIS B 67 26.48 10.28 -20.93
CA HIS B 67 27.52 10.27 -19.88
C HIS B 67 28.42 11.49 -19.99
N GLY B 68 29.04 11.69 -21.16
CA GLY B 68 30.11 12.68 -21.33
C GLY B 68 31.42 12.26 -20.66
N PRO B 74 27.21 12.99 -13.61
CA PRO B 74 26.19 12.74 -12.55
C PRO B 74 24.77 12.81 -13.08
N PRO B 75 24.04 11.68 -13.02
CA PRO B 75 22.73 11.63 -13.63
C PRO B 75 21.89 12.85 -13.31
N HIS B 76 21.95 13.36 -12.08
CA HIS B 76 21.06 14.44 -11.69
C HIS B 76 21.49 15.77 -12.25
N GLN B 77 22.67 15.83 -12.85
CA GLN B 77 23.18 17.10 -13.40
C GLN B 77 23.36 17.09 -14.89
N VAL B 78 22.95 16.00 -15.52
CA VAL B 78 23.07 15.89 -16.96
C VAL B 78 22.17 16.91 -17.64
N ASN B 79 22.70 17.62 -18.64
CA ASN B 79 21.86 18.56 -19.38
C ASN B 79 20.90 17.85 -20.33
N TYR B 80 19.88 17.20 -19.77
CA TYR B 80 18.88 16.48 -20.57
C TYR B 80 18.18 17.35 -21.60
N ARG B 81 17.90 18.61 -21.27
CA ARG B 81 17.26 19.51 -22.22
C ARG B 81 18.13 19.64 -23.45
N ALA B 82 19.38 20.02 -23.22
CA ALA B 82 20.32 20.29 -24.30
C ALA B 82 20.41 19.11 -25.25
N ASN B 83 20.49 17.91 -24.67
CA ASN B 83 20.65 16.67 -25.43
C ASN B 83 19.49 16.40 -26.38
N LEU B 84 18.27 16.71 -25.95
CA LEU B 84 17.08 16.34 -26.69
C LEU B 84 16.75 17.35 -27.75
N TRP B 85 17.01 18.60 -27.45
CA TRP B 85 16.88 19.67 -28.42
C TRP B 85 17.87 19.41 -29.54
N ALA B 86 19.13 19.17 -29.18
CA ALA B 86 20.14 18.76 -30.14
C ALA B 86 19.64 17.67 -31.08
N LEU B 87 19.26 16.53 -30.53
CA LEU B 87 18.72 15.44 -31.31
C LEU B 87 17.59 15.92 -32.20
N LYS B 88 16.67 16.71 -31.66
CA LYS B 88 15.55 17.24 -32.44
C LYS B 88 16.02 18.13 -33.62
N GLN B 89 16.92 19.08 -33.32
CA GLN B 89 17.58 19.94 -34.31
C GLN B 89 18.32 19.16 -35.39
N ALA B 90 18.92 18.05 -35.01
CA ALA B 90 19.71 17.27 -35.94
C ALA B 90 18.89 16.42 -36.91
N GLY B 91 17.60 16.28 -36.65
CA GLY B 91 16.72 15.61 -37.60
C GLY B 91 16.13 14.30 -37.14
N ALA B 92 16.34 13.99 -35.86
CA ALA B 92 15.82 12.77 -35.24
C ALA B 92 14.30 12.66 -35.35
N GLU B 93 13.81 11.46 -35.66
CA GLU B 93 12.38 11.22 -35.78
C GLU B 93 11.91 10.18 -34.75
N ALA B 94 12.88 9.55 -34.07
CA ALA B 94 12.60 8.59 -32.99
C ALA B 94 13.85 8.45 -32.11
N VAL B 95 13.68 8.03 -30.87
CA VAL B 95 14.83 7.88 -29.95
C VAL B 95 14.81 6.54 -29.23
N ILE B 96 15.90 5.77 -29.31
CA ILE B 96 16.03 4.64 -28.39
C ILE B 96 17.02 5.01 -27.30
N ALA B 97 16.57 4.92 -26.06
CA ALA B 97 17.42 5.20 -24.91
C ALA B 97 17.71 3.92 -24.17
N VAL B 98 18.97 3.80 -23.77
CA VAL B 98 19.51 2.61 -23.15
C VAL B 98 19.92 2.98 -21.76
N ASN B 99 19.45 2.22 -20.79
CA ASN B 99 19.63 2.57 -19.39
C ASN B 99 20.13 1.38 -18.58
N ALA B 100 21.10 1.62 -17.70
CA ALA B 100 21.51 0.64 -16.72
C ALA B 100 20.65 0.80 -15.46
N VAL B 101 20.09 -0.30 -14.96
CA VAL B 101 19.10 -0.23 -13.89
C VAL B 101 19.24 -1.31 -12.84
N GLY B 102 18.77 -1.03 -11.64
CA GLY B 102 18.67 -2.05 -10.62
C GLY B 102 17.30 -2.69 -10.71
N GLY B 103 17.24 -3.99 -10.44
CA GLY B 103 16.05 -4.77 -10.61
C GLY B 103 15.34 -4.98 -9.30
N ILE B 104 14.03 -4.74 -9.32
CA ILE B 104 13.22 -4.82 -8.12
C ILE B 104 12.42 -6.11 -8.18
N HIS B 105 11.69 -6.32 -9.28
CA HIS B 105 10.91 -7.53 -9.44
C HIS B 105 11.88 -8.68 -9.39
N ALA B 106 11.46 -9.79 -8.78
CA ALA B 106 12.36 -10.91 -8.54
C ALA B 106 12.69 -11.63 -9.84
N ALA B 107 11.80 -11.52 -10.82
CA ALA B 107 12.05 -12.15 -12.11
C ALA B 107 13.08 -11.38 -12.92
N MET B 108 13.46 -10.21 -12.45
CA MET B 108 14.32 -9.34 -13.27
C MET B 108 15.75 -9.18 -12.70
N GLY B 109 16.51 -10.28 -12.72
CA GLY B 109 17.82 -10.30 -12.08
C GLY B 109 18.91 -9.73 -12.95
N THR B 110 20.17 -9.89 -12.50
CA THR B 110 21.36 -9.39 -13.23
C THR B 110 21.44 -9.99 -14.62
N GLY B 111 21.47 -9.11 -15.63
CA GLY B 111 21.61 -9.53 -17.03
C GLY B 111 20.33 -9.40 -17.84
N HIS B 112 19.19 -9.41 -17.14
CA HIS B 112 17.86 -9.28 -17.72
C HIS B 112 17.67 -8.00 -18.51
N LEU B 113 17.16 -8.14 -19.74
CA LEU B 113 16.68 -6.99 -20.50
C LEU B 113 15.22 -6.78 -20.18
N CYS B 114 14.80 -5.53 -20.08
CA CYS B 114 13.40 -5.20 -19.87
C CYS B 114 13.05 -3.99 -20.75
N VAL B 115 11.82 -3.99 -21.27
CA VAL B 115 11.26 -2.88 -22.03
C VAL B 115 10.09 -2.34 -21.22
N PRO B 116 10.35 -1.31 -20.39
CA PRO B 116 9.32 -0.75 -19.51
C PRO B 116 8.18 -0.15 -20.31
N HIS B 117 6.96 -0.21 -19.76
CA HIS B 117 5.83 0.43 -20.41
C HIS B 117 5.32 1.59 -19.57
N GLN B 118 5.83 1.74 -18.35
CA GLN B 118 5.46 2.86 -17.47
C GLN B 118 6.67 3.29 -16.67
N LEU B 119 6.52 4.39 -15.94
CA LEU B 119 7.60 4.93 -15.13
C LEU B 119 7.05 5.75 -13.99
N ILE B 120 7.82 5.94 -12.92
CA ILE B 120 7.40 6.83 -11.86
C ILE B 120 8.55 7.75 -11.51
N ASP B 121 8.30 9.05 -11.50
CA ASP B 121 9.33 10.03 -11.25
C ASP B 121 9.54 10.32 -9.77
N TYR B 122 10.74 10.06 -9.29
CA TYR B 122 11.09 10.42 -7.93
C TYR B 122 12.22 11.45 -7.92
N THR B 123 12.51 12.06 -9.08
CA THR B 123 13.62 12.97 -9.15
C THR B 123 13.17 14.35 -8.76
N SER B 124 14.13 15.27 -8.73
CA SER B 124 13.89 16.69 -8.47
C SER B 124 15.16 17.48 -8.81
N GLY B 125 15.04 18.81 -8.82
CA GLY B 125 16.15 19.71 -9.10
C GLY B 125 16.68 19.75 -10.53
N ARG B 126 16.28 18.79 -11.36
CA ARG B 126 16.77 18.74 -12.72
C ARG B 126 15.93 19.69 -13.55
N GLU B 127 16.55 20.31 -14.56
CA GLU B 127 15.84 21.24 -15.46
C GLU B 127 14.99 20.35 -16.34
N HIS B 128 13.73 20.19 -15.94
CA HIS B 128 12.85 19.12 -16.44
C HIS B 128 11.83 19.48 -17.51
N THR B 129 11.75 20.74 -17.91
CA THR B 129 10.83 21.13 -18.99
C THR B 129 11.35 22.23 -19.92
N TYR B 130 10.81 22.27 -21.13
CA TYR B 130 11.05 23.40 -21.99
C TYR B 130 10.18 24.62 -21.67
N PHE B 131 9.14 24.43 -20.85
CA PHE B 131 8.17 25.49 -20.60
C PHE B 131 8.46 26.08 -19.25
N ALA B 132 9.57 26.83 -19.19
CA ALA B 132 10.14 27.33 -17.95
C ALA B 132 10.55 28.77 -18.12
N GLY B 133 10.15 29.60 -17.17
CA GLY B 133 10.57 31.00 -17.14
C GLY B 133 9.72 31.87 -18.04
N ASP B 134 10.38 32.85 -18.64
CA ASP B 134 9.72 33.80 -19.56
C ASP B 134 9.14 33.09 -20.79
N ILE B 135 7.83 32.88 -20.78
CA ILE B 135 7.08 32.38 -21.95
C ILE B 135 5.66 32.97 -21.97
N GLU B 136 5.05 32.98 -23.15
CA GLU B 136 3.75 33.62 -23.33
C GLU B 136 2.62 32.58 -23.30
N HIS B 137 2.98 31.29 -23.35
CA HIS B 137 2.03 30.16 -23.31
C HIS B 137 2.59 28.92 -22.57
N VAL B 138 1.82 28.39 -21.62
CA VAL B 138 2.25 27.19 -20.91
C VAL B 138 1.56 25.94 -21.42
N THR B 139 2.37 24.95 -21.80
CA THR B 139 1.87 23.69 -22.32
C THR B 139 2.03 22.57 -21.30
N HIS B 140 0.88 22.01 -20.91
CA HIS B 140 0.81 20.86 -20.03
C HIS B 140 0.62 19.58 -20.85
N ILE B 141 1.71 19.00 -21.35
CA ILE B 141 1.61 17.77 -22.17
C ILE B 141 0.89 16.61 -21.47
N ASP B 142 0.07 15.87 -22.21
CA ASP B 142 -0.35 14.55 -21.76
C ASP B 142 0.92 13.73 -21.62
N PHE B 143 0.95 12.84 -20.62
CA PHE B 143 2.11 11.98 -20.47
C PHE B 143 1.71 10.63 -19.85
N SER B 144 0.52 10.17 -20.24
CA SER B 144 -0.10 8.99 -19.67
C SER B 144 0.73 7.76 -19.95
N HIS B 145 1.29 7.69 -21.17
CA HIS B 145 2.09 6.55 -21.61
C HIS B 145 3.46 7.07 -22.01
N PRO B 146 4.39 7.13 -21.04
CA PRO B 146 5.71 7.77 -21.24
C PRO B 146 6.46 7.30 -22.49
N TYR B 147 6.20 6.07 -22.91
CA TYR B 147 6.95 5.44 -23.97
C TYR B 147 6.07 5.21 -25.21
N ASP B 148 6.67 5.33 -26.39
CA ASP B 148 5.98 5.09 -27.65
C ASP B 148 5.70 3.61 -27.90
N GLU B 149 4.43 3.26 -28.14
CA GLU B 149 4.05 1.84 -28.30
C GLU B 149 4.74 1.16 -29.50
N PRO B 150 4.77 1.84 -30.68
CA PRO B 150 5.51 1.32 -31.84
C PRO B 150 6.97 0.97 -31.52
N LEU B 151 7.74 1.95 -31.08
CA LEU B 151 9.12 1.67 -30.71
C LEU B 151 9.21 0.49 -29.73
N ARG B 152 8.42 0.50 -28.66
CA ARG B 152 8.35 -0.65 -27.75
C ARG B 152 8.25 -1.98 -28.51
N GLN B 153 7.36 -2.07 -29.49
CA GLN B 153 7.16 -3.29 -30.26
C GLN B 153 8.39 -3.64 -31.13
N ARG B 154 9.12 -2.63 -31.62
CA ARG B 154 10.33 -2.90 -32.41
C ARG B 154 11.37 -3.54 -31.51
N LEU B 155 11.46 -3.02 -30.29
CA LEU B 155 12.35 -3.56 -29.27
C LEU B 155 11.89 -4.94 -28.83
N ILE B 156 10.61 -5.04 -28.48
CA ILE B 156 10.06 -6.33 -28.09
C ILE B 156 10.28 -7.37 -29.20
N GLU B 157 9.89 -7.03 -30.44
CA GLU B 157 10.07 -7.90 -31.61
C GLU B 157 11.51 -8.41 -31.73
N ALA B 158 12.50 -7.55 -31.45
CA ALA B 158 13.91 -7.93 -31.62
C ALA B 158 14.41 -8.88 -30.54
N LEU B 159 14.05 -8.61 -29.30
CA LEU B 159 14.43 -9.49 -28.20
C LEU B 159 13.93 -10.93 -28.42
N ARG B 160 12.66 -11.06 -28.84
CA ARG B 160 12.05 -12.35 -29.18
C ARG B 160 12.80 -13.11 -30.28
N ALA B 161 13.07 -12.39 -31.36
CA ALA B 161 13.81 -12.92 -32.47
C ALA B 161 15.20 -13.40 -32.05
N LEU B 162 15.85 -12.69 -31.14
CA LEU B 162 17.21 -13.09 -30.76
C LEU B 162 17.20 -14.12 -29.65
N GLY B 163 16.01 -14.44 -29.17
CA GLY B 163 15.82 -15.37 -28.06
C GLY B 163 16.46 -14.94 -26.74
N LEU B 164 16.44 -13.63 -26.45
CA LEU B 164 17.06 -13.09 -25.22
C LEU B 164 16.09 -13.05 -24.04
N ALA B 165 16.60 -13.30 -22.84
CA ALA B 165 15.76 -13.27 -21.63
C ALA B 165 15.37 -11.83 -21.34
N HIS B 166 14.06 -11.55 -21.38
CA HIS B 166 13.55 -10.18 -21.25
C HIS B 166 12.13 -10.11 -20.68
N SER B 167 11.60 -8.89 -20.61
CA SER B 167 10.24 -8.57 -20.17
C SER B 167 9.59 -7.59 -21.12
N SER B 168 8.42 -7.97 -21.64
CA SER B 168 7.58 -7.09 -22.45
C SER B 168 7.30 -5.75 -21.79
N HIS B 169 6.59 -5.73 -20.66
CA HIS B 169 6.25 -4.49 -19.97
C HIS B 169 7.04 -4.38 -18.66
N GLY B 170 6.88 -3.28 -17.92
CA GLY B 170 7.55 -3.04 -16.61
C GLY B 170 7.57 -1.57 -16.16
N VAL B 171 7.61 -1.33 -14.85
CA VAL B 171 7.55 0.04 -14.35
C VAL B 171 8.92 0.58 -13.89
N TYR B 172 9.37 1.66 -14.53
CA TYR B 172 10.66 2.28 -14.25
C TYR B 172 10.56 3.26 -13.06
N ALA B 173 11.33 3.03 -12.00
CA ALA B 173 11.49 4.08 -11.01
C ALA B 173 12.64 4.92 -11.48
N CYS B 174 12.46 6.23 -11.49
CA CYS B 174 13.59 7.12 -11.71
C CYS B 174 13.90 7.88 -10.43
N THR B 175 15.11 7.70 -9.93
CA THR B 175 15.52 8.29 -8.67
C THR B 175 16.68 9.27 -8.83
N GLN B 176 16.87 10.11 -7.84
CA GLN B 176 17.77 11.24 -7.93
C GLN B 176 19.23 10.85 -8.09
N GLY B 177 19.77 10.10 -7.12
CA GLY B 177 21.20 9.73 -7.11
C GLY B 177 22.05 10.90 -6.67
N PRO B 178 23.39 10.80 -6.86
CA PRO B 178 24.12 9.67 -7.43
C PRO B 178 24.16 8.46 -6.50
N ARG B 179 23.59 8.58 -5.30
CA ARG B 179 23.59 7.47 -4.33
C ARG B 179 22.60 6.38 -4.71
N LEU B 180 22.91 5.14 -4.38
CA LEU B 180 21.94 4.10 -4.54
C LEU B 180 20.90 4.17 -3.42
N GLU B 181 19.85 3.38 -3.57
CA GLU B 181 18.69 3.45 -2.69
C GLU B 181 18.96 2.67 -1.43
N THR B 182 18.09 2.91 -0.47
CA THR B 182 18.18 2.33 0.83
C THR B 182 17.30 1.08 0.72
N VAL B 183 17.49 0.07 1.57
CA VAL B 183 16.64 -1.12 1.52
C VAL B 183 15.14 -0.74 1.65
N ALA B 184 14.84 0.03 2.69
CA ALA B 184 13.53 0.61 2.89
C ALA B 184 13.05 1.44 1.70
N GLU B 185 13.96 2.11 0.99
CA GLU B 185 13.59 2.94 -0.17
C GLU B 185 13.08 2.04 -1.30
N ILE B 186 13.80 0.94 -1.53
CA ILE B 186 13.39 -0.05 -2.50
C ILE B 186 12.07 -0.65 -2.11
N ALA B 187 11.86 -0.89 -0.81
CA ALA B 187 10.57 -1.43 -0.37
C ALA B 187 9.45 -0.45 -0.75
N ARG B 188 9.66 0.86 -0.55
CA ARG B 188 8.64 1.85 -0.92
C ARG B 188 8.40 1.76 -2.43
N LEU B 189 9.47 1.76 -3.19
CA LEU B 189 9.41 1.72 -4.64
C LEU B 189 8.68 0.48 -5.16
N GLU B 190 8.96 -0.67 -4.55
CA GLU B 190 8.24 -1.88 -4.88
C GLU B 190 6.74 -1.70 -4.58
N ARG B 191 6.43 -1.18 -3.39
CA ARG B 191 5.06 -0.97 -2.97
C ARG B 191 4.33 -0.08 -3.97
N ASP B 192 5.07 0.83 -4.59
CA ASP B 192 4.52 1.77 -5.57
C ASP B 192 4.26 1.10 -6.92
N GLY B 193 4.79 -0.12 -7.11
CA GLY B 193 4.65 -0.89 -8.35
C GLY B 193 5.85 -0.99 -9.30
N ASN B 194 7.00 -0.49 -8.85
CA ASN B 194 8.16 -0.41 -9.73
C ASN B 194 8.81 -1.76 -9.91
N ASP B 195 9.18 -2.05 -11.14
CA ASP B 195 9.83 -3.31 -11.43
C ASP B 195 11.33 -3.10 -11.49
N ILE B 196 11.73 -1.88 -11.87
CA ILE B 196 13.13 -1.49 -12.02
C ILE B 196 13.38 -0.06 -11.59
N VAL B 197 14.66 0.29 -11.44
CA VAL B 197 15.08 1.56 -10.89
C VAL B 197 16.34 2.01 -11.58
N GLY B 198 16.43 3.32 -11.82
CA GLY B 198 17.53 3.91 -12.55
C GLY B 198 17.50 5.42 -12.39
N MET B 199 18.63 6.06 -12.62
CA MET B 199 18.72 7.48 -12.36
C MET B 199 18.62 8.39 -13.57
N THR B 200 18.35 7.85 -14.76
CA THR B 200 18.41 8.70 -15.96
C THR B 200 17.18 8.67 -16.87
N GLY B 201 16.12 8.02 -16.45
CA GLY B 201 14.96 7.86 -17.32
C GLY B 201 14.13 9.14 -17.45
N MET B 202 14.33 10.04 -16.48
CA MET B 202 13.52 11.26 -16.37
C MET B 202 14.43 12.37 -15.87
N PRO B 203 14.25 13.58 -16.42
CA PRO B 203 13.14 13.97 -17.27
C PRO B 203 13.27 13.62 -18.77
N GLU B 204 14.41 13.11 -19.22
CA GLU B 204 14.59 12.69 -20.62
C GLU B 204 13.30 12.24 -21.33
N ALA B 205 12.59 11.26 -20.77
CA ALA B 205 11.39 10.71 -21.39
C ALA B 205 10.33 11.77 -21.61
N ALA B 206 10.26 12.72 -20.69
CA ALA B 206 9.26 13.80 -20.73
C ALA B 206 9.63 14.89 -21.71
N LEU B 207 10.92 15.17 -21.83
CA LEU B 207 11.38 16.24 -22.70
C LEU B 207 11.16 15.77 -24.15
N ALA B 208 11.36 14.47 -24.35
CA ALA B 208 11.09 13.84 -25.64
C ALA B 208 9.66 14.12 -26.10
N ARG B 209 8.69 13.96 -25.21
CA ARG B 209 7.30 14.24 -25.54
C ARG B 209 7.02 15.67 -25.79
N GLU B 210 7.65 16.53 -25.00
CA GLU B 210 7.57 17.97 -25.18
C GLU B 210 8.09 18.37 -26.56
N LEU B 211 9.04 17.60 -27.07
CA LEU B 211 9.55 17.83 -28.41
C LEU B 211 8.79 17.07 -29.48
N ASP B 212 7.72 16.38 -29.08
CA ASP B 212 6.97 15.41 -29.93
C ASP B 212 7.88 14.38 -30.60
N LEU B 213 8.85 13.91 -29.82
CA LEU B 213 9.76 12.87 -30.26
C LEU B 213 9.33 11.51 -29.66
N PRO B 214 8.96 10.54 -30.52
CA PRO B 214 8.71 9.20 -29.96
C PRO B 214 9.96 8.65 -29.31
N TYR B 215 9.78 8.19 -28.06
CA TYR B 215 10.84 7.76 -27.17
C TYR B 215 10.52 6.37 -26.59
N ALA B 216 11.54 5.52 -26.52
CA ALA B 216 11.37 4.20 -25.90
C ALA B 216 12.62 3.79 -25.14
N CYS B 217 12.47 2.93 -24.14
CA CYS B 217 13.59 2.57 -23.30
C CYS B 217 13.93 1.08 -23.35
N LEU B 218 15.20 0.78 -23.50
CA LEU B 218 15.71 -0.57 -23.34
C LEU B 218 16.54 -0.55 -22.06
N ALA B 219 16.05 -1.15 -20.99
CA ALA B 219 16.80 -1.19 -19.74
C ALA B 219 17.51 -2.52 -19.55
N LEU B 220 18.76 -2.44 -19.11
CA LEU B 220 19.50 -3.62 -18.74
C LEU B 220 19.75 -3.67 -17.23
N VAL B 221 19.34 -4.74 -16.59
CA VAL B 221 19.58 -4.87 -15.16
C VAL B 221 21.01 -5.23 -14.85
N VAL B 222 21.71 -4.33 -14.16
CA VAL B 222 23.12 -4.55 -13.80
C VAL B 222 23.37 -4.87 -12.31
N ASN B 223 22.34 -4.76 -11.48
CA ASN B 223 22.40 -5.22 -10.08
C ASN B 223 20.99 -5.51 -9.59
N PRO B 224 20.86 -6.44 -8.63
CA PRO B 224 19.61 -6.51 -7.91
C PRO B 224 19.51 -5.22 -7.11
N ALA B 225 18.31 -4.67 -6.96
CA ALA B 225 18.11 -3.45 -6.18
C ALA B 225 18.56 -3.67 -4.73
N ALA B 226 18.81 -2.61 -3.97
CA ALA B 226 19.23 -2.73 -2.56
C ALA B 226 18.32 -3.66 -1.77
N GLY B 227 18.94 -4.56 -1.00
CA GLY B 227 18.19 -5.50 -0.17
C GLY B 227 17.57 -6.66 -0.91
N LYS B 228 17.77 -6.73 -2.22
CA LYS B 228 17.31 -7.88 -3.01
C LYS B 228 18.48 -8.81 -3.23
N SER B 229 19.67 -8.23 -3.41
CA SER B 229 20.91 -8.98 -3.38
C SER B 229 21.26 -9.27 -1.93
N ALA B 230 22.19 -10.22 -1.78
CA ALA B 230 22.79 -10.58 -0.51
C ALA B 230 23.30 -9.34 0.26
N GLY B 231 24.59 -9.04 0.12
CA GLY B 231 25.22 -7.90 0.79
C GLY B 231 25.08 -6.59 0.03
N ILE B 232 26.10 -5.75 0.10
CA ILE B 232 26.06 -4.46 -0.58
C ILE B 232 26.24 -4.61 -2.09
N ILE B 233 25.85 -3.56 -2.81
CA ILE B 233 26.05 -3.42 -4.25
C ILE B 233 27.37 -2.70 -4.53
N THR B 234 28.39 -3.42 -5.00
CA THR B 234 29.69 -2.80 -5.37
C THR B 234 29.68 -2.31 -6.82
N MET B 235 30.42 -1.24 -7.10
CA MET B 235 30.65 -0.76 -8.48
C MET B 235 31.23 -1.84 -9.37
N ALA B 236 32.16 -2.60 -8.82
CA ALA B 236 32.82 -3.70 -9.52
C ALA B 236 31.82 -4.69 -10.10
N GLU B 237 30.92 -5.21 -9.25
CA GLU B 237 29.86 -6.12 -9.69
C GLU B 237 29.01 -5.52 -10.80
N ILE B 238 28.71 -4.22 -10.69
CA ILE B 238 27.95 -3.50 -11.74
C ILE B 238 28.72 -3.45 -13.05
N GLU B 239 29.99 -3.06 -12.98
CA GLU B 239 30.90 -3.06 -14.12
C GLU B 239 30.87 -4.39 -14.90
N GLN B 240 30.93 -5.54 -14.20
CA GLN B 240 30.97 -6.83 -14.90
C GLN B 240 29.69 -7.16 -15.61
N ALA B 241 28.59 -6.56 -15.16
CA ALA B 241 27.28 -6.82 -15.77
C ALA B 241 27.07 -5.96 -17.01
N LEU B 242 27.70 -4.79 -17.03
CA LEU B 242 27.74 -3.93 -18.21
C LEU B 242 28.60 -4.57 -19.30
N HIS B 243 29.80 -4.97 -18.90
CA HIS B 243 30.67 -5.76 -19.75
C HIS B 243 29.94 -6.93 -20.43
N ASP B 244 29.26 -7.75 -19.64
CA ASP B 244 28.53 -8.91 -20.12
C ASP B 244 27.30 -8.55 -20.96
N GLY B 245 26.69 -7.42 -20.64
CA GLY B 245 25.39 -7.08 -21.19
C GLY B 245 25.41 -6.28 -22.48
N ILE B 246 26.43 -5.43 -22.64
CA ILE B 246 26.51 -4.57 -23.80
C ILE B 246 26.48 -5.35 -25.13
N GLY B 247 27.08 -6.55 -25.14
CA GLY B 247 27.01 -7.47 -26.29
C GLY B 247 25.57 -7.69 -26.75
N LYS B 248 24.71 -8.18 -25.85
CA LYS B 248 23.28 -8.36 -26.09
C LYS B 248 22.59 -7.10 -26.60
N VAL B 249 22.84 -5.98 -25.92
CA VAL B 249 22.20 -4.70 -26.21
C VAL B 249 22.48 -4.21 -27.66
N ARG B 250 23.73 -4.34 -28.11
CA ARG B 250 24.08 -4.07 -29.51
C ARG B 250 23.24 -4.88 -30.52
N GLU B 251 23.26 -6.21 -30.36
CA GLU B 251 22.44 -7.09 -31.18
C GLU B 251 20.98 -6.60 -31.24
N VAL B 252 20.42 -6.15 -30.13
CA VAL B 252 19.06 -5.62 -30.18
C VAL B 252 19.03 -4.34 -31.01
N LEU B 253 19.90 -3.38 -30.69
CA LEU B 253 19.99 -2.13 -31.46
C LEU B 253 20.14 -2.38 -32.96
N ALA B 254 21.02 -3.31 -33.34
CA ALA B 254 21.20 -3.70 -34.74
C ALA B 254 19.86 -4.03 -35.38
N ARG B 255 19.08 -4.88 -34.72
CA ARG B 255 17.85 -5.39 -35.28
C ARG B 255 16.82 -4.30 -35.43
N VAL B 256 16.68 -3.48 -34.40
CA VAL B 256 15.80 -2.31 -34.44
C VAL B 256 16.17 -1.41 -35.65
N LEU B 257 17.37 -0.84 -35.64
CA LEU B 257 17.86 -0.03 -36.77
C LEU B 257 17.69 -0.70 -38.15
N ALA B 258 17.87 -2.01 -38.24
CA ALA B 258 17.85 -2.71 -39.53
C ALA B 258 16.60 -2.40 -40.34
N SER C 16 39.96 6.36 19.51
CA SER C 16 39.35 6.86 18.23
C SER C 16 38.44 8.07 18.40
N VAL C 17 38.56 9.02 17.49
CA VAL C 17 37.84 10.29 17.56
C VAL C 17 36.35 10.17 17.17
N TYR C 18 35.48 10.86 17.90
CA TYR C 18 34.03 10.78 17.74
C TYR C 18 33.37 12.15 17.54
N ALA C 19 32.60 12.31 16.47
CA ALA C 19 31.79 13.49 16.32
C ALA C 19 30.40 13.23 16.92
N ILE C 20 29.85 14.26 17.55
CA ILE C 20 28.46 14.26 17.93
C ILE C 20 27.81 15.45 17.26
N ILE C 21 26.77 15.17 16.48
CA ILE C 21 25.94 16.15 15.82
C ILE C 21 24.59 16.13 16.50
N GLY C 22 24.11 17.31 16.88
CA GLY C 22 22.85 17.45 17.59
C GLY C 22 22.80 18.85 18.16
N GLY C 23 22.11 19.04 19.28
CA GLY C 23 22.03 20.40 19.82
C GLY C 23 23.15 20.73 20.78
N THR C 24 23.24 22.00 21.19
CA THR C 24 23.90 22.33 22.45
C THR C 24 23.07 21.70 23.59
N GLY C 25 23.62 21.60 24.79
CA GLY C 25 22.91 20.87 25.82
C GLY C 25 23.50 19.49 25.78
N LEU C 26 23.78 19.01 24.57
CA LEU C 26 24.64 17.83 24.44
C LEU C 26 25.99 18.14 25.06
N THR C 27 26.43 19.38 24.96
CA THR C 27 27.68 19.81 25.58
C THR C 27 27.61 19.88 27.11
N GLN C 28 26.42 19.76 27.70
CA GLN C 28 26.24 19.79 29.16
C GLN C 28 26.58 18.44 29.83
N LEU C 29 27.15 17.53 29.05
CA LEU C 29 27.53 16.19 29.50
C LEU C 29 28.61 16.19 30.60
N GLU C 30 28.26 15.59 31.73
CA GLU C 30 29.09 15.59 32.93
C GLU C 30 30.40 14.86 32.65
N GLY C 31 31.51 15.56 32.90
CA GLY C 31 32.84 14.98 32.75
C GLY C 31 33.55 15.46 31.51
N LEU C 32 32.80 16.09 30.63
CA LEU C 32 33.33 16.63 29.40
C LEU C 32 34.02 17.98 29.62
N THR C 33 35.14 18.16 28.94
CA THR C 33 35.82 19.45 28.89
C THR C 33 35.80 19.87 27.43
N LEU C 34 35.85 21.15 27.16
CA LEU C 34 36.00 21.62 25.79
C LEU C 34 37.13 22.61 25.75
N SER C 35 38.09 22.37 24.86
CA SER C 35 39.21 23.29 24.65
C SER C 35 39.05 24.10 23.36
N GLU C 36 38.44 25.29 23.50
CA GLU C 36 38.27 26.27 22.40
C GLU C 36 37.62 25.72 21.09
N SER C 37 37.36 26.63 20.14
CA SER C 37 36.59 26.33 18.93
C SER C 37 37.13 27.05 17.69
N LEU C 38 37.82 26.35 16.80
CA LEU C 38 38.30 27.02 15.58
C LEU C 38 37.20 27.16 14.49
N PRO C 39 37.08 28.36 13.87
CA PRO C 39 36.25 28.52 12.68
C PRO C 39 36.98 28.01 11.44
N ILE C 40 36.30 27.15 10.67
CA ILE C 40 36.90 26.43 9.55
C ILE C 40 36.30 26.84 8.21
N GLU C 41 37.15 26.91 7.19
CA GLU C 41 36.66 27.17 5.85
C GLU C 41 36.77 25.86 5.05
N THR C 42 35.65 25.43 4.49
CA THR C 42 35.60 24.18 3.73
C THR C 42 35.46 24.52 2.25
N PRO C 43 35.73 23.54 1.35
CA PRO C 43 35.51 23.80 -0.06
C PRO C 43 34.01 23.88 -0.41
N TYR C 44 33.14 23.59 0.56
CA TYR C 44 31.69 23.49 0.33
C TYR C 44 30.94 24.59 1.03
N GLY C 45 31.68 25.61 1.48
CA GLY C 45 31.08 26.72 2.20
C GLY C 45 31.33 26.67 3.69
N ALA C 46 30.54 27.43 4.44
CA ALA C 46 30.71 27.51 5.89
C ALA C 46 29.83 26.52 6.63
N PRO C 47 30.42 25.83 7.62
CA PRO C 47 29.69 24.99 8.57
C PRO C 47 28.78 25.84 9.46
N SER C 48 27.73 25.26 10.01
CA SER C 48 26.70 26.01 10.74
C SER C 48 27.28 26.72 11.94
N ALA C 49 28.26 26.09 12.58
CA ALA C 49 28.85 26.61 13.80
C ALA C 49 30.30 26.17 13.87
N PRO C 50 31.11 26.82 14.72
CA PRO C 50 32.44 26.28 15.01
C PRO C 50 32.38 24.90 15.69
N LEU C 51 33.39 24.10 15.40
CA LEU C 51 33.54 22.81 16.03
C LEU C 51 34.09 22.99 17.43
N GLN C 52 33.56 22.21 18.35
CA GLN C 52 34.09 22.21 19.70
C GLN C 52 34.81 20.90 19.84
N ARG C 53 36.13 21.01 19.97
CA ARG C 53 37.00 19.87 20.24
C ARG C 53 37.07 19.72 21.75
N GLY C 54 36.95 18.47 22.22
CA GLY C 54 37.04 18.17 23.64
C GLY C 54 37.60 16.81 23.99
N ARG C 55 37.55 16.51 25.29
CA ARG C 55 38.06 15.26 25.83
C ARG C 55 36.96 14.66 26.68
N TYR C 56 36.73 13.37 26.56
CA TYR C 56 35.78 12.69 27.43
C TYR C 56 36.19 11.24 27.66
N ALA C 57 36.28 10.87 28.94
CA ALA C 57 36.70 9.54 29.40
C ALA C 57 37.96 9.09 28.66
N GLY C 58 38.88 10.05 28.47
CA GLY C 58 40.11 9.84 27.71
C GLY C 58 39.95 9.63 26.21
N ARG C 59 38.91 10.23 25.62
CA ARG C 59 38.67 10.09 24.18
C ARG C 59 38.42 11.45 23.52
N GLU C 60 39.18 11.74 22.46
CA GLU C 60 39.07 12.99 21.71
C GLU C 60 37.68 13.10 21.14
N VAL C 61 37.02 14.23 21.37
CA VAL C 61 35.64 14.36 20.93
C VAL C 61 35.39 15.71 20.23
N LEU C 62 34.60 15.69 19.14
CA LEU C 62 34.16 16.92 18.51
C LEU C 62 32.64 17.06 18.55
N PHE C 63 32.15 18.26 18.84
CA PHE C 63 30.71 18.53 18.80
C PHE C 63 30.31 19.55 17.74
N LEU C 64 29.16 19.31 17.15
CA LEU C 64 28.61 20.20 16.14
C LEU C 64 27.16 20.44 16.50
N ALA C 65 26.76 21.70 16.51
CA ALA C 65 25.39 22.10 16.79
C ALA C 65 24.78 22.33 15.41
N ARG C 66 24.10 21.32 14.87
CA ARG C 66 23.76 21.36 13.45
C ARG C 66 23.02 22.60 12.96
N HIS C 67 22.08 23.12 13.75
CA HIS C 67 21.37 24.32 13.31
C HIS C 67 22.15 25.63 13.53
N GLY C 68 23.38 25.50 14.06
CA GLY C 68 24.30 26.62 14.27
C GLY C 68 23.97 27.54 15.44
N ARG C 72 19.42 28.17 14.64
CA ARG C 72 18.91 29.31 13.87
C ARG C 72 18.82 29.15 12.31
N PHE C 73 19.33 28.04 11.76
CA PHE C 73 19.14 27.66 10.33
C PHE C 73 17.96 26.70 10.17
N PRO C 74 17.13 26.89 9.11
CA PRO C 74 16.11 25.87 8.95
C PRO C 74 16.77 24.58 8.47
N PRO C 75 16.26 23.42 8.90
CA PRO C 75 16.80 22.13 8.52
C PRO C 75 17.09 21.96 7.03
N HIS C 76 16.33 22.59 6.15
CA HIS C 76 16.57 22.40 4.73
C HIS C 76 17.76 23.20 4.18
N GLN C 77 18.23 24.20 4.93
CA GLN C 77 19.33 25.04 4.44
C GLN C 77 20.65 24.79 5.18
N VAL C 78 20.65 23.85 6.12
CA VAL C 78 21.87 23.50 6.85
C VAL C 78 22.93 23.05 5.84
N ASN C 79 24.17 23.47 6.03
CA ASN C 79 25.24 23.05 5.15
C ASN C 79 25.90 21.73 5.67
N TYR C 80 25.15 20.63 5.55
CA TYR C 80 25.57 19.30 5.99
C TYR C 80 26.89 18.89 5.38
N ARG C 81 27.04 19.20 4.09
CA ARG C 81 28.27 19.02 3.32
C ARG C 81 29.45 19.70 3.99
N ALA C 82 29.23 20.95 4.40
CA ALA C 82 30.26 21.70 5.04
C ALA C 82 30.53 21.09 6.42
N ASN C 83 29.49 20.64 7.10
CA ASN C 83 29.65 20.08 8.42
C ASN C 83 30.43 18.79 8.36
N LEU C 84 30.05 17.90 7.46
CA LEU C 84 30.67 16.58 7.42
C LEU C 84 32.11 16.69 6.98
N TRP C 85 32.40 17.53 6.00
CA TRP C 85 33.76 17.66 5.49
C TRP C 85 34.58 18.26 6.61
N ALA C 86 33.97 19.19 7.33
CA ALA C 86 34.60 19.82 8.48
C ALA C 86 35.01 18.86 9.59
N LEU C 87 34.19 17.87 9.88
CA LEU C 87 34.47 16.92 10.96
C LEU C 87 35.46 15.89 10.49
N LYS C 88 35.31 15.45 9.24
CA LYS C 88 36.29 14.55 8.60
C LYS C 88 37.68 15.14 8.70
N GLN C 89 37.86 16.37 8.25
CA GLN C 89 39.17 17.02 8.22
C GLN C 89 39.74 17.24 9.61
N ALA C 90 38.85 17.32 10.60
CA ALA C 90 39.28 17.55 11.98
C ALA C 90 39.58 16.25 12.74
N GLY C 91 39.46 15.12 12.03
CA GLY C 91 39.87 13.80 12.52
C GLY C 91 38.77 12.83 12.90
N ALA C 92 37.52 13.16 12.62
CA ALA C 92 36.42 12.29 13.06
C ALA C 92 36.55 10.87 12.52
N GLU C 93 36.09 9.89 13.30
CA GLU C 93 36.18 8.48 12.89
C GLU C 93 34.86 7.75 13.04
N ALA C 94 33.91 8.37 13.73
CA ALA C 94 32.55 7.86 13.79
C ALA C 94 31.70 9.08 14.05
N VAL C 95 30.40 8.96 13.82
CA VAL C 95 29.49 10.05 14.09
C VAL C 95 28.22 9.52 14.72
N ILE C 96 27.81 10.10 15.83
CA ILE C 96 26.48 9.87 16.37
C ILE C 96 25.70 11.16 16.10
N ALA C 97 24.57 11.02 15.43
CA ALA C 97 23.69 12.14 15.16
C ALA C 97 22.52 12.02 16.09
N VAL C 98 22.22 13.07 16.84
CA VAL C 98 21.04 13.07 17.68
C VAL C 98 19.96 13.88 17.00
N ASN C 99 18.80 13.27 16.80
CA ASN C 99 17.77 13.85 15.99
C ASN C 99 16.45 13.88 16.75
N ALA C 100 15.71 14.97 16.60
CA ALA C 100 14.37 15.09 17.19
C ALA C 100 13.37 14.62 16.16
N VAL C 101 12.41 13.82 16.61
CA VAL C 101 11.50 13.24 15.64
C VAL C 101 10.02 13.24 16.06
N GLY C 102 9.18 12.90 15.10
CA GLY C 102 7.77 12.61 15.32
C GLY C 102 7.49 11.12 15.26
N GLY C 103 6.67 10.67 16.21
CA GLY C 103 6.36 9.26 16.36
C GLY C 103 5.17 8.89 15.53
N ILE C 104 5.40 8.10 14.47
CA ILE C 104 4.32 7.54 13.69
C ILE C 104 3.84 6.25 14.34
N HIS C 105 4.77 5.33 14.56
CA HIS C 105 4.42 4.06 15.17
C HIS C 105 3.76 4.30 16.52
N ALA C 106 2.65 3.62 16.74
CA ALA C 106 1.94 3.72 18.01
C ALA C 106 2.77 3.35 19.27
N ALA C 107 3.83 2.56 19.10
CA ALA C 107 4.68 2.17 20.24
C ALA C 107 5.69 3.23 20.59
N MET C 108 5.76 4.28 19.78
CA MET C 108 6.81 5.26 19.97
C MET C 108 6.14 6.59 20.22
N GLY C 109 5.75 6.82 21.47
CA GLY C 109 5.09 8.05 21.88
C GLY C 109 6.11 9.07 22.38
N THR C 110 5.60 10.21 22.87
CA THR C 110 6.46 11.24 23.42
C THR C 110 7.21 10.55 24.54
N GLY C 111 8.54 10.74 24.55
CA GLY C 111 9.42 10.09 25.51
C GLY C 111 10.37 9.09 24.87
N HIS C 112 9.83 8.33 23.92
CA HIS C 112 10.52 7.23 23.30
C HIS C 112 11.86 7.56 22.64
N LEU C 113 12.80 6.62 22.75
CA LEU C 113 14.07 6.68 22.07
C LEU C 113 14.07 5.60 21.01
N CYS C 114 14.61 5.93 19.84
CA CYS C 114 14.63 5.02 18.73
C CYS C 114 16.00 5.06 18.08
N VAL C 115 16.49 3.87 17.72
CA VAL C 115 17.75 3.72 16.99
C VAL C 115 17.33 3.18 15.62
N PRO C 116 17.07 4.08 14.67
CA PRO C 116 16.64 3.60 13.36
C PRO C 116 17.75 2.77 12.70
N HIS C 117 17.32 1.74 11.97
CA HIS C 117 18.20 0.87 11.23
C HIS C 117 18.06 1.11 9.70
N GLN C 118 16.97 1.80 9.33
CA GLN C 118 16.63 2.16 7.94
C GLN C 118 16.08 3.57 7.83
N LEU C 119 16.10 4.17 6.63
CA LEU C 119 15.52 5.50 6.42
C LEU C 119 14.87 5.67 5.06
N ILE C 120 13.96 6.64 4.95
CA ILE C 120 13.46 7.01 3.64
C ILE C 120 13.52 8.51 3.51
N ASP C 121 14.22 8.93 2.48
CA ASP C 121 14.48 10.32 2.18
C ASP C 121 13.32 10.92 1.39
N TYR C 122 12.68 11.95 1.93
CA TYR C 122 11.71 12.73 1.19
C TYR C 122 12.13 14.18 0.99
N THR C 123 13.38 14.49 1.30
CA THR C 123 13.96 15.84 1.12
C THR C 123 14.23 16.13 -0.35
N SER C 124 14.57 17.36 -0.70
CA SER C 124 14.80 17.64 -2.11
C SER C 124 15.83 18.73 -2.43
N GLY C 125 15.70 19.93 -1.93
CA GLY C 125 16.48 20.99 -2.56
C GLY C 125 17.80 21.26 -1.88
N ARG C 126 18.41 20.21 -1.36
CA ARG C 126 19.60 20.35 -0.52
C ARG C 126 20.83 19.89 -1.25
N GLU C 127 21.95 20.58 -1.02
CA GLU C 127 23.22 20.14 -1.59
C GLU C 127 23.52 18.78 -0.92
N HIS C 128 23.35 17.70 -1.66
CA HIS C 128 23.19 16.38 -1.07
C HIS C 128 24.32 15.37 -1.38
N THR C 129 25.32 15.79 -2.14
CA THR C 129 26.36 14.89 -2.55
C THR C 129 27.69 15.63 -2.70
N TYR C 130 28.80 14.92 -2.48
CA TYR C 130 30.14 15.42 -2.83
C TYR C 130 30.45 15.29 -4.32
N PHE C 131 29.66 14.49 -5.01
CA PHE C 131 29.87 14.22 -6.42
C PHE C 131 28.96 15.05 -7.33
N ALA C 132 29.20 16.36 -7.34
CA ALA C 132 28.51 17.30 -8.23
C ALA C 132 29.51 18.23 -8.92
N GLY C 133 29.11 18.79 -10.07
CA GLY C 133 30.02 19.55 -10.96
C GLY C 133 30.88 18.65 -11.85
N ASP C 134 31.58 19.23 -12.84
CA ASP C 134 32.54 18.46 -13.66
C ASP C 134 33.64 17.92 -12.75
N ILE C 135 33.60 16.63 -12.43
CA ILE C 135 34.57 16.08 -11.47
C ILE C 135 35.42 14.91 -11.98
N GLU C 136 35.30 14.64 -13.29
CA GLU C 136 36.13 13.66 -14.03
C GLU C 136 35.84 12.17 -13.71
N HIS C 137 35.24 11.91 -12.56
CA HIS C 137 34.83 10.57 -12.15
C HIS C 137 33.68 10.71 -11.14
N VAL C 138 32.56 10.02 -11.39
CA VAL C 138 31.40 10.03 -10.47
C VAL C 138 31.32 8.74 -9.65
N THR C 139 30.93 8.83 -8.38
CA THR C 139 30.83 7.64 -7.54
C THR C 139 29.41 7.43 -7.04
N HIS C 140 28.91 6.22 -7.27
CA HIS C 140 27.60 5.81 -6.78
C HIS C 140 27.83 4.96 -5.53
N ILE C 141 27.53 5.49 -4.36
CA ILE C 141 27.76 4.71 -3.16
C ILE C 141 26.63 3.72 -2.98
N ASP C 142 26.95 2.54 -2.47
CA ASP C 142 25.94 1.74 -1.83
C ASP C 142 25.40 2.51 -0.61
N PHE C 143 24.14 2.33 -0.28
CA PHE C 143 23.59 2.99 0.89
C PHE C 143 22.43 2.13 1.35
N SER C 144 22.51 0.85 1.01
CA SER C 144 21.52 -0.13 1.40
C SER C 144 21.21 -0.05 2.89
N HIS C 145 22.25 0.01 3.72
CA HIS C 145 22.10 0.06 5.19
C HIS C 145 22.65 1.38 5.75
N PRO C 146 21.88 2.49 5.62
CA PRO C 146 22.28 3.88 5.94
C PRO C 146 23.03 4.14 7.26
N TYR C 147 22.97 3.20 8.19
CA TYR C 147 23.57 3.38 9.51
C TYR C 147 24.60 2.29 9.82
N ASP C 148 25.76 2.68 10.34
CA ASP C 148 26.80 1.72 10.71
C ASP C 148 26.27 0.83 11.81
N GLU C 149 26.35 -0.47 11.66
CA GLU C 149 25.71 -1.35 12.64
C GLU C 149 26.41 -1.38 14.01
N PRO C 150 27.76 -1.44 14.03
CA PRO C 150 28.51 -1.44 15.30
C PRO C 150 28.15 -0.25 16.18
N LEU C 151 28.10 0.94 15.60
CA LEU C 151 27.56 2.10 16.28
C LEU C 151 26.14 1.85 16.77
N ARG C 152 25.27 1.31 15.91
CA ARG C 152 23.89 1.00 16.31
C ARG C 152 23.88 0.07 17.54
N GLN C 153 24.74 -0.95 17.51
CA GLN C 153 24.85 -1.85 18.67
C GLN C 153 25.41 -1.18 19.91
N ARG C 154 26.27 -0.17 19.72
CA ARG C 154 26.82 0.59 20.85
C ARG C 154 25.73 1.38 21.56
N LEU C 155 24.83 1.95 20.76
CA LEU C 155 23.70 2.70 21.26
C LEU C 155 22.70 1.80 21.94
N ILE C 156 22.28 0.72 21.27
CA ILE C 156 21.31 -0.21 21.84
C ILE C 156 21.80 -0.69 23.22
N GLU C 157 23.00 -1.29 23.28
CA GLU C 157 23.59 -1.75 24.56
C GLU C 157 23.41 -0.72 25.67
N ALA C 158 23.71 0.54 25.33
CA ALA C 158 23.65 1.66 26.27
C ALA C 158 22.23 1.86 26.77
N LEU C 159 21.28 1.80 25.85
CA LEU C 159 19.89 1.97 26.19
C LEU C 159 19.38 0.84 27.11
N ARG C 160 19.63 -0.40 26.73
CA ARG C 160 19.41 -1.57 27.59
C ARG C 160 20.07 -1.39 28.97
N ALA C 161 21.38 -1.09 28.99
CA ALA C 161 22.11 -0.99 30.26
C ALA C 161 21.54 0.09 31.20
N LEU C 162 21.04 1.19 30.63
CA LEU C 162 20.41 2.24 31.39
C LEU C 162 18.90 1.97 31.65
N GLY C 163 18.39 0.84 31.16
CA GLY C 163 16.94 0.55 31.26
C GLY C 163 16.00 1.66 30.82
N LEU C 164 16.25 2.23 29.65
CA LEU C 164 15.41 3.29 29.11
C LEU C 164 14.44 2.73 28.07
N ALA C 165 13.31 3.40 27.91
CA ALA C 165 12.30 3.03 26.95
C ALA C 165 12.77 3.41 25.55
N HIS C 166 13.04 2.38 24.75
CA HIS C 166 13.61 2.59 23.42
C HIS C 166 13.11 1.55 22.46
N SER C 167 13.47 1.72 21.19
CA SER C 167 13.26 0.72 20.15
C SER C 167 14.60 0.45 19.44
N SER C 168 14.91 -0.82 19.23
CA SER C 168 16.20 -1.20 18.65
C SER C 168 16.27 -0.99 17.11
N HIS C 169 15.12 -0.86 16.46
CA HIS C 169 15.12 -0.66 15.03
C HIS C 169 14.05 0.35 14.76
N GLY C 170 13.83 0.68 13.49
CA GLY C 170 12.81 1.65 13.08
C GLY C 170 13.20 2.34 11.78
N VAL C 171 12.19 2.79 11.03
CA VAL C 171 12.45 3.47 9.76
C VAL C 171 12.21 4.95 9.95
N TYR C 172 13.23 5.71 9.59
CA TYR C 172 13.26 7.14 9.72
C TYR C 172 12.80 7.74 8.40
N ALA C 173 11.73 8.55 8.47
CA ALA C 173 11.26 9.32 7.33
C ALA C 173 11.86 10.73 7.40
N CYS C 174 12.73 11.06 6.44
CA CYS C 174 13.29 12.41 6.42
C CYS C 174 12.55 13.32 5.45
N THR C 175 11.95 14.38 5.99
CA THR C 175 11.12 15.26 5.20
C THR C 175 11.70 16.66 5.17
N GLN C 176 11.15 17.50 4.29
CA GLN C 176 11.74 18.77 3.96
C GLN C 176 11.64 19.82 5.05
N GLY C 177 10.46 19.96 5.65
CA GLY C 177 10.23 21.11 6.51
C GLY C 177 10.25 22.40 5.72
N PRO C 178 10.36 23.54 6.41
CA PRO C 178 10.43 23.60 7.89
C PRO C 178 9.09 23.27 8.55
N ARG C 179 8.01 23.33 7.78
CA ARG C 179 6.67 23.01 8.27
C ARG C 179 6.57 21.52 8.65
N LEU C 180 5.62 21.21 9.52
CA LEU C 180 5.30 19.83 9.90
C LEU C 180 4.31 19.19 8.93
N GLU C 181 4.10 17.88 9.05
CA GLU C 181 3.37 17.13 8.03
C GLU C 181 1.89 17.20 8.25
N THR C 182 1.20 17.03 7.15
CA THR C 182 -0.22 16.83 7.08
C THR C 182 -0.63 15.44 7.63
N VAL C 183 -1.83 15.36 8.25
CA VAL C 183 -2.40 14.06 8.64
C VAL C 183 -2.34 13.02 7.50
N ALA C 184 -2.75 13.45 6.31
CA ALA C 184 -2.68 12.61 5.15
C ALA C 184 -1.23 12.35 4.72
N GLU C 185 -0.34 13.33 4.84
CA GLU C 185 1.06 13.04 4.50
C GLU C 185 1.64 12.03 5.48
N ILE C 186 1.14 12.02 6.71
CA ILE C 186 1.66 11.10 7.70
C ILE C 186 1.11 9.77 7.34
N ALA C 187 -0.17 9.76 6.95
CA ALA C 187 -0.79 8.49 6.58
C ALA C 187 0.05 7.85 5.47
N ARG C 188 0.40 8.65 4.45
CA ARG C 188 1.28 8.17 3.37
C ARG C 188 2.61 7.63 3.89
N LEU C 189 3.23 8.35 4.82
CA LEU C 189 4.48 7.89 5.39
C LEU C 189 4.30 6.55 6.07
N GLU C 190 3.20 6.38 6.79
CA GLU C 190 2.94 5.15 7.51
C GLU C 190 2.87 3.96 6.56
N ARG C 191 2.24 4.16 5.39
CA ARG C 191 2.21 3.20 4.30
C ARG C 191 3.54 2.85 3.67
N ASP C 192 4.58 3.66 3.93
CA ASP C 192 5.90 3.44 3.34
C ASP C 192 6.77 2.68 4.31
N GLY C 193 6.26 2.48 5.51
CA GLY C 193 6.89 1.67 6.52
C GLY C 193 7.69 2.44 7.53
N ASN C 194 7.50 3.75 7.58
CA ASN C 194 8.28 4.55 8.53
C ASN C 194 7.67 4.48 9.92
N ASP C 195 8.51 4.61 10.95
CA ASP C 195 7.97 4.67 12.30
C ASP C 195 8.14 6.05 12.93
N ILE C 196 9.05 6.82 12.36
CA ILE C 196 9.33 8.16 12.86
C ILE C 196 9.67 9.14 11.72
N VAL C 197 9.55 10.44 11.98
CA VAL C 197 9.74 11.44 10.94
C VAL C 197 10.50 12.62 11.50
N GLY C 198 11.42 13.13 10.72
CA GLY C 198 12.20 14.28 11.14
C GLY C 198 12.75 14.96 9.92
N MET C 199 13.56 15.99 10.12
CA MET C 199 13.92 16.85 9.00
C MET C 199 15.42 16.92 8.73
N THR C 200 16.19 16.32 9.62
CA THR C 200 17.63 16.53 9.68
C THR C 200 18.46 15.32 9.27
N GLY C 201 17.87 14.12 9.21
CA GLY C 201 18.62 12.90 8.92
C GLY C 201 19.29 12.80 7.57
N MET C 202 18.70 13.42 6.55
CA MET C 202 19.21 13.38 5.16
C MET C 202 19.36 14.81 4.61
N PRO C 203 20.42 15.09 3.82
CA PRO C 203 21.44 14.20 3.28
C PRO C 203 22.52 13.82 4.27
N GLU C 204 22.43 14.32 5.50
CA GLU C 204 23.46 14.03 6.51
C GLU C 204 24.01 12.57 6.44
N ALA C 205 23.15 11.58 6.67
CA ALA C 205 23.59 10.17 6.72
C ALA C 205 24.34 9.70 5.49
N ALA C 206 23.88 10.11 4.33
CA ALA C 206 24.52 9.72 3.07
C ALA C 206 25.84 10.46 2.83
N LEU C 207 25.89 11.74 3.18
CA LEU C 207 27.13 12.49 3.04
C LEU C 207 28.24 11.79 3.83
N ALA C 208 27.93 11.30 5.04
CA ALA C 208 28.93 10.63 5.84
C ALA C 208 29.43 9.42 5.13
N ARG C 209 28.56 8.63 4.50
CA ARG C 209 29.07 7.48 3.75
C ARG C 209 29.87 7.77 2.53
N GLU C 210 29.54 8.87 1.85
CA GLU C 210 30.38 9.36 0.77
C GLU C 210 31.80 9.61 1.28
N LEU C 211 31.94 9.99 2.55
CA LEU C 211 33.25 10.21 3.14
C LEU C 211 33.78 9.01 3.91
N ASP C 212 33.10 7.86 3.80
CA ASP C 212 33.52 6.66 4.54
C ASP C 212 33.65 6.93 6.07
N LEU C 213 32.71 7.71 6.60
CA LEU C 213 32.55 7.94 8.01
C LEU C 213 31.42 7.12 8.59
N PRO C 214 31.73 6.15 9.47
CA PRO C 214 30.65 5.41 10.14
C PRO C 214 29.75 6.37 10.89
N TYR C 215 28.45 6.20 10.75
CA TYR C 215 27.45 7.15 11.16
C TYR C 215 26.31 6.38 11.79
N ALA C 216 25.80 6.85 12.92
CA ALA C 216 24.52 6.35 13.39
C ALA C 216 23.66 7.44 14.03
N CYS C 217 22.35 7.25 13.98
CA CYS C 217 21.45 8.21 14.56
C CYS C 217 20.86 7.67 15.85
N LEU C 218 20.63 8.57 16.78
CA LEU C 218 19.81 8.30 17.96
C LEU C 218 18.66 9.27 17.90
N ALA C 219 17.44 8.75 17.86
CA ALA C 219 16.22 9.55 17.70
C ALA C 219 15.38 9.73 18.98
N LEU C 220 14.97 10.97 19.25
CA LEU C 220 14.07 11.23 20.38
C LEU C 220 12.69 11.59 19.88
N VAL C 221 11.68 10.86 20.32
CA VAL C 221 10.34 11.22 19.92
C VAL C 221 9.85 12.41 20.73
N VAL C 222 9.68 13.56 20.08
CA VAL C 222 9.23 14.78 20.79
C VAL C 222 7.76 15.16 20.63
N ASN C 223 7.07 14.45 19.73
CA ASN C 223 5.66 14.67 19.53
C ASN C 223 5.11 13.51 18.79
N PRO C 224 3.81 13.32 18.90
CA PRO C 224 3.17 12.41 17.96
C PRO C 224 3.06 13.09 16.59
N ALA C 225 3.24 12.32 15.53
CA ALA C 225 3.00 12.78 14.17
C ALA C 225 1.57 13.24 13.97
N ALA C 226 1.39 14.18 13.06
CA ALA C 226 0.06 14.68 12.77
C ALA C 226 -0.95 13.56 12.55
N GLY C 227 -2.01 13.54 13.34
CA GLY C 227 -3.08 12.54 13.18
C GLY C 227 -3.10 11.47 14.26
N LYS C 228 -2.05 11.44 15.07
CA LYS C 228 -1.85 10.42 16.08
C LYS C 228 -2.27 10.91 17.47
N SER C 229 -2.10 12.21 17.74
CA SER C 229 -2.56 12.83 18.99
C SER C 229 -3.92 13.42 18.74
N ALA C 230 -4.58 13.83 19.82
CA ALA C 230 -5.95 14.36 19.73
C ALA C 230 -6.00 15.81 19.21
N GLY C 231 -4.94 16.58 19.42
CA GLY C 231 -4.96 17.98 19.00
C GLY C 231 -4.02 18.31 17.84
N ILE C 232 -3.65 19.58 17.74
CA ILE C 232 -2.57 19.98 16.84
C ILE C 232 -1.28 19.99 17.62
N ILE C 233 -0.16 19.82 16.92
CA ILE C 233 1.16 19.84 17.56
C ILE C 233 1.57 21.29 17.81
N THR C 234 1.94 21.59 19.05
CA THR C 234 2.36 22.94 19.45
C THR C 234 3.86 22.95 19.68
N MET C 235 4.51 24.07 19.39
CA MET C 235 5.92 24.18 19.68
C MET C 235 6.17 24.13 21.19
N ALA C 236 5.14 24.38 22.00
CA ALA C 236 5.23 24.30 23.46
C ALA C 236 5.48 22.86 23.93
N GLU C 237 4.61 21.94 23.51
CA GLU C 237 4.72 20.51 23.88
C GLU C 237 6.06 19.87 23.42
N ILE C 238 6.52 20.25 22.23
CA ILE C 238 7.78 19.78 21.66
C ILE C 238 9.03 20.27 22.41
N GLU C 239 8.98 21.47 22.97
CA GLU C 239 10.12 21.99 23.73
C GLU C 239 10.19 21.28 25.07
N GLN C 240 9.02 21.02 25.66
CA GLN C 240 8.91 20.22 26.89
C GLN C 240 9.46 18.78 26.73
N ALA C 241 9.26 18.17 25.57
CA ALA C 241 9.69 16.80 25.42
C ALA C 241 11.21 16.75 25.28
N LEU C 242 11.78 17.86 24.81
CA LEU C 242 13.23 18.02 24.70
C LEU C 242 13.85 18.22 26.07
N HIS C 243 13.28 19.13 26.86
CA HIS C 243 13.82 19.41 28.18
C HIS C 243 13.82 18.13 29.01
N ASP C 244 12.86 17.26 28.75
CA ASP C 244 12.70 16.05 29.53
C ASP C 244 13.52 14.92 28.97
N GLY C 245 13.96 15.09 27.73
CA GLY C 245 14.57 14.00 26.97
C GLY C 245 16.04 14.15 26.66
N ILE C 246 16.55 15.37 26.71
CA ILE C 246 17.97 15.60 26.43
C ILE C 246 18.88 14.91 27.47
N GLY C 247 18.43 14.89 28.73
CA GLY C 247 19.14 14.20 29.81
C GLY C 247 19.42 12.72 29.57
N LYS C 248 18.37 11.98 29.22
CA LYS C 248 18.47 10.56 28.93
C LYS C 248 19.39 10.37 27.73
N VAL C 249 19.28 11.26 26.75
CA VAL C 249 20.18 11.21 25.61
C VAL C 249 21.66 11.30 26.06
N ARG C 250 21.94 12.30 26.88
CA ARG C 250 23.26 12.50 27.45
C ARG C 250 23.79 11.25 28.14
N GLU C 251 22.95 10.58 28.93
CA GLU C 251 23.30 9.29 29.54
C GLU C 251 23.76 8.31 28.47
N VAL C 252 23.07 8.25 27.33
CA VAL C 252 23.40 7.29 26.30
C VAL C 252 24.74 7.59 25.66
N LEU C 253 24.91 8.81 25.16
CA LEU C 253 26.20 9.27 24.65
C LEU C 253 27.36 8.92 25.60
N ALA C 254 27.13 9.18 26.88
CA ALA C 254 28.12 8.95 27.89
C ALA C 254 28.65 7.51 27.85
N ARG C 255 27.75 6.54 27.87
CA ARG C 255 28.15 5.14 27.90
C ARG C 255 28.91 4.78 26.65
N VAL C 256 28.39 5.25 25.51
CA VAL C 256 28.99 5.05 24.18
C VAL C 256 30.44 5.53 24.07
N LEU C 257 30.78 6.63 24.74
CA LEU C 257 32.16 7.16 24.76
C LEU C 257 32.97 6.64 25.95
N SER D 16 14.95 -40.34 -8.97
CA SER D 16 13.93 -39.40 -8.36
C SER D 16 12.52 -39.48 -9.03
N VAL D 17 11.51 -39.94 -8.28
CA VAL D 17 10.17 -40.19 -8.89
C VAL D 17 9.17 -39.02 -8.85
N TYR D 18 8.78 -38.55 -10.04
CA TYR D 18 7.92 -37.36 -10.18
C TYR D 18 6.45 -37.66 -10.31
N ALA D 19 5.64 -36.85 -9.66
CA ALA D 19 4.21 -36.89 -9.89
C ALA D 19 3.80 -35.61 -10.58
N ILE D 20 3.13 -35.73 -11.72
CA ILE D 20 2.63 -34.57 -12.41
C ILE D 20 1.18 -34.36 -12.05
N ILE D 21 0.86 -33.17 -11.54
CA ILE D 21 -0.53 -32.81 -11.34
C ILE D 21 -0.90 -31.76 -12.38
N GLY D 22 -2.02 -31.98 -13.06
CA GLY D 22 -2.48 -31.10 -14.12
C GLY D 22 -3.68 -31.71 -14.83
N GLY D 23 -4.13 -31.07 -15.89
CA GLY D 23 -5.18 -31.65 -16.71
C GLY D 23 -4.61 -32.85 -17.43
N THR D 24 -5.47 -33.75 -17.87
CA THR D 24 -5.09 -34.63 -18.98
C THR D 24 -4.75 -33.70 -20.16
N GLY D 25 -4.18 -34.26 -21.20
CA GLY D 25 -3.59 -33.40 -22.19
C GLY D 25 -2.13 -33.28 -21.83
N LEU D 26 -1.81 -33.30 -20.53
CA LEU D 26 -0.41 -33.44 -20.12
C LEU D 26 0.06 -34.86 -20.39
N THR D 27 -0.91 -35.77 -20.50
CA THR D 27 -0.69 -37.20 -20.68
C THR D 27 -0.32 -37.60 -22.12
N GLN D 28 -0.45 -36.66 -23.06
CA GLN D 28 -0.11 -36.93 -24.46
C GLN D 28 1.38 -37.03 -24.76
N LEU D 29 2.23 -36.88 -23.77
CA LEU D 29 3.67 -36.97 -23.98
C LEU D 29 4.09 -38.19 -24.81
N GLU D 30 4.84 -37.95 -25.87
CA GLU D 30 5.24 -39.05 -26.73
C GLU D 30 6.28 -39.96 -26.06
N GLY D 31 5.95 -41.24 -25.97
CA GLY D 31 6.85 -42.22 -25.36
C GLY D 31 6.51 -42.52 -23.92
N LEU D 32 5.57 -41.75 -23.37
CA LEU D 32 4.99 -42.04 -22.06
C LEU D 32 3.92 -43.13 -22.18
N THR D 33 3.93 -44.08 -21.25
CA THR D 33 2.84 -45.05 -21.15
C THR D 33 2.20 -44.99 -19.77
N LEU D 34 0.92 -45.36 -19.67
CA LEU D 34 0.19 -45.24 -18.39
C LEU D 34 -0.71 -46.43 -18.11
N SER D 35 -0.59 -46.97 -16.89
CA SER D 35 -1.51 -47.99 -16.41
C SER D 35 -2.78 -47.30 -16.01
N GLU D 36 -3.90 -47.94 -16.33
CA GLU D 36 -5.19 -47.37 -16.01
C GLU D 36 -5.36 -47.31 -14.49
N SER D 37 -5.85 -46.17 -14.01
CA SER D 37 -6.44 -46.02 -12.69
C SER D 37 -6.07 -46.99 -11.52
N LEU D 38 -6.98 -47.94 -11.25
CA LEU D 38 -7.20 -48.55 -9.92
C LEU D 38 -7.53 -47.44 -8.90
N PRO D 39 -8.79 -47.46 -8.39
CA PRO D 39 -9.23 -46.42 -7.45
C PRO D 39 -8.80 -46.76 -6.02
N ILE D 40 -8.01 -45.89 -5.42
CA ILE D 40 -7.49 -46.11 -4.07
C ILE D 40 -8.38 -45.38 -3.06
N GLU D 41 -8.56 -45.97 -1.89
CA GLU D 41 -9.20 -45.27 -0.80
C GLU D 41 -8.11 -44.75 0.14
N THR D 42 -8.33 -43.54 0.65
CA THR D 42 -7.40 -42.90 1.58
C THR D 42 -8.09 -42.60 2.91
N PRO D 43 -7.33 -42.15 3.91
CA PRO D 43 -7.95 -41.78 5.16
C PRO D 43 -8.79 -40.52 5.01
N TYR D 44 -8.61 -39.81 3.90
CA TYR D 44 -9.24 -38.51 3.65
C TYR D 44 -10.21 -38.56 2.50
N GLY D 45 -10.82 -39.72 2.31
CA GLY D 45 -11.75 -39.91 1.24
C GLY D 45 -11.02 -40.37 0.00
N ALA D 46 -11.56 -40.03 -1.16
CA ALA D 46 -11.05 -40.56 -2.42
C ALA D 46 -10.52 -39.48 -3.37
N PRO D 47 -9.37 -39.78 -4.03
CA PRO D 47 -8.70 -38.86 -4.94
C PRO D 47 -9.65 -38.43 -6.03
N SER D 48 -9.41 -37.25 -6.59
CA SER D 48 -10.36 -36.65 -7.50
C SER D 48 -10.45 -37.32 -8.86
N ALA D 49 -9.40 -38.05 -9.25
CA ALA D 49 -9.50 -38.95 -10.41
C ALA D 49 -8.74 -40.23 -10.18
N PRO D 50 -8.93 -41.21 -11.08
CA PRO D 50 -7.93 -42.23 -11.35
C PRO D 50 -6.51 -41.66 -11.41
N LEU D 51 -5.66 -42.20 -10.55
CA LEU D 51 -4.24 -41.87 -10.50
C LEU D 51 -3.57 -42.91 -11.37
N GLN D 52 -2.77 -42.42 -12.31
CA GLN D 52 -2.14 -43.26 -13.30
C GLN D 52 -0.70 -43.42 -12.94
N ARG D 53 -0.22 -44.65 -13.05
CA ARG D 53 1.21 -44.93 -12.93
C ARG D 53 1.78 -44.95 -14.33
N GLY D 54 3.01 -44.50 -14.46
CA GLY D 54 3.60 -44.33 -15.77
C GLY D 54 5.05 -44.72 -15.88
N ARG D 55 5.54 -44.67 -17.11
CA ARG D 55 6.92 -44.87 -17.44
C ARG D 55 7.15 -43.95 -18.57
N TYR D 56 8.25 -43.22 -18.53
CA TYR D 56 8.63 -42.33 -19.60
C TYR D 56 10.10 -42.65 -19.89
N ALA D 57 10.29 -43.53 -20.89
CA ALA D 57 11.60 -44.09 -21.28
C ALA D 57 12.20 -45.06 -20.26
N GLY D 58 11.37 -45.58 -19.37
CA GLY D 58 11.83 -46.44 -18.27
C GLY D 58 11.76 -45.78 -16.89
N ARG D 59 11.80 -44.44 -16.85
CA ARG D 59 11.63 -43.70 -15.59
C ARG D 59 10.18 -43.72 -15.09
N GLU D 60 10.02 -43.89 -13.78
CA GLU D 60 8.68 -43.90 -13.18
C GLU D 60 8.10 -42.48 -12.99
N VAL D 61 6.84 -42.31 -13.39
CA VAL D 61 6.14 -41.05 -13.24
C VAL D 61 4.73 -41.37 -12.79
N LEU D 62 4.20 -40.57 -11.87
CA LEU D 62 2.78 -40.64 -11.56
C LEU D 62 2.05 -39.49 -12.25
N PHE D 63 0.85 -39.74 -12.72
CA PHE D 63 0.00 -38.67 -13.21
C PHE D 63 -1.31 -38.61 -12.45
N LEU D 64 -1.71 -37.40 -12.06
CA LEU D 64 -2.98 -37.20 -11.39
C LEU D 64 -3.68 -36.02 -12.04
N ALA D 65 -4.92 -36.21 -12.46
CA ALA D 65 -5.73 -35.08 -12.88
C ALA D 65 -6.51 -34.64 -11.65
N ARG D 66 -6.45 -33.34 -11.32
CA ARG D 66 -7.01 -32.87 -10.05
C ARG D 66 -8.51 -32.61 -10.06
N HIS D 67 -9.07 -32.33 -11.25
CA HIS D 67 -10.50 -32.01 -11.41
C HIS D 67 -11.40 -33.26 -11.51
N GLY D 68 -11.00 -34.24 -12.33
CA GLY D 68 -11.79 -35.48 -12.57
C GLY D 68 -13.28 -35.31 -12.81
N PHE D 73 -16.05 -31.73 -10.02
CA PHE D 73 -15.86 -30.86 -8.84
C PHE D 73 -15.20 -29.52 -9.19
N PRO D 74 -15.64 -28.42 -8.53
CA PRO D 74 -15.00 -27.10 -8.59
C PRO D 74 -13.75 -26.93 -7.72
N PRO D 75 -12.83 -26.06 -8.15
CA PRO D 75 -11.53 -25.89 -7.49
C PRO D 75 -11.52 -25.92 -5.95
N HIS D 76 -12.56 -25.39 -5.30
CA HIS D 76 -12.52 -25.29 -3.84
C HIS D 76 -13.10 -26.50 -3.12
N GLN D 77 -13.54 -27.51 -3.89
CA GLN D 77 -14.07 -28.73 -3.27
C GLN D 77 -13.29 -29.99 -3.66
N VAL D 78 -12.31 -29.81 -4.53
CA VAL D 78 -11.28 -30.80 -4.85
C VAL D 78 -10.65 -31.37 -3.55
N ASN D 79 -10.64 -32.70 -3.44
CA ASN D 79 -9.99 -33.35 -2.31
C ASN D 79 -8.46 -33.41 -2.43
N TYR D 80 -7.80 -32.27 -2.26
CA TYR D 80 -6.34 -32.19 -2.38
C TYR D 80 -5.66 -33.04 -1.31
N ARG D 81 -6.18 -33.02 -0.08
CA ARG D 81 -5.72 -33.89 0.99
C ARG D 81 -5.55 -35.33 0.47
N ALA D 82 -6.60 -35.87 -0.15
CA ALA D 82 -6.59 -37.22 -0.72
C ALA D 82 -5.62 -37.41 -1.86
N ASN D 83 -5.58 -36.48 -2.82
CA ASN D 83 -4.72 -36.62 -4.00
C ASN D 83 -3.26 -36.85 -3.63
N LEU D 84 -2.70 -35.88 -2.88
CA LEU D 84 -1.32 -35.94 -2.40
C LEU D 84 -1.05 -37.16 -1.55
N TRP D 85 -1.96 -37.47 -0.62
CA TRP D 85 -1.79 -38.65 0.23
C TRP D 85 -1.73 -39.89 -0.67
N ALA D 86 -2.63 -39.96 -1.64
CA ALA D 86 -2.58 -41.01 -2.66
C ALA D 86 -1.23 -41.02 -3.40
N LEU D 87 -0.79 -39.85 -3.86
CA LEU D 87 0.44 -39.72 -4.65
C LEU D 87 1.67 -40.21 -3.91
N LYS D 88 1.70 -39.97 -2.60
CA LYS D 88 2.85 -40.32 -1.76
C LYS D 88 2.83 -41.81 -1.42
N GLN D 89 1.65 -42.34 -1.10
CA GLN D 89 1.47 -43.78 -0.86
C GLN D 89 1.90 -44.63 -2.09
N ALA D 90 1.80 -44.03 -3.28
CA ALA D 90 2.13 -44.72 -4.52
C ALA D 90 3.57 -44.42 -4.92
N GLY D 91 4.32 -43.82 -4.01
CA GLY D 91 5.77 -43.66 -4.16
C GLY D 91 6.29 -42.43 -4.84
N ALA D 92 5.51 -41.34 -4.84
CA ALA D 92 5.99 -40.08 -5.39
C ALA D 92 7.02 -39.38 -4.49
N GLU D 93 8.10 -38.91 -5.10
CA GLU D 93 9.22 -38.28 -4.38
C GLU D 93 9.27 -36.76 -4.62
N ALA D 94 8.64 -36.30 -5.70
CA ALA D 94 8.62 -34.89 -6.07
C ALA D 94 7.26 -34.60 -6.70
N VAL D 95 6.91 -33.32 -6.81
CA VAL D 95 5.65 -32.94 -7.45
C VAL D 95 5.78 -31.70 -8.35
N ILE D 96 5.53 -31.88 -9.65
CA ILE D 96 5.32 -30.74 -10.55
C ILE D 96 3.83 -30.55 -10.71
N ALA D 97 3.33 -29.37 -10.35
CA ALA D 97 1.92 -29.06 -10.54
C ALA D 97 1.77 -28.01 -11.61
N VAL D 98 0.90 -28.28 -12.59
CA VAL D 98 0.72 -27.38 -13.73
C VAL D 98 -0.60 -26.64 -13.59
N ASN D 99 -0.53 -25.32 -13.51
CA ASN D 99 -1.69 -24.52 -13.18
C ASN D 99 -2.01 -23.51 -14.23
N ALA D 100 -3.29 -23.34 -14.50
CA ALA D 100 -3.72 -22.28 -15.40
C ALA D 100 -4.18 -21.10 -14.56
N VAL D 101 -3.64 -19.94 -14.90
CA VAL D 101 -3.87 -18.75 -14.09
C VAL D 101 -4.14 -17.56 -14.99
N GLY D 102 -4.77 -16.53 -14.43
CA GLY D 102 -4.82 -15.19 -15.05
C GLY D 102 -3.58 -14.39 -14.66
N GLY D 103 -3.10 -13.53 -15.55
CA GLY D 103 -1.92 -12.75 -15.29
C GLY D 103 -2.26 -11.35 -14.82
N ILE D 104 -1.67 -10.91 -13.71
CA ILE D 104 -1.90 -9.59 -13.13
C ILE D 104 -0.80 -8.64 -13.60
N HIS D 105 0.44 -9.09 -13.57
CA HIS D 105 1.58 -8.31 -14.04
C HIS D 105 1.51 -7.97 -15.53
N ALA D 106 1.94 -6.77 -15.86
CA ALA D 106 1.90 -6.31 -17.23
C ALA D 106 2.71 -7.19 -18.19
N ALA D 107 3.79 -7.80 -17.71
CA ALA D 107 4.71 -8.56 -18.58
C ALA D 107 4.31 -10.01 -18.72
N MET D 108 3.23 -10.37 -18.05
CA MET D 108 2.76 -11.75 -18.12
C MET D 108 1.40 -11.84 -18.84
N GLY D 109 1.43 -11.51 -20.14
CA GLY D 109 0.27 -11.65 -21.02
C GLY D 109 -0.18 -13.09 -21.19
N THR D 110 -1.29 -13.29 -21.91
CA THR D 110 -1.73 -14.63 -22.31
C THR D 110 -0.59 -15.43 -22.96
N GLY D 111 -0.52 -16.72 -22.68
CA GLY D 111 0.50 -17.53 -23.29
C GLY D 111 1.79 -17.62 -22.50
N HIS D 112 2.01 -16.68 -21.58
CA HIS D 112 3.25 -16.60 -20.83
C HIS D 112 3.41 -17.76 -19.86
N LEU D 113 4.65 -18.20 -19.63
CA LEU D 113 4.89 -19.19 -18.59
C LEU D 113 5.61 -18.53 -17.42
N CYS D 114 5.26 -18.97 -16.22
CA CYS D 114 5.84 -18.41 -15.03
C CYS D 114 6.17 -19.56 -14.11
N VAL D 115 7.35 -19.50 -13.50
CA VAL D 115 7.74 -20.40 -12.40
C VAL D 115 7.74 -19.63 -11.08
N PRO D 116 6.57 -19.59 -10.40
CA PRO D 116 6.49 -18.76 -9.18
C PRO D 116 7.51 -19.19 -8.12
N HIS D 117 7.75 -18.34 -7.14
CA HIS D 117 8.72 -18.60 -6.07
C HIS D 117 8.10 -18.24 -4.74
N GLN D 118 6.94 -17.60 -4.80
CA GLN D 118 6.20 -17.24 -3.62
C GLN D 118 4.73 -17.35 -3.95
N LEU D 119 3.90 -17.34 -2.90
CA LEU D 119 2.47 -17.34 -3.12
C LEU D 119 1.72 -16.67 -1.97
N ILE D 120 0.50 -16.23 -2.26
CA ILE D 120 -0.39 -15.74 -1.21
C ILE D 120 -1.74 -16.44 -1.29
N ASP D 121 -2.15 -16.96 -0.14
CA ASP D 121 -3.33 -17.79 0.00
C ASP D 121 -4.52 -16.89 0.27
N TYR D 122 -5.53 -16.89 -0.59
CA TYR D 122 -6.75 -16.17 -0.26
C TYR D 122 -7.95 -17.10 -0.12
N THR D 123 -7.67 -18.40 -0.13
CA THR D 123 -8.70 -19.40 -0.05
C THR D 123 -9.18 -19.53 1.37
N SER D 124 -10.19 -20.37 1.57
CA SER D 124 -10.74 -20.67 2.89
C SER D 124 -11.74 -21.81 2.70
N GLY D 125 -12.20 -22.40 3.81
CA GLY D 125 -13.20 -23.48 3.77
C GLY D 125 -12.75 -24.79 3.13
N ARG D 126 -11.48 -24.88 2.80
CA ARG D 126 -10.99 -26.05 2.10
C ARG D 126 -10.29 -26.94 3.13
N GLU D 127 -10.23 -28.25 2.88
CA GLU D 127 -9.47 -29.04 3.85
C GLU D 127 -8.00 -28.78 3.53
N HIS D 128 -7.42 -27.88 4.33
CA HIS D 128 -6.04 -27.42 4.14
C HIS D 128 -4.97 -28.14 4.93
N THR D 129 -5.29 -29.00 5.89
CA THR D 129 -4.22 -29.61 6.67
C THR D 129 -4.41 -31.09 6.95
N TYR D 130 -3.31 -31.81 7.18
CA TYR D 130 -3.41 -33.18 7.63
C TYR D 130 -3.52 -33.18 9.14
N PHE D 131 -2.99 -32.11 9.74
CA PHE D 131 -2.96 -31.96 11.19
C PHE D 131 -4.21 -31.24 11.69
N ALA D 132 -5.38 -31.78 11.33
CA ALA D 132 -6.64 -31.36 11.90
C ALA D 132 -7.24 -32.59 12.55
N GLY D 133 -8.39 -32.44 13.18
CA GLY D 133 -9.05 -33.55 13.86
C GLY D 133 -8.68 -33.53 15.33
N ASP D 134 -8.92 -34.64 16.01
CA ASP D 134 -8.62 -34.75 17.44
C ASP D 134 -7.39 -35.68 17.58
N ILE D 135 -6.22 -35.11 17.28
CA ILE D 135 -4.95 -35.84 17.31
C ILE D 135 -4.18 -35.56 18.60
N GLU D 136 -3.10 -36.31 18.84
CA GLU D 136 -2.34 -36.18 20.09
C GLU D 136 -1.05 -35.36 19.93
N HIS D 137 -0.65 -35.13 18.69
CA HIS D 137 0.43 -34.18 18.38
C HIS D 137 0.02 -33.16 17.29
N VAL D 138 0.44 -31.91 17.43
CA VAL D 138 0.21 -30.87 16.41
C VAL D 138 1.51 -30.49 15.68
N THR D 139 1.43 -30.27 14.37
CA THR D 139 2.60 -29.84 13.61
C THR D 139 2.32 -28.50 12.96
N HIS D 140 3.21 -27.55 13.19
CA HIS D 140 3.19 -26.31 12.47
C HIS D 140 4.38 -26.38 11.56
N ILE D 141 4.17 -26.38 10.26
CA ILE D 141 5.31 -26.37 9.36
C ILE D 141 5.83 -24.96 9.12
N ASP D 142 7.13 -24.87 8.87
CA ASP D 142 7.65 -23.72 8.16
C ASP D 142 7.13 -23.84 6.74
N PHE D 143 6.87 -22.71 6.12
CA PHE D 143 6.39 -22.64 4.74
C PHE D 143 6.86 -21.33 4.08
N SER D 144 8.04 -20.85 4.51
CA SER D 144 8.56 -19.58 4.04
C SER D 144 8.69 -19.63 2.54
N HIS D 145 9.19 -20.75 2.04
CA HIS D 145 9.41 -20.90 0.63
C HIS D 145 8.55 -22.07 0.12
N PRO D 146 7.37 -21.73 -0.42
CA PRO D 146 6.38 -22.75 -0.76
C PRO D 146 6.80 -23.63 -1.92
N TYR D 147 7.65 -23.14 -2.80
CA TYR D 147 8.12 -23.96 -3.90
C TYR D 147 9.56 -24.44 -3.71
N ASP D 148 9.87 -25.66 -4.14
CA ASP D 148 11.21 -26.19 -3.92
C ASP D 148 12.16 -25.64 -4.95
N GLU D 149 13.30 -25.17 -4.49
CA GLU D 149 14.25 -24.48 -5.36
C GLU D 149 14.99 -25.38 -6.38
N PRO D 150 15.37 -26.62 -5.98
CA PRO D 150 15.88 -27.50 -7.04
C PRO D 150 14.90 -27.74 -8.20
N LEU D 151 13.63 -27.99 -7.91
CA LEU D 151 12.61 -28.24 -8.95
C LEU D 151 12.37 -26.99 -9.74
N ARG D 152 12.31 -25.86 -9.05
CA ARG D 152 12.19 -24.59 -9.76
C ARG D 152 13.24 -24.49 -10.86
N GLN D 153 14.51 -24.65 -10.50
CA GLN D 153 15.59 -24.53 -11.48
C GLN D 153 15.47 -25.54 -12.62
N ARG D 154 15.09 -26.78 -12.32
CA ARG D 154 14.86 -27.78 -13.35
C ARG D 154 13.85 -27.30 -14.39
N LEU D 155 12.72 -26.77 -13.94
CA LEU D 155 11.75 -26.14 -14.84
C LEU D 155 12.37 -24.93 -15.55
N ILE D 156 13.11 -24.11 -14.82
CA ILE D 156 13.72 -22.93 -15.40
C ILE D 156 14.74 -23.31 -16.50
N GLU D 157 15.64 -24.26 -16.18
CA GLU D 157 16.71 -24.65 -17.10
C GLU D 157 16.14 -25.21 -18.38
N ALA D 158 15.06 -25.97 -18.19
CA ALA D 158 14.28 -26.56 -19.25
C ALA D 158 13.68 -25.50 -20.17
N LEU D 159 12.97 -24.53 -19.59
CA LEU D 159 12.36 -23.45 -20.37
C LEU D 159 13.36 -22.61 -21.15
N ARG D 160 14.56 -22.46 -20.58
CA ARG D 160 15.70 -21.86 -21.26
C ARG D 160 16.17 -22.73 -22.43
N ALA D 161 16.41 -24.03 -22.16
CA ALA D 161 16.82 -24.98 -23.19
C ALA D 161 15.93 -24.97 -24.45
N LEU D 162 14.63 -24.79 -24.23
CA LEU D 162 13.65 -24.75 -25.32
C LEU D 162 13.47 -23.32 -25.83
N GLY D 163 14.20 -22.39 -25.22
CA GLY D 163 14.07 -20.96 -25.49
C GLY D 163 12.61 -20.49 -25.54
N LEU D 164 11.82 -20.87 -24.55
CA LEU D 164 10.48 -20.30 -24.43
C LEU D 164 10.47 -19.05 -23.51
N ALA D 165 9.64 -18.08 -23.86
CA ALA D 165 9.42 -16.91 -23.01
C ALA D 165 8.81 -17.39 -21.68
N HIS D 166 9.33 -16.86 -20.58
CA HIS D 166 8.88 -17.28 -19.25
C HIS D 166 9.39 -16.33 -18.18
N SER D 167 8.89 -16.49 -16.96
CA SER D 167 9.42 -15.74 -15.85
C SER D 167 9.92 -16.71 -14.80
N SER D 168 11.17 -16.48 -14.39
CA SER D 168 11.83 -17.33 -13.42
C SER D 168 11.20 -17.23 -12.04
N HIS D 169 10.54 -16.10 -11.73
CA HIS D 169 9.93 -15.83 -10.41
C HIS D 169 8.55 -15.19 -10.57
N GLY D 170 7.79 -15.12 -9.49
CA GLY D 170 6.52 -14.41 -9.47
C GLY D 170 5.69 -14.86 -8.29
N VAL D 171 4.77 -14.00 -7.85
CA VAL D 171 3.93 -14.32 -6.71
C VAL D 171 2.54 -14.76 -7.13
N TYR D 172 2.15 -15.94 -6.67
CA TYR D 172 0.89 -16.59 -7.03
C TYR D 172 -0.21 -16.29 -6.00
N ALA D 173 -1.22 -15.55 -6.42
CA ALA D 173 -2.38 -15.37 -5.59
C ALA D 173 -3.29 -16.56 -5.80
N CYS D 174 -3.58 -17.27 -4.73
CA CYS D 174 -4.51 -18.37 -4.85
C CYS D 174 -5.89 -17.96 -4.32
N THR D 175 -6.87 -17.82 -5.21
CA THR D 175 -8.21 -17.32 -4.81
C THR D 175 -9.20 -18.45 -4.67
N GLN D 176 -10.40 -18.13 -4.13
CA GLN D 176 -11.38 -19.15 -3.83
C GLN D 176 -12.13 -19.74 -5.03
N GLY D 177 -12.60 -18.86 -5.92
CA GLY D 177 -13.48 -19.30 -7.02
C GLY D 177 -14.83 -19.80 -6.55
N PRO D 178 -15.64 -20.35 -7.46
CA PRO D 178 -15.35 -20.56 -8.87
C PRO D 178 -15.43 -19.26 -9.64
N ARG D 179 -16.03 -18.24 -9.06
CA ARG D 179 -16.16 -16.97 -9.76
C ARG D 179 -14.77 -16.41 -10.01
N LEU D 180 -14.58 -15.68 -11.08
CA LEU D 180 -13.35 -14.93 -11.23
C LEU D 180 -13.41 -13.63 -10.40
N GLU D 181 -12.32 -12.87 -10.43
CA GLU D 181 -12.13 -11.73 -9.52
C GLU D 181 -12.68 -10.39 -10.02
N THR D 182 -12.98 -9.50 -9.10
CA THR D 182 -13.48 -8.18 -9.40
C THR D 182 -12.32 -7.28 -9.82
N VAL D 183 -12.57 -6.24 -10.60
CA VAL D 183 -11.46 -5.29 -10.90
C VAL D 183 -10.79 -4.73 -9.62
N ALA D 184 -11.58 -4.35 -8.62
CA ALA D 184 -11.03 -3.91 -7.34
C ALA D 184 -10.31 -5.04 -6.60
N GLU D 185 -10.82 -6.27 -6.66
CA GLU D 185 -10.09 -7.38 -6.06
C GLU D 185 -8.75 -7.55 -6.75
N ILE D 186 -8.72 -7.37 -8.07
CA ILE D 186 -7.45 -7.54 -8.79
C ILE D 186 -6.49 -6.45 -8.35
N ALA D 187 -6.98 -5.22 -8.25
CA ALA D 187 -6.16 -4.12 -7.74
C ALA D 187 -5.64 -4.41 -6.33
N ARG D 188 -6.42 -5.07 -5.47
CA ARG D 188 -5.86 -5.40 -4.15
C ARG D 188 -4.85 -6.54 -4.21
N LEU D 189 -5.09 -7.53 -5.07
CA LEU D 189 -4.15 -8.62 -5.25
C LEU D 189 -2.83 -8.06 -5.79
N GLU D 190 -2.97 -7.10 -6.71
CA GLU D 190 -1.82 -6.39 -7.26
C GLU D 190 -1.04 -5.60 -6.19
N ARG D 191 -1.73 -4.87 -5.31
CA ARG D 191 -1.05 -4.16 -4.22
C ARG D 191 -0.32 -5.09 -3.23
N ASP D 192 -0.87 -6.27 -2.98
CA ASP D 192 -0.24 -7.28 -2.12
C ASP D 192 1.00 -7.94 -2.79
N GLY D 193 1.28 -7.52 -4.02
CA GLY D 193 2.49 -7.89 -4.76
C GLY D 193 2.41 -9.16 -5.58
N ASN D 194 1.18 -9.60 -5.91
CA ASN D 194 0.96 -10.79 -6.73
C ASN D 194 1.20 -10.53 -8.20
N ASP D 195 1.56 -11.58 -8.92
CA ASP D 195 1.89 -11.51 -10.32
C ASP D 195 0.89 -12.26 -11.14
N ILE D 196 0.39 -13.35 -10.56
CA ILE D 196 -0.60 -14.21 -11.21
C ILE D 196 -1.64 -14.65 -10.19
N VAL D 197 -2.80 -15.05 -10.71
CA VAL D 197 -3.91 -15.55 -9.88
C VAL D 197 -4.55 -16.82 -10.48
N GLY D 198 -4.70 -17.85 -9.64
CA GLY D 198 -5.35 -19.11 -9.98
C GLY D 198 -6.17 -19.58 -8.80
N MET D 199 -6.86 -20.72 -8.91
CA MET D 199 -7.73 -21.18 -7.80
C MET D 199 -7.43 -22.59 -7.26
N THR D 200 -6.26 -23.12 -7.63
CA THR D 200 -5.93 -24.53 -7.39
C THR D 200 -4.61 -24.67 -6.63
N GLY D 201 -3.83 -23.60 -6.59
CA GLY D 201 -2.47 -23.66 -6.03
C GLY D 201 -2.43 -23.97 -4.56
N MET D 202 -3.48 -23.59 -3.84
CA MET D 202 -3.52 -23.89 -2.41
C MET D 202 -4.83 -24.60 -2.04
N PRO D 203 -4.80 -25.45 -1.00
CA PRO D 203 -3.72 -25.73 -0.04
C PRO D 203 -2.73 -26.73 -0.58
N GLU D 204 -2.82 -26.97 -1.88
CA GLU D 204 -2.06 -28.02 -2.53
C GLU D 204 -0.61 -28.04 -2.12
N ALA D 205 0.10 -26.94 -2.39
CA ALA D 205 1.54 -26.81 -2.04
C ALA D 205 1.79 -27.06 -0.59
N ALA D 206 0.89 -26.57 0.25
CA ALA D 206 1.09 -26.70 1.69
C ALA D 206 0.97 -28.16 2.15
N LEU D 207 -0.06 -28.84 1.70
CA LEU D 207 -0.21 -30.28 1.92
C LEU D 207 1.02 -31.09 1.47
N ALA D 208 1.51 -30.79 0.26
CA ALA D 208 2.78 -31.33 -0.23
C ALA D 208 3.88 -31.21 0.81
N ARG D 209 3.91 -30.10 1.55
CA ARG D 209 4.92 -29.95 2.57
C ARG D 209 4.68 -30.74 3.81
N GLU D 210 3.45 -30.74 4.28
CA GLU D 210 3.12 -31.48 5.48
C GLU D 210 3.60 -32.93 5.30
N LEU D 211 3.65 -33.36 4.04
CA LEU D 211 4.11 -34.70 3.59
C LEU D 211 5.62 -34.81 3.22
N ASP D 212 6.37 -33.72 3.46
CA ASP D 212 7.81 -33.59 3.15
C ASP D 212 8.12 -34.03 1.71
N LEU D 213 7.26 -33.55 0.80
CA LEU D 213 7.36 -33.72 -0.66
C LEU D 213 7.73 -32.41 -1.35
N PRO D 214 8.90 -32.37 -2.00
CA PRO D 214 9.33 -31.24 -2.84
C PRO D 214 8.32 -30.96 -3.96
N TYR D 215 7.80 -29.73 -3.96
CA TYR D 215 6.71 -29.32 -4.82
C TYR D 215 7.11 -28.04 -5.52
N ALA D 216 6.85 -27.99 -6.83
CA ALA D 216 6.96 -26.75 -7.60
C ALA D 216 5.79 -26.64 -8.58
N CYS D 217 5.48 -25.40 -8.94
CA CYS D 217 4.40 -25.12 -9.87
C CYS D 217 4.92 -24.52 -11.17
N LEU D 218 4.27 -24.89 -12.26
CA LEU D 218 4.46 -24.18 -13.52
C LEU D 218 3.11 -23.65 -13.94
N ALA D 219 3.08 -22.34 -14.16
CA ALA D 219 1.84 -21.61 -14.34
C ALA D 219 1.75 -21.02 -15.72
N LEU D 220 0.72 -21.41 -16.47
CA LEU D 220 0.51 -20.86 -17.82
C LEU D 220 -0.57 -19.81 -17.76
N VAL D 221 -0.31 -18.66 -18.34
CA VAL D 221 -1.26 -17.56 -18.24
C VAL D 221 -2.28 -17.73 -19.35
N VAL D 222 -3.52 -17.96 -18.95
CA VAL D 222 -4.59 -18.19 -19.89
C VAL D 222 -5.45 -16.96 -20.17
N ASN D 223 -5.43 -15.98 -19.28
CA ASN D 223 -6.16 -14.71 -19.54
C ASN D 223 -5.51 -13.55 -18.80
N PRO D 224 -5.64 -12.34 -19.34
CA PRO D 224 -5.35 -11.12 -18.58
C PRO D 224 -6.38 -10.97 -17.47
N ALA D 225 -5.89 -10.85 -16.23
CA ALA D 225 -6.73 -10.81 -15.03
C ALA D 225 -7.79 -9.71 -15.05
N ALA D 226 -8.90 -9.94 -14.36
CA ALA D 226 -10.01 -8.96 -14.37
C ALA D 226 -9.52 -7.50 -14.39
N GLY D 227 -9.97 -6.75 -15.39
CA GLY D 227 -9.66 -5.31 -15.54
C GLY D 227 -8.32 -4.92 -16.17
N LYS D 228 -7.64 -5.88 -16.81
CA LYS D 228 -6.33 -5.65 -17.41
C LYS D 228 -6.33 -5.57 -18.94
N SER D 229 -7.50 -5.73 -19.56
CA SER D 229 -7.65 -5.47 -20.99
C SER D 229 -9.03 -4.92 -21.35
N ALA D 230 -9.22 -4.56 -22.63
CA ALA D 230 -10.45 -3.93 -23.08
C ALA D 230 -11.70 -4.63 -22.56
N GLY D 231 -11.87 -5.91 -22.92
CA GLY D 231 -13.16 -6.59 -22.74
C GLY D 231 -13.50 -7.07 -21.34
N ILE D 232 -14.28 -8.15 -21.30
CA ILE D 232 -14.47 -8.95 -20.09
C ILE D 232 -13.82 -10.30 -20.40
N ILE D 233 -13.75 -11.19 -19.43
CA ILE D 233 -13.11 -12.49 -19.65
C ILE D 233 -14.12 -13.55 -20.11
N THR D 234 -13.93 -14.08 -21.33
CA THR D 234 -14.77 -15.15 -21.86
C THR D 234 -14.09 -16.50 -21.65
N MET D 235 -14.90 -17.54 -21.41
CA MET D 235 -14.45 -18.94 -21.30
C MET D 235 -13.78 -19.45 -22.56
N ALA D 236 -14.33 -19.04 -23.71
CA ALA D 236 -13.79 -19.39 -25.03
C ALA D 236 -12.33 -18.92 -25.19
N GLU D 237 -12.10 -17.62 -24.99
CA GLU D 237 -10.75 -17.06 -24.95
C GLU D 237 -9.79 -17.93 -24.13
N ILE D 238 -10.20 -18.34 -22.93
CA ILE D 238 -9.32 -19.13 -22.07
C ILE D 238 -9.01 -20.48 -22.68
N GLU D 239 -10.03 -21.12 -23.24
CA GLU D 239 -9.88 -22.46 -23.80
C GLU D 239 -8.98 -22.47 -25.04
N GLN D 240 -9.12 -21.45 -25.88
CA GLN D 240 -8.14 -21.22 -26.94
C GLN D 240 -6.71 -21.14 -26.36
N ALA D 241 -6.52 -20.27 -25.38
CA ALA D 241 -5.22 -20.10 -24.73
C ALA D 241 -4.58 -21.41 -24.20
N LEU D 242 -5.39 -22.30 -23.63
CA LEU D 242 -4.85 -23.56 -23.15
C LEU D 242 -4.43 -24.44 -24.32
N HIS D 243 -5.34 -24.62 -25.28
CA HIS D 243 -5.08 -25.44 -26.44
C HIS D 243 -3.84 -24.93 -27.15
N ASP D 244 -3.42 -23.71 -26.84
CA ASP D 244 -2.29 -23.09 -27.50
C ASP D 244 -0.97 -23.21 -26.72
N GLY D 245 -1.07 -23.52 -25.43
CA GLY D 245 0.09 -23.50 -24.55
C GLY D 245 0.37 -24.83 -23.90
N ILE D 246 -0.57 -25.75 -24.05
CA ILE D 246 -0.39 -27.08 -23.48
C ILE D 246 0.75 -27.80 -24.20
N GLY D 247 0.87 -27.58 -25.51
CA GLY D 247 1.98 -28.08 -26.30
C GLY D 247 3.29 -27.65 -25.68
N LYS D 248 3.42 -26.36 -25.38
CA LYS D 248 4.62 -25.81 -24.72
C LYS D 248 4.94 -26.56 -23.41
N VAL D 249 3.91 -26.75 -22.58
CA VAL D 249 4.06 -27.38 -21.26
C VAL D 249 4.48 -28.85 -21.38
N ARG D 250 3.89 -29.57 -22.33
CA ARG D 250 4.29 -30.94 -22.63
C ARG D 250 5.81 -30.99 -22.88
N GLU D 251 6.32 -30.13 -23.77
CA GLU D 251 7.76 -30.05 -24.06
C GLU D 251 8.59 -29.91 -22.81
N VAL D 252 8.24 -28.94 -21.96
CA VAL D 252 8.93 -28.75 -20.69
C VAL D 252 8.93 -30.06 -19.89
N LEU D 253 7.73 -30.58 -19.59
CA LEU D 253 7.61 -31.86 -18.89
C LEU D 253 8.52 -32.94 -19.48
N ALA D 254 8.43 -33.16 -20.78
CA ALA D 254 9.30 -34.11 -21.47
C ALA D 254 10.79 -33.89 -21.15
N ARG D 255 11.20 -32.64 -21.03
CA ARG D 255 12.59 -32.35 -20.77
C ARG D 255 12.95 -32.59 -19.33
N VAL D 256 12.15 -32.05 -18.42
CA VAL D 256 12.36 -32.30 -17.00
C VAL D 256 12.34 -33.79 -16.67
N LEU D 257 11.63 -34.58 -17.48
CA LEU D 257 11.51 -36.01 -17.23
C LEU D 257 12.60 -36.84 -17.94
N ALA D 258 13.65 -36.20 -18.44
CA ALA D 258 14.60 -36.92 -19.28
C ALA D 258 16.06 -36.82 -18.80
N VAL E 17 -39.76 -6.12 -15.34
CA VAL E 17 -40.07 -6.48 -13.90
C VAL E 17 -38.86 -6.53 -12.97
N TYR E 18 -39.00 -5.83 -11.84
CA TYR E 18 -37.91 -5.52 -10.91
C TYR E 18 -38.10 -6.23 -9.57
N ALA E 19 -37.00 -6.49 -8.88
CA ALA E 19 -36.99 -7.05 -7.52
C ALA E 19 -36.09 -6.21 -6.64
N ILE E 20 -36.58 -5.92 -5.43
CA ILE E 20 -35.85 -5.10 -4.48
C ILE E 20 -35.51 -5.95 -3.29
N ILE E 21 -34.24 -6.01 -2.95
CA ILE E 21 -33.86 -6.67 -1.70
C ILE E 21 -33.43 -5.61 -0.74
N GLY E 22 -34.16 -5.51 0.37
CA GLY E 22 -33.76 -4.69 1.52
C GLY E 22 -34.62 -5.08 2.70
N GLY E 23 -34.73 -4.21 3.69
CA GLY E 23 -35.61 -4.46 4.84
C GLY E 23 -37.08 -4.22 4.49
N THR E 24 -37.99 -4.71 5.32
CA THR E 24 -39.40 -4.32 5.20
C THR E 24 -39.43 -2.86 5.61
N GLY E 25 -40.37 -2.10 5.08
CA GLY E 25 -40.28 -0.66 5.24
C GLY E 25 -39.94 -0.08 3.90
N LEU E 26 -39.19 -0.84 3.12
CA LEU E 26 -39.06 -0.54 1.70
C LEU E 26 -40.42 -0.80 1.04
N THR E 27 -41.24 -1.59 1.71
CA THR E 27 -42.63 -1.82 1.30
C THR E 27 -43.58 -0.93 2.09
N GLN E 28 -43.10 0.22 2.55
CA GLN E 28 -43.96 1.29 3.06
C GLN E 28 -43.93 2.41 2.04
N LEU E 29 -43.57 2.05 0.82
CA LEU E 29 -43.50 2.95 -0.32
C LEU E 29 -44.90 3.36 -0.78
N GLU E 30 -45.10 4.65 -0.98
CA GLU E 30 -46.40 5.15 -1.46
C GLU E 30 -46.55 4.88 -2.96
N GLY E 31 -47.67 4.23 -3.31
CA GLY E 31 -47.97 3.86 -4.70
C GLY E 31 -47.90 2.36 -5.02
N LEU E 32 -47.49 1.56 -4.03
CA LEU E 32 -47.24 0.13 -4.19
C LEU E 32 -48.35 -0.72 -3.57
N THR E 33 -48.87 -1.66 -4.37
CA THR E 33 -49.80 -2.69 -3.88
C THR E 33 -49.05 -4.01 -3.78
N LEU E 34 -49.11 -4.64 -2.60
CA LEU E 34 -48.58 -5.99 -2.42
C LEU E 34 -49.72 -7.02 -2.48
N SER E 35 -49.83 -7.67 -3.62
CA SER E 35 -50.81 -8.73 -3.81
C SER E 35 -50.27 -10.01 -3.16
N GLU E 36 -49.89 -11.00 -3.98
CA GLU E 36 -49.55 -12.33 -3.49
C GLU E 36 -48.36 -12.36 -2.51
N SER E 37 -48.55 -13.10 -1.42
CA SER E 37 -47.52 -13.30 -0.42
C SER E 37 -47.18 -14.79 -0.31
N LEU E 38 -46.83 -15.41 -1.44
CA LEU E 38 -46.48 -16.83 -1.47
C LEU E 38 -45.08 -17.17 -0.89
N PRO E 39 -45.02 -18.21 -0.01
CA PRO E 39 -43.74 -18.70 0.53
C PRO E 39 -43.21 -19.88 -0.28
N ILE E 40 -42.14 -19.63 -1.04
CA ILE E 40 -41.55 -20.62 -1.97
C ILE E 40 -40.43 -21.46 -1.32
N GLU E 41 -40.31 -22.73 -1.69
CA GLU E 41 -39.13 -23.57 -1.39
C GLU E 41 -38.25 -23.76 -2.66
N THR E 42 -36.95 -23.96 -2.45
CA THR E 42 -35.96 -24.00 -3.53
C THR E 42 -35.03 -25.20 -3.33
N PRO E 43 -34.28 -25.63 -4.38
CA PRO E 43 -33.31 -26.73 -4.17
C PRO E 43 -32.20 -26.41 -3.15
N TYR E 44 -32.16 -25.20 -2.59
CA TYR E 44 -31.08 -24.80 -1.68
C TYR E 44 -31.53 -24.33 -0.30
N GLY E 45 -32.55 -24.98 0.26
CA GLY E 45 -33.08 -24.56 1.54
C GLY E 45 -34.10 -23.44 1.36
N ALA E 46 -34.56 -22.89 2.48
CA ALA E 46 -35.61 -21.88 2.48
C ALA E 46 -35.05 -20.46 2.34
N PRO E 47 -35.77 -19.59 1.62
CA PRO E 47 -35.40 -18.16 1.51
C PRO E 47 -35.53 -17.46 2.87
N SER E 48 -35.21 -16.17 2.94
CA SER E 48 -35.18 -15.47 4.22
C SER E 48 -36.56 -15.17 4.79
N ALA E 49 -37.54 -14.99 3.90
CA ALA E 49 -38.93 -14.67 4.21
C ALA E 49 -39.73 -14.87 2.92
N PRO E 50 -41.08 -14.83 2.99
CA PRO E 50 -41.83 -15.09 1.77
C PRO E 50 -41.62 -14.02 0.71
N LEU E 51 -41.81 -14.37 -0.56
CA LEU E 51 -41.78 -13.39 -1.64
C LEU E 51 -43.09 -12.61 -1.70
N GLN E 52 -42.98 -11.33 -2.04
CA GLN E 52 -44.16 -10.48 -2.13
C GLN E 52 -44.25 -9.75 -3.48
N ARG E 53 -45.17 -10.18 -4.33
CA ARG E 53 -45.36 -9.53 -5.63
C ARG E 53 -46.24 -8.28 -5.56
N GLY E 54 -46.14 -7.44 -6.58
CA GLY E 54 -46.99 -6.26 -6.68
C GLY E 54 -46.98 -5.56 -8.01
N ARG E 55 -47.41 -4.30 -7.99
CA ARG E 55 -47.30 -3.40 -9.13
C ARG E 55 -46.94 -2.02 -8.60
N TYR E 56 -46.07 -1.30 -9.31
CA TYR E 56 -45.78 0.10 -9.01
C TYR E 56 -45.66 0.85 -10.35
N ALA E 57 -46.59 1.81 -10.57
CA ALA E 57 -46.67 2.55 -11.83
C ALA E 57 -46.72 1.59 -13.03
N GLY E 58 -47.48 0.51 -12.86
CA GLY E 58 -47.71 -0.47 -13.93
C GLY E 58 -46.56 -1.38 -14.27
N ARG E 59 -45.65 -1.58 -13.31
CA ARG E 59 -44.60 -2.58 -13.44
C ARG E 59 -44.78 -3.65 -12.36
N GLU E 60 -44.59 -4.91 -12.76
CA GLU E 60 -44.56 -6.08 -11.87
C GLU E 60 -43.38 -5.94 -10.90
N VAL E 61 -43.63 -6.13 -9.61
CA VAL E 61 -42.61 -5.84 -8.61
C VAL E 61 -42.44 -6.97 -7.59
N LEU E 62 -41.22 -7.50 -7.51
CA LEU E 62 -40.88 -8.44 -6.47
C LEU E 62 -40.13 -7.71 -5.36
N PHE E 63 -40.55 -7.92 -4.14
CA PHE E 63 -39.81 -7.48 -2.99
C PHE E 63 -39.47 -8.72 -2.17
N LEU E 64 -38.28 -8.74 -1.57
CA LEU E 64 -37.84 -9.89 -0.77
C LEU E 64 -36.88 -9.45 0.35
N ALA E 65 -37.36 -9.51 1.60
CA ALA E 65 -36.54 -9.16 2.77
C ALA E 65 -35.40 -10.16 2.95
N ARG E 66 -34.19 -9.66 3.21
CA ARG E 66 -33.08 -10.59 3.45
C ARG E 66 -32.96 -11.10 4.90
N HIS E 67 -33.96 -10.80 5.74
CA HIS E 67 -34.04 -11.38 7.09
C HIS E 67 -35.46 -11.89 7.33
N PRO E 74 -28.81 -13.58 10.55
CA PRO E 74 -27.40 -13.18 10.73
C PRO E 74 -26.58 -13.25 9.43
N PRO E 75 -26.04 -12.11 9.00
CA PRO E 75 -25.39 -11.91 7.71
C PRO E 75 -24.72 -13.14 7.11
N HIS E 76 -23.80 -13.79 7.84
CA HIS E 76 -23.02 -14.86 7.25
C HIS E 76 -23.78 -16.17 7.13
N GLN E 77 -25.07 -16.13 7.46
CA GLN E 77 -25.92 -17.31 7.52
C GLN E 77 -27.24 -17.15 6.79
N VAL E 78 -27.49 -15.94 6.30
CA VAL E 78 -28.63 -15.70 5.45
C VAL E 78 -28.46 -16.57 4.21
N ASN E 79 -29.56 -17.14 3.74
CA ASN E 79 -29.50 -18.02 2.58
C ASN E 79 -29.66 -17.23 1.28
N TYR E 80 -28.64 -16.43 0.97
CA TYR E 80 -28.52 -15.71 -0.31
C TYR E 80 -28.79 -16.59 -1.54
N ARG E 81 -28.26 -17.81 -1.56
CA ARG E 81 -28.58 -18.76 -2.63
C ARG E 81 -30.09 -18.87 -2.79
N ALA E 82 -30.74 -19.33 -1.72
CA ALA E 82 -32.18 -19.55 -1.77
C ALA E 82 -32.94 -18.28 -2.18
N ASN E 83 -32.42 -17.11 -1.80
CA ASN E 83 -33.11 -15.87 -2.11
C ASN E 83 -33.16 -15.56 -3.60
N LEU E 84 -31.97 -15.48 -4.23
CA LEU E 84 -31.85 -15.11 -5.63
C LEU E 84 -32.49 -16.11 -6.58
N TRP E 85 -32.26 -17.40 -6.34
CA TRP E 85 -32.86 -18.43 -7.19
C TRP E 85 -34.36 -18.22 -7.26
N ALA E 86 -34.93 -17.88 -6.10
CA ALA E 86 -36.36 -17.62 -5.94
C ALA E 86 -36.78 -16.44 -6.80
N LEU E 87 -36.09 -15.33 -6.64
CA LEU E 87 -36.37 -14.14 -7.45
C LEU E 87 -36.24 -14.45 -8.95
N LYS E 88 -35.25 -15.26 -9.34
CA LYS E 88 -35.05 -15.66 -10.74
C LYS E 88 -36.27 -16.41 -11.28
N GLN E 89 -36.69 -17.40 -10.52
CA GLN E 89 -37.81 -18.27 -10.87
C GLN E 89 -39.14 -17.53 -10.82
N ALA E 90 -39.24 -16.47 -10.00
CA ALA E 90 -40.47 -15.69 -9.87
C ALA E 90 -40.61 -14.68 -11.03
N GLY E 91 -39.55 -14.56 -11.81
CA GLY E 91 -39.57 -13.79 -13.06
C GLY E 91 -38.79 -12.50 -13.04
N ALA E 92 -37.80 -12.41 -12.16
CA ALA E 92 -37.07 -11.17 -11.97
C ALA E 92 -36.14 -10.99 -13.14
N GLU E 93 -36.06 -9.75 -13.63
CA GLU E 93 -35.28 -9.44 -14.82
C GLU E 93 -34.24 -8.39 -14.50
N ALA E 94 -34.32 -7.87 -13.27
CA ALA E 94 -33.29 -7.00 -12.67
C ALA E 94 -33.49 -6.94 -11.12
N VAL E 95 -32.42 -6.68 -10.36
CA VAL E 95 -32.49 -6.58 -8.89
C VAL E 95 -31.88 -5.28 -8.34
N ILE E 96 -32.56 -4.65 -7.38
CA ILE E 96 -31.97 -3.55 -6.62
C ILE E 96 -31.81 -3.95 -5.17
N ALA E 97 -30.56 -4.07 -4.76
CA ALA E 97 -30.24 -4.38 -3.39
C ALA E 97 -29.97 -3.09 -2.64
N VAL E 98 -30.64 -2.94 -1.52
CA VAL E 98 -30.39 -1.80 -0.68
C VAL E 98 -29.53 -2.27 0.50
N ASN E 99 -28.41 -1.58 0.75
CA ASN E 99 -27.51 -1.94 1.85
C ASN E 99 -27.26 -0.87 2.91
N ALA E 100 -27.31 -1.26 4.18
CA ALA E 100 -26.76 -0.40 5.26
C ALA E 100 -25.25 -0.61 5.34
N VAL E 101 -24.49 0.47 5.30
CA VAL E 101 -23.04 0.39 5.35
C VAL E 101 -22.40 1.38 6.31
N GLY E 102 -21.17 1.09 6.72
CA GLY E 102 -20.34 2.06 7.42
C GLY E 102 -19.52 2.78 6.38
N GLY E 103 -19.21 4.05 6.62
CA GLY E 103 -18.49 4.90 5.66
C GLY E 103 -17.02 5.05 6.00
N ILE E 104 -16.16 4.55 5.11
CA ILE E 104 -14.70 4.64 5.25
C ILE E 104 -14.23 5.94 4.62
N HIS E 105 -14.70 6.26 3.39
CA HIS E 105 -14.33 7.51 2.71
C HIS E 105 -14.82 8.76 3.45
N ALA E 106 -13.92 9.71 3.61
CA ALA E 106 -14.22 10.91 4.41
C ALA E 106 -15.37 11.69 3.81
N ALA E 107 -15.57 11.54 2.51
CA ALA E 107 -16.66 12.22 1.80
C ALA E 107 -18.04 11.56 2.03
N MET E 108 -18.07 10.36 2.60
CA MET E 108 -19.29 9.58 2.73
C MET E 108 -19.69 9.35 4.19
N GLY E 109 -20.10 10.42 4.87
CA GLY E 109 -20.52 10.32 6.28
C GLY E 109 -21.90 9.71 6.52
N THR E 110 -22.34 9.75 7.78
CA THR E 110 -23.65 9.26 8.13
C THR E 110 -24.68 9.94 7.23
N GLY E 111 -25.55 9.13 6.64
CA GLY E 111 -26.67 9.64 5.88
C GLY E 111 -26.43 9.84 4.40
N HIS E 112 -25.18 9.67 3.97
CA HIS E 112 -24.80 9.67 2.56
C HIS E 112 -25.43 8.48 1.84
N LEU E 113 -25.84 8.69 0.61
CA LEU E 113 -26.19 7.58 -0.27
C LEU E 113 -25.08 7.33 -1.30
N CYS E 114 -24.63 6.08 -1.39
CA CYS E 114 -23.59 5.70 -2.35
C CYS E 114 -24.11 4.66 -3.29
N VAL E 115 -23.79 4.81 -4.57
CA VAL E 115 -24.09 3.78 -5.57
C VAL E 115 -22.78 3.16 -6.04
N PRO E 116 -22.30 2.09 -5.37
CA PRO E 116 -20.97 1.53 -5.68
C PRO E 116 -20.84 0.99 -7.14
N HIS E 117 -19.60 0.88 -7.65
CA HIS E 117 -19.33 0.25 -8.96
C HIS E 117 -18.38 -0.94 -8.84
N GLN E 118 -17.77 -1.09 -7.66
CA GLN E 118 -16.86 -2.18 -7.41
C GLN E 118 -17.10 -2.73 -6.03
N LEU E 119 -16.51 -3.89 -5.76
CA LEU E 119 -16.56 -4.46 -4.44
C LEU E 119 -15.32 -5.30 -4.21
N ILE E 120 -14.96 -5.49 -2.96
CA ILE E 120 -13.87 -6.39 -2.61
C ILE E 120 -14.42 -7.30 -1.55
N ASP E 121 -14.22 -8.60 -1.72
CA ASP E 121 -14.93 -9.58 -0.91
C ASP E 121 -14.08 -10.21 0.21
N TYR E 122 -14.38 -9.89 1.45
CA TYR E 122 -13.65 -10.44 2.58
C TYR E 122 -14.47 -11.42 3.39
N THR E 123 -15.57 -11.91 2.85
CA THR E 123 -16.37 -12.90 3.56
C THR E 123 -15.80 -14.27 3.28
N SER E 124 -16.36 -15.28 3.95
CA SER E 124 -15.99 -16.69 3.78
C SER E 124 -16.97 -17.52 4.63
N GLY E 125 -16.91 -18.85 4.52
CA GLY E 125 -17.84 -19.71 5.23
C GLY E 125 -19.29 -19.68 4.77
N ARG E 126 -19.58 -18.94 3.71
CA ARG E 126 -20.94 -18.78 3.16
C ARG E 126 -21.19 -19.61 1.89
N GLU E 127 -22.43 -20.03 1.68
CA GLU E 127 -22.78 -20.69 0.42
C GLU E 127 -22.75 -19.62 -0.65
N HIS E 128 -21.68 -19.59 -1.44
CA HIS E 128 -21.41 -18.48 -2.36
C HIS E 128 -21.61 -18.77 -3.85
N THR E 129 -21.92 -20.01 -4.22
CA THR E 129 -22.08 -20.34 -5.63
C THR E 129 -23.12 -21.42 -5.91
N TYR E 130 -23.70 -21.37 -7.10
CA TYR E 130 -24.64 -22.40 -7.55
C TYR E 130 -23.87 -23.58 -8.10
N PHE E 131 -22.55 -23.42 -8.19
CA PHE E 131 -21.67 -24.43 -8.78
C PHE E 131 -20.81 -25.15 -7.74
N ALA E 132 -21.48 -25.90 -6.85
CA ALA E 132 -20.83 -26.74 -5.86
C ALA E 132 -21.47 -28.13 -5.87
N GLY E 133 -21.05 -29.00 -4.96
CA GLY E 133 -21.64 -30.34 -4.80
C GLY E 133 -21.69 -31.21 -6.06
N ASP E 134 -22.91 -31.67 -6.39
CA ASP E 134 -23.21 -32.53 -7.56
C ASP E 134 -22.67 -32.00 -8.90
N ILE E 135 -23.48 -31.17 -9.58
CA ILE E 135 -23.21 -30.56 -10.93
C ILE E 135 -22.45 -31.37 -12.00
N GLU E 136 -22.99 -31.36 -13.23
CA GLU E 136 -22.26 -31.95 -14.35
C GLU E 136 -21.24 -30.97 -14.96
N HIS E 137 -21.52 -29.68 -14.80
CA HIS E 137 -20.64 -28.66 -15.32
C HIS E 137 -20.49 -27.47 -14.38
N VAL E 138 -19.26 -26.94 -14.38
CA VAL E 138 -18.79 -25.93 -13.44
C VAL E 138 -18.52 -24.64 -14.18
N THR E 139 -19.15 -23.55 -13.80
CA THR E 139 -18.95 -22.30 -14.52
C THR E 139 -18.16 -21.29 -13.72
N HIS E 140 -17.03 -20.89 -14.28
CA HIS E 140 -16.31 -19.81 -13.68
C HIS E 140 -16.85 -18.57 -14.36
N ILE E 141 -17.80 -17.89 -13.72
CA ILE E 141 -18.31 -16.63 -14.29
C ILE E 141 -17.30 -15.49 -14.23
N ASP E 142 -17.38 -14.61 -15.22
CA ASP E 142 -16.64 -13.38 -15.14
C ASP E 142 -17.35 -12.45 -14.18
N PHE E 143 -16.58 -11.78 -13.32
CA PHE E 143 -17.19 -10.91 -12.32
C PHE E 143 -16.43 -9.60 -12.24
N SER E 144 -15.79 -9.23 -13.34
CA SER E 144 -15.02 -7.98 -13.42
C SER E 144 -15.82 -6.78 -12.94
N HIS E 145 -17.04 -6.62 -13.46
CA HIS E 145 -17.94 -5.53 -13.05
C HIS E 145 -19.14 -6.09 -12.33
N PRO E 146 -19.14 -6.02 -11.00
CA PRO E 146 -20.12 -6.74 -10.16
C PRO E 146 -21.51 -6.13 -10.17
N TYR E 147 -21.60 -4.84 -10.46
CA TYR E 147 -22.89 -4.19 -10.51
C TYR E 147 -23.22 -3.84 -11.94
N ASP E 148 -24.50 -3.96 -12.30
CA ASP E 148 -24.93 -3.69 -13.68
C ASP E 148 -24.97 -2.19 -13.99
N GLU E 149 -24.25 -1.77 -15.03
CA GLU E 149 -24.16 -0.34 -15.37
C GLU E 149 -25.52 0.41 -15.63
N PRO E 150 -26.41 -0.16 -16.50
CA PRO E 150 -27.74 0.44 -16.69
C PRO E 150 -28.53 0.62 -15.39
N LEU E 151 -28.49 -0.35 -14.46
CA LEU E 151 -29.21 -0.18 -13.19
C LEU E 151 -28.54 0.83 -12.27
N ARG E 152 -27.23 0.97 -12.36
CA ARG E 152 -26.55 2.04 -11.65
C ARG E 152 -27.00 3.38 -12.22
N GLN E 153 -27.13 3.45 -13.54
CA GLN E 153 -27.44 4.72 -14.15
C GLN E 153 -28.84 5.16 -13.79
N ARG E 154 -29.75 4.22 -13.67
CA ARG E 154 -31.13 4.56 -13.30
C ARG E 154 -31.20 5.11 -11.88
N LEU E 155 -30.50 4.41 -10.98
CA LEU E 155 -30.23 4.87 -9.62
C LEU E 155 -29.61 6.27 -9.56
N ILE E 156 -28.48 6.44 -10.24
CA ILE E 156 -27.82 7.73 -10.26
C ILE E 156 -28.73 8.82 -10.85
N GLU E 157 -29.37 8.52 -12.00
CA GLU E 157 -30.30 9.48 -12.64
C GLU E 157 -31.33 9.95 -11.62
N ALA E 158 -31.85 9.00 -10.84
CA ALA E 158 -32.83 9.26 -9.80
C ALA E 158 -32.30 10.13 -8.66
N LEU E 159 -31.07 9.85 -8.21
CA LEU E 159 -30.52 10.63 -7.13
C LEU E 159 -30.35 12.07 -7.56
N ARG E 160 -29.92 12.25 -8.81
CA ARG E 160 -29.76 13.58 -9.42
C ARG E 160 -31.08 14.33 -9.43
N ALA E 161 -32.11 13.74 -10.05
CA ALA E 161 -33.44 14.38 -10.14
C ALA E 161 -34.03 14.85 -8.80
N LEU E 162 -33.84 14.03 -7.76
CA LEU E 162 -34.37 14.34 -6.44
C LEU E 162 -33.49 15.34 -5.70
N GLY E 163 -32.35 15.68 -6.29
CA GLY E 163 -31.37 16.53 -5.63
C GLY E 163 -30.86 16.01 -4.29
N LEU E 164 -30.63 14.69 -4.22
CA LEU E 164 -30.05 14.05 -3.03
C LEU E 164 -28.52 13.94 -3.10
N ALA E 165 -27.89 14.05 -1.93
CA ALA E 165 -26.42 14.08 -1.84
C ALA E 165 -25.86 12.67 -1.96
N HIS E 166 -25.11 12.43 -3.02
CA HIS E 166 -24.68 11.07 -3.28
C HIS E 166 -23.35 10.99 -3.97
N SER E 167 -22.87 9.75 -4.08
CA SER E 167 -21.69 9.43 -4.86
C SER E 167 -22.11 8.53 -6.02
N SER E 168 -21.64 8.87 -7.20
CA SER E 168 -22.00 8.12 -8.37
C SER E 168 -21.23 6.83 -8.45
N HIS E 169 -20.16 6.67 -7.68
CA HIS E 169 -19.29 5.50 -7.78
C HIS E 169 -18.72 5.20 -6.38
N GLY E 170 -18.09 4.05 -6.18
CA GLY E 170 -17.55 3.71 -4.87
C GLY E 170 -17.20 2.24 -4.76
N VAL E 171 -16.22 1.91 -3.92
CA VAL E 171 -15.86 0.50 -3.74
C VAL E 171 -16.45 -0.07 -2.45
N TYR E 172 -17.20 -1.16 -2.59
CA TYR E 172 -17.89 -1.81 -1.46
C TYR E 172 -17.06 -2.95 -0.84
N ALA E 173 -16.74 -2.82 0.44
CA ALA E 173 -16.10 -3.91 1.16
C ALA E 173 -17.17 -4.75 1.84
N CYS E 174 -17.16 -6.06 1.57
CA CYS E 174 -18.13 -6.94 2.21
CA CYS E 174 -18.12 -6.98 2.14
C CYS E 174 -17.47 -7.85 3.23
N THR E 175 -17.64 -7.48 4.48
CA THR E 175 -17.01 -8.21 5.59
C THR E 175 -17.92 -9.29 6.14
N GLN E 176 -17.39 -10.09 7.05
CA GLN E 176 -18.09 -11.30 7.47
C GLN E 176 -19.10 -11.07 8.61
N GLY E 177 -18.78 -10.18 9.54
CA GLY E 177 -19.62 -9.95 10.72
C GLY E 177 -19.71 -11.18 11.64
N PRO E 178 -20.75 -11.25 12.51
CA PRO E 178 -21.75 -10.22 12.82
C PRO E 178 -21.13 -9.03 13.54
N ARG E 179 -19.96 -9.22 14.15
CA ARG E 179 -19.24 -8.15 14.86
C ARG E 179 -18.79 -7.07 13.90
N LEU E 180 -18.61 -5.85 14.40
CA LEU E 180 -18.08 -4.79 13.56
C LEU E 180 -16.55 -4.92 13.46
N GLU E 181 -15.92 -4.08 12.64
CA GLU E 181 -14.48 -4.13 12.43
C GLU E 181 -13.64 -3.42 13.49
N THR E 182 -12.39 -3.84 13.52
CA THR E 182 -11.29 -3.26 14.26
C THR E 182 -10.86 -1.96 13.58
N VAL E 183 -10.21 -1.05 14.30
CA VAL E 183 -9.74 0.20 13.68
C VAL E 183 -8.73 -0.14 12.59
N ALA E 184 -7.82 -1.06 12.93
CA ALA E 184 -6.82 -1.54 11.98
C ALA E 184 -7.42 -2.37 10.84
N GLU E 185 -8.49 -3.10 11.09
CA GLU E 185 -9.15 -3.77 9.97
C GLU E 185 -9.64 -2.72 8.99
N ILE E 186 -10.34 -1.71 9.51
CA ILE E 186 -10.78 -0.59 8.68
C ILE E 186 -9.63 0.02 7.89
N ALA E 187 -8.52 0.34 8.57
CA ALA E 187 -7.37 0.93 7.85
C ALA E 187 -6.85 0.05 6.71
N ARG E 188 -6.85 -1.27 6.87
CA ARG E 188 -6.44 -2.11 5.75
C ARG E 188 -7.50 -2.21 4.68
N LEU E 189 -8.76 -2.07 5.06
CA LEU E 189 -9.80 -1.92 4.05
C LEU E 189 -9.60 -0.59 3.28
N GLU E 190 -9.24 0.48 3.99
CA GLU E 190 -8.95 1.75 3.35
C GLU E 190 -7.74 1.64 2.43
N ARG E 191 -6.66 1.03 2.94
CA ARG E 191 -5.49 0.71 2.13
C ARG E 191 -5.87 -0.11 0.89
N ASP E 192 -7.00 -0.78 0.89
CA ASP E 192 -7.36 -1.61 -0.27
C ASP E 192 -8.17 -0.89 -1.33
N GLY E 193 -8.55 0.36 -1.07
CA GLY E 193 -9.29 1.18 -2.05
C GLY E 193 -10.80 1.21 -1.79
N ASN E 194 -11.20 0.63 -0.67
CA ASN E 194 -12.60 0.59 -0.27
C ASN E 194 -13.10 1.94 0.22
N ASP E 195 -14.41 2.17 0.03
CA ASP E 195 -15.06 3.42 0.46
C ASP E 195 -16.12 3.14 1.52
N ILE E 196 -16.88 2.07 1.34
CA ILE E 196 -17.92 1.67 2.30
C ILE E 196 -17.75 0.21 2.74
N VAL E 197 -18.39 -0.15 3.85
CA VAL E 197 -18.28 -1.50 4.40
C VAL E 197 -19.64 -2.04 4.88
N GLY E 198 -19.93 -3.28 4.54
CA GLY E 198 -21.19 -3.90 4.84
C GLY E 198 -20.99 -5.40 4.85
N MET E 199 -21.97 -6.13 5.38
CA MET E 199 -21.84 -7.56 5.61
C MET E 199 -22.77 -8.40 4.73
N THR E 200 -23.39 -7.78 3.74
CA THR E 200 -24.46 -8.43 3.02
C THR E 200 -24.32 -8.31 1.51
N GLY E 201 -23.35 -7.51 1.06
CA GLY E 201 -23.10 -7.36 -0.37
C GLY E 201 -22.65 -8.63 -1.09
N MET E 202 -21.88 -9.47 -0.41
CA MET E 202 -21.45 -10.76 -0.95
C MET E 202 -21.94 -11.94 -0.12
N PRO E 203 -22.33 -13.06 -0.78
CA PRO E 203 -22.25 -13.39 -2.21
C PRO E 203 -23.45 -12.98 -3.07
N GLU E 204 -24.31 -12.14 -2.52
CA GLU E 204 -25.49 -11.67 -3.24
C GLU E 204 -25.17 -11.24 -4.68
N ALA E 205 -24.24 -10.30 -4.84
CA ALA E 205 -23.89 -9.85 -6.16
C ALA E 205 -23.47 -11.02 -7.07
N ALA E 206 -22.53 -11.82 -6.59
CA ALA E 206 -21.99 -12.91 -7.39
C ALA E 206 -23.07 -13.94 -7.74
N LEU E 207 -23.96 -14.24 -6.79
CA LEU E 207 -25.04 -15.19 -7.07
C LEU E 207 -25.92 -14.63 -8.15
N ALA E 208 -26.38 -13.39 -7.99
CA ALA E 208 -27.17 -12.70 -9.02
C ALA E 208 -26.53 -12.85 -10.41
N ARG E 209 -25.23 -12.67 -10.46
CA ARG E 209 -24.52 -12.84 -11.70
C ARG E 209 -24.60 -14.27 -12.25
N GLU E 210 -24.40 -15.28 -11.41
CA GLU E 210 -24.50 -16.68 -11.88
C GLU E 210 -25.85 -17.05 -12.50
N LEU E 211 -26.90 -16.27 -12.21
CA LEU E 211 -28.22 -16.49 -12.80
C LEU E 211 -28.56 -15.48 -13.89
N ASP E 212 -27.54 -14.91 -14.55
CA ASP E 212 -27.73 -13.78 -15.51
C ASP E 212 -28.86 -12.77 -15.13
N LEU E 213 -28.91 -12.43 -13.84
CA LEU E 213 -29.76 -11.36 -13.32
C LEU E 213 -28.97 -10.05 -13.18
N PRO E 214 -29.34 -9.03 -13.94
CA PRO E 214 -28.75 -7.71 -13.69
C PRO E 214 -29.05 -7.22 -12.26
N TYR E 215 -28.00 -6.82 -11.54
CA TYR E 215 -28.03 -6.49 -10.12
C TYR E 215 -27.23 -5.21 -9.91
N ALA E 216 -27.74 -4.35 -9.05
CA ALA E 216 -27.05 -3.13 -8.66
C ALA E 216 -27.36 -2.91 -7.21
N CYS E 217 -26.52 -2.13 -6.53
CA CYS E 217 -26.73 -1.85 -5.11
C CYS E 217 -26.82 -0.35 -4.84
N LEU E 218 -27.62 0.03 -3.85
CA LEU E 218 -27.70 1.41 -3.39
C LEU E 218 -27.47 1.41 -1.90
N ALA E 219 -26.31 1.88 -1.48
CA ALA E 219 -25.93 1.82 -0.09
C ALA E 219 -26.11 3.14 0.67
N LEU E 220 -26.62 3.01 1.88
CA LEU E 220 -26.84 4.12 2.77
C LEU E 220 -25.82 4.10 3.92
N VAL E 221 -24.96 5.09 4.00
CA VAL E 221 -23.99 5.08 5.07
C VAL E 221 -24.73 5.37 6.36
N VAL E 222 -24.57 4.53 7.37
CA VAL E 222 -25.31 4.67 8.64
C VAL E 222 -24.41 4.88 9.84
N ASN E 223 -23.11 4.90 9.60
CA ASN E 223 -22.13 5.23 10.62
C ASN E 223 -20.76 5.39 9.97
N PRO E 224 -19.91 6.23 10.57
CA PRO E 224 -18.52 6.21 10.15
C PRO E 224 -17.93 4.85 10.52
N ALA E 225 -17.09 4.28 9.67
CA ALA E 225 -16.38 3.04 10.00
C ALA E 225 -15.57 3.20 11.29
N ALA E 226 -15.23 2.10 11.96
CA ALA E 226 -14.43 2.14 13.16
C ALA E 226 -13.24 3.11 13.06
N GLY E 227 -13.12 3.98 14.05
CA GLY E 227 -11.99 4.90 14.10
C GLY E 227 -12.08 6.04 13.11
N LYS E 228 -13.22 6.20 12.44
CA LYS E 228 -13.42 7.34 11.56
C LYS E 228 -14.04 8.50 12.28
N SER E 229 -14.53 8.27 13.49
CA SER E 229 -15.15 9.35 14.25
C SER E 229 -14.74 9.41 15.74
N ALA E 230 -15.44 10.30 16.45
CA ALA E 230 -15.25 10.57 17.86
C ALA E 230 -15.35 9.29 18.69
N GLY E 231 -16.59 8.86 18.93
CA GLY E 231 -16.87 7.81 19.92
C GLY E 231 -16.63 6.38 19.44
N ILE E 232 -17.57 5.49 19.80
CA ILE E 232 -17.65 4.13 19.26
C ILE E 232 -18.88 4.05 18.35
N ILE E 233 -19.07 2.89 17.74
CA ILE E 233 -20.25 2.67 16.92
C ILE E 233 -21.28 1.99 17.80
N THR E 234 -22.49 2.54 17.79
CA THR E 234 -23.57 2.05 18.65
C THR E 234 -24.84 1.87 17.84
N MET E 235 -25.71 0.98 18.34
CA MET E 235 -26.97 0.63 17.67
C MET E 235 -27.99 1.77 17.77
N ALA E 236 -27.87 2.61 18.81
CA ALA E 236 -28.66 3.83 18.91
C ALA E 236 -28.36 4.75 17.73
N GLU E 237 -27.07 4.92 17.43
CA GLU E 237 -26.61 5.78 16.35
C GLU E 237 -26.99 5.25 14.96
N ILE E 238 -26.79 3.95 14.76
CA ILE E 238 -27.06 3.29 13.50
C ILE E 238 -28.54 3.27 13.16
N GLU E 239 -29.39 3.10 14.17
CA GLU E 239 -30.82 3.02 13.96
C GLU E 239 -31.50 4.35 13.71
N GLN E 240 -30.97 5.40 14.31
CA GLN E 240 -31.41 6.76 13.98
C GLN E 240 -31.16 7.02 12.49
N ALA E 241 -29.92 6.82 12.05
CA ALA E 241 -29.55 6.99 10.64
C ALA E 241 -30.44 6.21 9.67
N LEU E 242 -30.82 4.99 10.06
CA LEU E 242 -31.76 4.17 9.30
C LEU E 242 -33.16 4.78 9.31
N HIS E 243 -33.62 5.18 10.49
CA HIS E 243 -34.87 5.92 10.64
C HIS E 243 -34.86 7.22 9.79
N ASP E 244 -33.79 8.01 9.88
CA ASP E 244 -33.59 9.21 9.06
C ASP E 244 -33.54 8.94 7.55
N GLY E 245 -32.84 7.88 7.14
CA GLY E 245 -32.51 7.68 5.75
C GLY E 245 -33.55 6.96 4.93
N ILE E 246 -34.29 6.06 5.57
CA ILE E 246 -35.22 5.18 4.87
C ILE E 246 -36.11 5.92 3.84
N GLY E 247 -36.52 7.14 4.20
CA GLY E 247 -37.44 7.94 3.38
C GLY E 247 -36.83 8.28 2.04
N LYS E 248 -35.64 8.88 2.09
CA LYS E 248 -34.85 9.16 0.88
C LYS E 248 -34.75 7.90 0.01
N VAL E 249 -34.48 6.77 0.65
CA VAL E 249 -34.30 5.51 -0.04
C VAL E 249 -35.58 5.12 -0.77
N ARG E 250 -36.72 5.25 -0.09
CA ARG E 250 -38.01 4.95 -0.72
C ARG E 250 -38.32 5.90 -1.88
N GLU E 251 -38.10 7.19 -1.69
CA GLU E 251 -38.23 8.12 -2.81
C GLU E 251 -37.39 7.70 -4.04
N VAL E 252 -36.13 7.26 -3.83
CA VAL E 252 -35.27 6.78 -4.92
C VAL E 252 -35.88 5.57 -5.64
N LEU E 253 -36.30 4.56 -4.88
CA LEU E 253 -36.87 3.36 -5.49
C LEU E 253 -38.18 3.66 -6.23
N ALA E 254 -38.96 4.59 -5.69
CA ALA E 254 -40.22 4.96 -6.29
C ALA E 254 -39.94 5.43 -7.71
N ARG E 255 -38.95 6.33 -7.83
CA ARG E 255 -38.62 6.88 -9.13
C ARG E 255 -38.10 5.81 -10.06
N VAL E 256 -37.24 4.94 -9.54
CA VAL E 256 -36.57 3.96 -10.37
C VAL E 256 -37.55 2.96 -10.95
N LEU E 257 -38.69 2.77 -10.29
CA LEU E 257 -39.73 1.88 -10.80
C LEU E 257 -40.71 2.64 -11.71
N ALA E 258 -40.61 3.96 -11.74
CA ALA E 258 -41.57 4.80 -12.47
C ALA E 258 -41.41 4.76 -14.01
N SER F 16 -10.96 -8.85 42.83
CA SER F 16 -11.59 -9.06 41.49
C SER F 16 -10.94 -10.23 40.71
N VAL F 17 -11.76 -11.01 40.03
CA VAL F 17 -11.29 -12.30 39.53
C VAL F 17 -10.70 -12.20 38.12
N TYR F 18 -9.41 -12.50 38.01
CA TYR F 18 -8.66 -12.47 36.75
C TYR F 18 -8.50 -13.89 36.22
N ALA F 19 -8.64 -14.04 34.91
CA ALA F 19 -8.52 -15.35 34.28
C ALA F 19 -7.37 -15.31 33.31
N ILE F 20 -6.54 -16.36 33.32
CA ILE F 20 -5.37 -16.38 32.48
C ILE F 20 -5.49 -17.49 31.46
N ILE F 21 -5.39 -17.12 30.19
CA ILE F 21 -5.31 -18.08 29.09
C ILE F 21 -3.93 -18.08 28.49
N GLY F 22 -3.35 -19.28 28.44
CA GLY F 22 -2.07 -19.50 27.79
C GLY F 22 -1.70 -20.94 28.06
N GLY F 23 -0.46 -21.31 27.77
CA GLY F 23 -0.02 -22.67 28.12
C GLY F 23 -0.01 -22.87 29.63
N THR F 24 -0.08 -24.11 30.08
CA THR F 24 0.21 -24.41 31.49
C THR F 24 1.69 -24.13 31.65
N GLY F 25 2.18 -24.10 32.87
CA GLY F 25 3.57 -23.70 33.04
C GLY F 25 3.59 -22.20 33.17
N LEU F 26 2.45 -21.57 32.86
CA LEU F 26 2.15 -20.25 33.37
C LEU F 26 1.68 -20.43 34.80
N THR F 27 1.24 -21.65 35.12
CA THR F 27 0.70 -21.96 36.44
C THR F 27 1.82 -22.12 37.48
N GLN F 28 3.07 -21.95 37.04
CA GLN F 28 4.26 -22.21 37.86
C GLN F 28 4.70 -21.04 38.73
N LEU F 29 3.83 -20.04 38.90
CA LEU F 29 4.12 -18.87 39.72
C LEU F 29 4.50 -19.24 41.15
N GLU F 30 5.63 -18.69 41.62
CA GLU F 30 6.12 -18.97 42.96
C GLU F 30 5.11 -18.43 43.97
N GLY F 31 4.64 -19.31 44.84
CA GLY F 31 3.54 -18.98 45.75
C GLY F 31 2.23 -18.92 44.99
N LEU F 32 1.99 -19.92 44.15
CA LEU F 32 0.69 -20.15 43.56
C LEU F 32 0.14 -21.48 44.05
N THR F 33 -0.99 -21.42 44.74
CA THR F 33 -1.73 -22.63 45.10
C THR F 33 -2.67 -22.96 43.94
N LEU F 34 -2.53 -24.18 43.42
CA LEU F 34 -3.37 -24.65 42.32
C LEU F 34 -4.52 -25.46 42.91
N SER F 35 -5.58 -24.75 43.35
CA SER F 35 -6.65 -25.38 44.15
C SER F 35 -7.53 -26.40 43.39
N GLU F 36 -7.46 -26.39 42.05
CA GLU F 36 -8.00 -27.48 41.18
C GLU F 36 -9.33 -28.08 41.67
N SER F 37 -10.44 -27.94 40.95
CA SER F 37 -10.58 -27.64 39.53
C SER F 37 -11.64 -28.65 39.10
N LEU F 38 -12.39 -28.37 38.04
CA LEU F 38 -13.51 -29.24 37.65
C LEU F 38 -13.85 -29.19 36.15
N PRO F 39 -14.34 -30.32 35.57
CA PRO F 39 -14.74 -30.34 34.15
C PRO F 39 -16.13 -29.72 33.93
N ILE F 40 -16.18 -28.71 33.05
CA ILE F 40 -17.38 -27.88 32.84
C ILE F 40 -18.06 -28.26 31.54
N GLU F 41 -19.37 -28.05 31.48
CA GLU F 41 -20.13 -28.25 30.26
C GLU F 41 -20.68 -26.90 29.80
N THR F 42 -20.86 -26.74 28.49
CA THR F 42 -21.31 -25.46 27.91
C THR F 42 -22.29 -25.69 26.76
N PRO F 43 -23.12 -24.68 26.41
CA PRO F 43 -24.06 -24.87 25.31
C PRO F 43 -23.33 -24.92 23.99
N TYR F 44 -22.02 -24.67 24.00
CA TYR F 44 -21.25 -24.61 22.76
C TYR F 44 -20.24 -25.75 22.64
N GLY F 45 -20.09 -26.51 23.72
CA GLY F 45 -19.28 -27.73 23.69
C GLY F 45 -18.39 -27.96 24.90
N ALA F 46 -17.25 -28.60 24.65
CA ALA F 46 -16.27 -28.94 25.68
C ALA F 46 -15.07 -27.99 25.58
N PRO F 47 -14.73 -27.28 26.68
CA PRO F 47 -13.57 -26.41 26.75
C PRO F 47 -12.29 -27.23 26.71
N SER F 48 -11.22 -26.62 26.20
CA SER F 48 -9.95 -27.32 25.93
C SER F 48 -9.38 -28.16 27.09
N ALA F 49 -9.53 -27.67 28.32
CA ALA F 49 -8.99 -28.33 29.51
C ALA F 49 -9.90 -28.08 30.70
N PRO F 50 -9.83 -28.95 31.72
CA PRO F 50 -10.53 -28.60 32.95
C PRO F 50 -9.99 -27.28 33.48
N LEU F 51 -10.88 -26.43 33.98
CA LEU F 51 -10.48 -25.14 34.55
C LEU F 51 -9.78 -25.33 35.87
N GLN F 52 -8.66 -24.64 36.04
CA GLN F 52 -7.94 -24.68 37.28
C GLN F 52 -8.22 -23.40 38.05
N ARG F 53 -8.89 -23.54 39.19
CA ARG F 53 -9.21 -22.43 40.07
C ARG F 53 -8.13 -22.36 41.16
N GLY F 54 -7.64 -21.13 41.41
CA GLY F 54 -6.59 -20.90 42.40
C GLY F 54 -6.69 -19.53 43.06
N ARG F 55 -5.83 -19.33 44.06
CA ARG F 55 -5.72 -18.09 44.81
C ARG F 55 -4.35 -17.47 44.47
N TYR F 56 -4.31 -16.16 44.29
CA TYR F 56 -3.01 -15.48 44.25
C TYR F 56 -2.98 -14.20 45.11
N ALA F 57 -2.25 -14.26 46.23
CA ALA F 57 -2.17 -13.17 47.19
C ALA F 57 -3.50 -12.44 47.34
N GLY F 58 -4.47 -13.11 47.97
CA GLY F 58 -5.82 -12.57 48.21
C GLY F 58 -6.77 -12.66 47.02
N ARG F 59 -6.21 -12.70 45.81
CA ARG F 59 -6.99 -12.69 44.58
C ARG F 59 -7.40 -14.09 44.12
N GLU F 60 -8.62 -14.17 43.59
CA GLU F 60 -9.10 -15.36 42.92
C GLU F 60 -8.64 -15.27 41.48
N VAL F 61 -8.06 -16.37 41.00
CA VAL F 61 -7.53 -16.44 39.64
C VAL F 61 -8.03 -17.72 38.95
N LEU F 62 -8.48 -17.62 37.70
CA LEU F 62 -8.76 -18.81 36.89
C LEU F 62 -7.75 -18.98 35.75
N PHE F 63 -7.36 -20.22 35.53
CA PHE F 63 -6.47 -20.59 34.42
C PHE F 63 -7.17 -21.52 33.46
N LEU F 64 -6.85 -21.38 32.17
CA LEU F 64 -7.35 -22.28 31.17
C LEU F 64 -6.30 -22.39 30.08
N ALA F 65 -5.77 -23.60 29.91
CA ALA F 65 -4.84 -23.91 28.84
C ALA F 65 -5.64 -24.04 27.55
N ARG F 66 -5.28 -23.30 26.49
CA ARG F 66 -6.06 -23.44 25.26
C ARG F 66 -5.80 -24.71 24.41
N HIS F 67 -4.82 -25.53 24.81
CA HIS F 67 -4.57 -26.82 24.13
C HIS F 67 -4.89 -28.02 25.09
N GLY F 68 -4.09 -29.10 25.11
CA GLY F 68 -4.47 -30.31 25.88
C GLY F 68 -3.37 -31.29 26.26
N PHE F 73 -5.22 -30.43 19.87
CA PHE F 73 -6.01 -29.30 19.33
C PHE F 73 -5.17 -28.26 18.61
N PRO F 74 -5.34 -28.13 17.27
CA PRO F 74 -4.68 -27.06 16.52
C PRO F 74 -5.44 -25.74 16.65
N PRO F 75 -4.72 -24.60 16.55
CA PRO F 75 -5.34 -23.28 16.76
C PRO F 75 -6.71 -23.03 16.07
N HIS F 76 -6.87 -23.46 14.82
CA HIS F 76 -8.13 -23.26 14.10
C HIS F 76 -9.25 -24.16 14.63
N GLN F 77 -8.92 -25.03 15.58
CA GLN F 77 -9.90 -25.98 16.09
C GLN F 77 -10.17 -25.88 17.59
N VAL F 78 -9.38 -25.11 18.30
CA VAL F 78 -9.65 -24.76 19.69
C VAL F 78 -11.09 -24.21 19.78
N ASN F 79 -11.78 -24.54 20.88
CA ASN F 79 -13.18 -24.20 21.10
C ASN F 79 -13.23 -23.01 22.06
N TYR F 80 -12.92 -21.85 21.49
CA TYR F 80 -12.86 -20.57 22.18
C TYR F 80 -14.20 -20.20 22.77
N ARG F 81 -15.27 -20.53 22.06
CA ARG F 81 -16.61 -20.24 22.48
C ARG F 81 -16.89 -20.84 23.86
N ALA F 82 -16.51 -22.11 24.03
CA ALA F 82 -16.75 -22.82 25.29
C ALA F 82 -15.80 -22.29 26.35
N ASN F 83 -14.52 -22.19 25.98
CA ASN F 83 -13.48 -21.69 26.86
C ASN F 83 -13.91 -20.40 27.52
N LEU F 84 -14.26 -19.42 26.70
CA LEU F 84 -14.69 -18.12 27.22
C LEU F 84 -15.97 -18.24 28.02
N TRP F 85 -16.99 -18.85 27.41
CA TRP F 85 -18.28 -18.99 28.08
C TRP F 85 -18.04 -19.55 29.46
N ALA F 86 -17.28 -20.65 29.55
CA ALA F 86 -17.01 -21.28 30.84
C ALA F 86 -16.32 -20.34 31.81
N LEU F 87 -15.38 -19.55 31.30
CA LEU F 87 -14.67 -18.57 32.11
C LEU F 87 -15.60 -17.47 32.62
N LYS F 88 -16.55 -17.04 31.80
CA LYS F 88 -17.59 -16.09 32.26
C LYS F 88 -18.47 -16.74 33.32
N GLN F 89 -18.86 -17.99 33.08
CA GLN F 89 -19.72 -18.71 34.01
C GLN F 89 -19.04 -19.05 35.35
N ALA F 90 -17.71 -19.13 35.34
CA ALA F 90 -16.97 -19.41 36.56
C ALA F 90 -16.73 -18.13 37.35
N GLY F 91 -17.04 -16.99 36.73
CA GLY F 91 -17.09 -15.70 37.44
C GLY F 91 -15.98 -14.72 37.12
N ALA F 92 -15.17 -15.06 36.12
CA ALA F 92 -14.14 -14.18 35.60
C ALA F 92 -14.68 -12.76 35.37
N GLU F 93 -13.84 -11.78 35.63
CA GLU F 93 -14.21 -10.36 35.54
C GLU F 93 -13.22 -9.66 34.61
N ALA F 94 -12.13 -10.36 34.31
CA ALA F 94 -11.03 -9.88 33.48
C ALA F 94 -10.28 -11.09 32.94
N VAL F 95 -9.79 -10.97 31.71
CA VAL F 95 -9.06 -12.04 31.08
C VAL F 95 -7.73 -11.54 30.56
N ILE F 96 -6.65 -12.12 31.08
CA ILE F 96 -5.33 -11.94 30.46
C ILE F 96 -4.99 -13.10 29.54
N ALA F 97 -4.68 -12.79 28.30
CA ALA F 97 -4.33 -13.79 27.35
C ALA F 97 -2.84 -13.72 27.03
N VAL F 98 -2.14 -14.84 27.25
CA VAL F 98 -0.73 -14.95 26.84
C VAL F 98 -0.60 -15.66 25.49
N ASN F 99 0.17 -15.08 24.58
CA ASN F 99 0.31 -15.57 23.20
C ASN F 99 1.75 -15.51 22.68
N ALA F 100 2.20 -16.60 22.05
CA ALA F 100 3.48 -16.62 21.35
C ALA F 100 3.26 -16.26 19.85
N VAL F 101 4.18 -15.51 19.28
CA VAL F 101 3.95 -14.89 18.00
C VAL F 101 5.23 -14.78 17.21
N GLY F 102 5.09 -14.71 15.89
CA GLY F 102 6.20 -14.31 15.04
C GLY F 102 6.29 -12.80 15.06
N GLY F 103 7.49 -12.27 14.84
CA GLY F 103 7.69 -10.84 14.93
C GLY F 103 8.03 -10.17 13.61
N ILE F 104 7.05 -9.44 13.05
CA ILE F 104 7.21 -8.75 11.77
C ILE F 104 8.04 -7.47 11.92
N HIS F 105 7.65 -6.60 12.86
CA HIS F 105 8.35 -5.32 13.03
C HIS F 105 9.82 -5.54 13.39
N ALA F 106 10.70 -4.86 12.64
CA ALA F 106 12.15 -4.90 12.88
C ALA F 106 12.57 -4.82 14.34
N ALA F 107 11.82 -4.05 15.14
CA ALA F 107 12.14 -3.79 16.54
C ALA F 107 11.66 -4.89 17.49
N MET F 108 10.88 -5.82 16.94
CA MET F 108 10.20 -6.79 17.78
C MET F 108 10.72 -8.17 17.45
N GLY F 109 12.00 -8.41 17.75
CA GLY F 109 12.65 -9.69 17.47
C GLY F 109 12.39 -10.73 18.54
N THR F 110 13.08 -11.86 18.45
CA THR F 110 12.98 -12.97 19.39
C THR F 110 13.05 -12.48 20.83
N GLY F 111 12.14 -12.96 21.67
CA GLY F 111 12.21 -12.68 23.10
C GLY F 111 11.61 -11.37 23.52
N HIS F 112 11.31 -10.50 22.57
CA HIS F 112 10.54 -9.27 22.83
C HIS F 112 9.16 -9.59 23.43
N LEU F 113 8.71 -8.71 24.32
CA LEU F 113 7.32 -8.72 24.79
C LEU F 113 6.55 -7.56 24.21
N CYS F 114 5.38 -7.84 23.66
CA CYS F 114 4.53 -6.80 23.13
C CYS F 114 3.16 -6.83 23.78
N VAL F 115 2.53 -5.68 23.87
CA VAL F 115 1.17 -5.57 24.39
C VAL F 115 0.35 -4.90 23.30
N PRO F 116 -0.22 -5.68 22.36
CA PRO F 116 -1.00 -5.17 21.20
C PRO F 116 -2.16 -4.22 21.57
N HIS F 117 -2.38 -3.21 20.74
CA HIS F 117 -3.52 -2.31 20.91
C HIS F 117 -4.58 -2.50 19.84
N GLN F 118 -4.18 -3.14 18.74
CA GLN F 118 -5.05 -3.39 17.59
C GLN F 118 -4.80 -4.74 16.98
N LEU F 119 -5.77 -5.27 16.26
CA LEU F 119 -5.58 -6.54 15.60
C LEU F 119 -6.25 -6.51 14.26
N ILE F 120 -5.78 -7.41 13.38
CA ILE F 120 -6.37 -7.65 12.09
C ILE F 120 -6.58 -9.14 11.99
N ASP F 121 -7.76 -9.54 11.53
CA ASP F 121 -8.19 -10.92 11.58
C ASP F 121 -8.10 -11.53 10.21
N TYR F 122 -7.30 -12.59 10.08
CA TYR F 122 -7.20 -13.33 8.81
C TYR F 122 -7.69 -14.78 8.92
N THR F 123 -8.35 -15.13 10.02
CA THR F 123 -8.80 -16.49 10.27
C THR F 123 -10.15 -16.69 9.56
N SER F 124 -10.60 -17.95 9.40
CA SER F 124 -11.92 -18.17 8.77
C SER F 124 -12.78 -19.32 9.26
N GLY F 125 -12.25 -20.53 9.38
CA GLY F 125 -13.18 -21.63 9.58
C GLY F 125 -13.54 -21.85 11.03
N ARG F 126 -13.88 -20.79 11.74
CA ARG F 126 -13.96 -20.87 13.20
C ARG F 126 -15.29 -20.43 13.77
N GLU F 127 -15.74 -21.15 14.79
CA GLU F 127 -16.97 -20.78 15.45
C GLU F 127 -16.70 -19.53 16.24
N HIS F 128 -17.00 -18.40 15.60
CA HIS F 128 -16.45 -17.08 15.93
C HIS F 128 -17.36 -16.15 16.70
N THR F 129 -18.60 -16.59 16.92
CA THR F 129 -19.58 -15.74 17.58
C THR F 129 -20.66 -16.52 18.31
N TYR F 130 -21.18 -15.97 19.39
CA TYR F 130 -22.31 -16.57 20.09
C TYR F 130 -23.61 -16.24 19.36
N PHE F 131 -23.54 -15.27 18.47
CA PHE F 131 -24.73 -14.83 17.77
C PHE F 131 -24.86 -15.49 16.40
N ALA F 132 -24.55 -16.80 16.34
CA ALA F 132 -24.88 -17.63 15.18
C ALA F 132 -26.17 -18.37 15.49
N GLY F 133 -26.56 -19.32 14.63
CA GLY F 133 -27.79 -20.12 14.84
C GLY F 133 -29.11 -19.40 14.58
N ASP F 134 -30.21 -20.11 14.77
CA ASP F 134 -31.56 -19.53 14.62
C ASP F 134 -31.92 -18.84 15.94
N ILE F 135 -31.61 -17.55 16.02
CA ILE F 135 -31.72 -16.79 17.26
C ILE F 135 -32.65 -15.57 17.07
N GLU F 136 -33.24 -15.09 18.16
CA GLU F 136 -34.33 -14.10 18.07
C GLU F 136 -33.89 -12.65 17.77
N HIS F 137 -32.88 -12.16 18.50
CA HIS F 137 -32.28 -10.82 18.26
C HIS F 137 -30.80 -10.93 17.88
N VAL F 138 -30.44 -10.36 16.71
CA VAL F 138 -29.02 -10.33 16.26
C VAL F 138 -28.27 -9.18 16.92
N THR F 139 -27.01 -9.43 17.27
CA THR F 139 -26.17 -8.36 17.82
C THR F 139 -24.88 -8.18 17.02
N HIS F 140 -24.70 -6.97 16.52
CA HIS F 140 -23.41 -6.60 15.93
C HIS F 140 -22.63 -5.80 16.98
N ILE F 141 -21.70 -6.43 17.69
CA ILE F 141 -20.90 -5.67 18.66
C ILE F 141 -19.93 -4.72 17.96
N ASP F 142 -19.67 -3.58 18.60
CA ASP F 142 -18.61 -2.70 18.17
C ASP F 142 -17.33 -3.35 18.64
N PHE F 143 -16.32 -3.33 17.79
CA PHE F 143 -15.06 -3.95 18.14
C PHE F 143 -13.91 -3.01 17.76
N SER F 144 -14.17 -1.71 17.77
CA SER F 144 -13.16 -0.72 17.38
C SER F 144 -11.84 -0.90 18.12
N HIS F 145 -11.90 -1.08 19.43
CA HIS F 145 -10.70 -1.27 20.22
C HIS F 145 -10.72 -2.60 20.92
N PRO F 146 -10.03 -3.60 20.33
CA PRO F 146 -10.16 -5.02 20.66
C PRO F 146 -9.59 -5.44 22.01
N TYR F 147 -8.90 -4.54 22.71
CA TYR F 147 -8.34 -4.85 24.01
C TYR F 147 -8.75 -3.86 25.08
N ASP F 148 -9.04 -4.35 26.28
CA ASP F 148 -9.36 -3.44 27.38
C ASP F 148 -8.14 -2.58 27.73
N GLU F 149 -8.32 -1.27 27.65
CA GLU F 149 -7.22 -0.35 27.90
C GLU F 149 -6.76 -0.40 29.36
N PRO F 150 -7.70 -0.44 30.35
CA PRO F 150 -7.22 -0.54 31.72
C PRO F 150 -6.29 -1.74 31.90
N LEU F 151 -6.71 -2.89 31.37
CA LEU F 151 -5.91 -4.10 31.39
C LEU F 151 -4.58 -3.90 30.68
N ARG F 152 -4.63 -3.23 29.53
CA ARG F 152 -3.43 -2.87 28.79
C ARG F 152 -2.44 -2.10 29.65
N GLN F 153 -2.87 -1.03 30.31
CA GLN F 153 -1.99 -0.28 31.22
C GLN F 153 -1.42 -1.19 32.32
N ARG F 154 -2.29 -1.95 33.00
CA ARG F 154 -1.84 -2.86 34.05
C ARG F 154 -0.66 -3.74 33.64
N LEU F 155 -0.69 -4.23 32.38
CA LEU F 155 0.44 -4.98 31.80
C LEU F 155 1.68 -4.09 31.52
N ILE F 156 1.47 -2.89 31.00
CA ILE F 156 2.57 -1.97 30.72
C ILE F 156 3.27 -1.54 32.02
N GLU F 157 2.50 -0.99 32.95
CA GLU F 157 2.98 -0.69 34.29
C GLU F 157 3.86 -1.82 34.83
N ALA F 158 3.33 -3.04 34.83
CA ALA F 158 4.10 -4.23 35.22
C ALA F 158 5.42 -4.40 34.45
N LEU F 159 5.35 -4.30 33.12
CA LEU F 159 6.55 -4.41 32.30
C LEU F 159 7.59 -3.35 32.66
N ARG F 160 7.17 -2.09 32.71
CA ARG F 160 8.06 -0.98 33.08
C ARG F 160 8.75 -1.22 34.42
N ALA F 161 7.94 -1.54 35.43
CA ALA F 161 8.39 -1.70 36.82
C ALA F 161 9.45 -2.78 36.94
N LEU F 162 9.38 -3.75 36.03
CA LEU F 162 10.30 -4.88 36.01
C LEU F 162 11.48 -4.65 35.08
N GLY F 163 11.56 -3.45 34.49
CA GLY F 163 12.67 -3.03 33.65
C GLY F 163 12.81 -3.86 32.38
N LEU F 164 11.73 -4.52 31.98
CA LEU F 164 11.76 -5.45 30.86
C LEU F 164 11.59 -4.75 29.50
N ALA F 165 12.44 -5.12 28.53
CA ALA F 165 12.27 -4.63 27.16
C ALA F 165 10.91 -5.06 26.61
N HIS F 166 10.17 -4.10 26.06
CA HIS F 166 8.82 -4.36 25.51
C HIS F 166 8.33 -3.30 24.56
N SER F 167 7.17 -3.57 23.98
CA SER F 167 6.41 -2.60 23.18
C SER F 167 5.03 -2.36 23.75
N SER F 168 4.75 -1.10 24.03
CA SER F 168 3.51 -0.68 24.65
C SER F 168 2.30 -0.81 23.74
N HIS F 169 2.52 -0.87 22.43
CA HIS F 169 1.46 -0.95 21.42
C HIS F 169 1.87 -1.93 20.31
N GLY F 170 0.91 -2.45 19.55
CA GLY F 170 1.25 -3.11 18.32
C GLY F 170 0.05 -3.72 17.64
N VAL F 171 0.18 -4.00 16.35
CA VAL F 171 -0.90 -4.62 15.63
C VAL F 171 -0.65 -6.14 15.50
N TYR F 172 -1.63 -6.93 15.94
CA TYR F 172 -1.56 -8.41 15.97
C TYR F 172 -2.29 -9.03 14.79
N ALA F 173 -1.54 -9.61 13.87
CA ALA F 173 -2.12 -10.36 12.76
C ALA F 173 -2.55 -11.75 13.23
N CYS F 174 -3.83 -12.04 13.19
CA CYS F 174 -4.24 -13.39 13.50
C CYS F 174 -4.49 -14.24 12.28
N THR F 175 -3.56 -15.15 12.04
CA THR F 175 -3.70 -16.07 10.92
C THR F 175 -4.27 -17.41 11.34
N GLN F 176 -4.35 -18.34 10.40
CA GLN F 176 -5.18 -19.50 10.53
C GLN F 176 -4.44 -20.75 10.98
N GLY F 177 -3.25 -20.95 10.43
CA GLY F 177 -2.45 -22.12 10.80
C GLY F 177 -3.01 -23.40 10.19
N PRO F 178 -2.44 -24.57 10.59
CA PRO F 178 -1.33 -24.68 11.54
C PRO F 178 -0.04 -24.24 10.90
N ARG F 179 0.03 -24.28 9.59
CA ARG F 179 1.24 -23.91 8.89
C ARG F 179 1.58 -22.46 9.21
N LEU F 180 2.88 -22.18 9.27
CA LEU F 180 3.32 -20.80 9.37
C LEU F 180 3.21 -20.09 8.02
N GLU F 181 3.60 -18.82 8.03
CA GLU F 181 3.35 -17.95 6.90
C GLU F 181 4.46 -18.05 5.85
N THR F 182 4.07 -17.68 4.65
CA THR F 182 4.90 -17.52 3.50
C THR F 182 5.55 -16.12 3.53
N VAL F 183 6.77 -15.99 3.00
CA VAL F 183 7.49 -14.70 2.91
C VAL F 183 6.62 -13.57 2.37
N ALA F 184 5.91 -13.86 1.27
CA ALA F 184 5.06 -12.91 0.56
C ALA F 184 3.85 -12.61 1.36
N GLU F 185 3.37 -13.59 2.12
CA GLU F 185 2.22 -13.37 2.97
C GLU F 185 2.65 -12.41 4.06
N ILE F 186 3.89 -12.56 4.52
CA ILE F 186 4.38 -11.70 5.57
C ILE F 186 4.54 -10.28 5.03
N ALA F 187 4.99 -10.14 3.79
CA ALA F 187 5.07 -8.83 3.19
C ALA F 187 3.68 -8.21 3.15
N ARG F 188 2.64 -9.01 2.95
CA ARG F 188 1.33 -8.39 2.87
C ARG F 188 0.74 -8.03 4.24
N LEU F 189 0.97 -8.88 5.24
CA LEU F 189 0.67 -8.55 6.64
C LEU F 189 1.39 -7.30 7.10
N GLU F 190 2.58 -7.05 6.56
CA GLU F 190 3.34 -5.85 6.90
C GLU F 190 2.74 -4.62 6.21
N ARG F 191 2.35 -4.75 4.96
CA ARG F 191 1.73 -3.66 4.25
C ARG F 191 0.40 -3.30 4.89
N ASP F 192 -0.26 -4.28 5.49
CA ASP F 192 -1.55 -4.06 6.13
C ASP F 192 -1.31 -3.41 7.47
N GLY F 193 -0.05 -3.31 7.86
CA GLY F 193 0.35 -2.65 9.10
C GLY F 193 0.39 -3.50 10.36
N ASN F 194 0.70 -4.78 10.23
CA ASN F 194 0.80 -5.67 11.39
C ASN F 194 2.23 -5.71 11.97
N ASP F 195 2.35 -5.90 13.29
CA ASP F 195 3.66 -5.85 13.95
C ASP F 195 4.13 -7.24 14.33
N ILE F 196 3.15 -8.09 14.66
CA ILE F 196 3.37 -9.46 15.16
C ILE F 196 2.30 -10.37 14.53
N VAL F 197 2.55 -11.68 14.55
CA VAL F 197 1.65 -12.66 13.91
C VAL F 197 1.54 -13.92 14.73
N GLY F 198 0.30 -14.35 14.90
CA GLY F 198 -0.07 -15.42 15.81
C GLY F 198 -1.39 -16.05 15.32
N MET F 199 -1.73 -17.19 15.90
CA MET F 199 -2.83 -18.00 15.41
C MET F 199 -3.99 -18.12 16.40
N THR F 200 -3.80 -17.58 17.59
CA THR F 200 -4.72 -17.84 18.67
C THR F 200 -5.57 -16.64 19.06
N GLY F 201 -5.19 -15.46 18.57
CA GLY F 201 -5.73 -14.19 19.07
C GLY F 201 -7.16 -13.86 18.71
N MET F 202 -7.66 -14.49 17.65
CA MET F 202 -9.04 -14.37 17.22
C MET F 202 -9.57 -15.76 16.89
N PRO F 203 -10.85 -16.03 17.19
CA PRO F 203 -11.87 -15.08 17.63
C PRO F 203 -11.96 -14.81 19.14
N GLU F 204 -10.92 -15.22 19.89
CA GLU F 204 -10.88 -15.09 21.37
C GLU F 204 -11.22 -13.69 21.82
N ALA F 205 -10.42 -12.71 21.41
CA ALA F 205 -10.66 -11.29 21.74
C ALA F 205 -12.09 -10.83 21.46
N ALA F 206 -12.61 -11.18 20.28
CA ALA F 206 -14.00 -10.90 19.91
C ALA F 206 -15.03 -11.61 20.81
N LEU F 207 -14.78 -12.88 21.13
CA LEU F 207 -15.72 -13.62 21.97
C LEU F 207 -15.72 -13.12 23.40
N ALA F 208 -14.58 -12.63 23.89
CA ALA F 208 -14.57 -11.95 25.18
C ALA F 208 -15.55 -10.78 25.11
N ARG F 209 -15.46 -10.01 24.03
CA ARG F 209 -16.32 -8.84 23.86
C ARG F 209 -17.81 -9.05 23.79
N GLU F 210 -18.23 -10.15 23.19
CA GLU F 210 -19.65 -10.43 23.07
C GLU F 210 -20.20 -10.78 24.45
N LEU F 211 -19.30 -11.07 25.37
CA LEU F 211 -19.64 -11.38 26.76
C LEU F 211 -19.34 -10.22 27.73
N ASP F 212 -19.00 -9.05 27.17
CA ASP F 212 -18.65 -7.86 27.96
C ASP F 212 -17.62 -8.26 29.03
N LEU F 213 -16.50 -8.79 28.57
CA LEU F 213 -15.49 -9.38 29.43
C LEU F 213 -14.15 -8.77 29.06
N PRO F 214 -13.65 -7.84 29.88
CA PRO F 214 -12.39 -7.18 29.59
C PRO F 214 -11.29 -8.20 29.33
N TYR F 215 -10.46 -7.89 28.35
CA TYR F 215 -9.56 -8.85 27.75
C TYR F 215 -8.36 -8.09 27.23
N ALA F 216 -7.17 -8.54 27.60
CA ALA F 216 -5.96 -8.03 26.99
C ALA F 216 -4.99 -9.17 26.69
N CYS F 217 -4.13 -8.94 25.71
CA CYS F 217 -3.13 -9.92 25.36
C CYS F 217 -1.73 -9.43 25.73
N LEU F 218 -0.89 -10.36 26.16
CA LEU F 218 0.54 -10.15 26.28
C LEU F 218 1.20 -11.10 25.32
N ALA F 219 2.13 -10.59 24.51
CA ALA F 219 2.67 -11.42 23.43
C ALA F 219 4.17 -11.55 23.52
N LEU F 220 4.64 -12.80 23.44
CA LEU F 220 6.06 -13.11 23.36
C LEU F 220 6.44 -13.48 21.94
N VAL F 221 7.34 -12.72 21.34
CA VAL F 221 7.85 -13.07 20.02
C VAL F 221 8.79 -14.25 20.16
N VAL F 222 8.46 -15.36 19.49
CA VAL F 222 9.28 -16.57 19.59
C VAL F 222 10.21 -16.78 18.40
N ASN F 223 9.86 -16.14 17.28
CA ASN F 223 10.63 -16.24 16.05
C ASN F 223 10.43 -14.98 15.21
N PRO F 224 11.47 -14.55 14.47
CA PRO F 224 11.14 -13.57 13.44
C PRO F 224 10.22 -14.23 12.42
N ALA F 225 9.26 -13.47 11.88
CA ALA F 225 8.31 -14.02 10.91
C ALA F 225 9.03 -14.46 9.63
N ALA F 226 8.38 -15.30 8.83
CA ALA F 226 8.97 -15.83 7.60
C ALA F 226 9.76 -14.77 6.86
N GLY F 227 10.99 -15.10 6.48
CA GLY F 227 11.75 -14.21 5.61
C GLY F 227 12.24 -12.94 6.27
N LYS F 228 11.96 -12.76 7.56
CA LYS F 228 12.55 -11.67 8.31
C LYS F 228 13.94 -12.05 8.79
N SER F 229 14.38 -13.26 8.43
CA SER F 229 15.75 -13.73 8.64
C SER F 229 16.05 -14.76 7.55
N ALA F 230 17.29 -15.23 7.54
CA ALA F 230 17.86 -15.87 6.36
C ALA F 230 17.27 -17.23 6.09
N GLY F 231 17.12 -18.01 7.15
CA GLY F 231 16.82 -19.41 6.94
C GLY F 231 15.36 -19.68 6.73
N ILE F 232 14.89 -20.69 7.44
CA ILE F 232 13.51 -21.05 7.58
C ILE F 232 13.25 -21.09 9.08
N ILE F 233 11.99 -21.12 9.48
CA ILE F 233 11.65 -21.12 10.90
C ILE F 233 11.63 -22.54 11.47
N THR F 234 12.31 -22.74 12.59
CA THR F 234 12.51 -24.07 13.15
C THR F 234 11.79 -24.17 14.49
N MET F 235 11.31 -25.37 14.82
CA MET F 235 10.63 -25.58 16.10
C MET F 235 11.61 -25.63 17.28
N ALA F 236 12.90 -25.74 17.00
CA ALA F 236 13.92 -25.62 18.03
C ALA F 236 14.15 -24.16 18.47
N GLU F 237 14.18 -23.25 17.49
CA GLU F 237 14.30 -21.80 17.72
C GLU F 237 13.27 -21.37 18.73
N ILE F 238 12.04 -21.84 18.51
CA ILE F 238 10.84 -21.45 19.25
C ILE F 238 10.83 -22.03 20.67
N GLU F 239 11.26 -23.29 20.79
CA GLU F 239 11.48 -23.95 22.08
C GLU F 239 12.42 -23.10 22.94
N GLN F 240 13.59 -22.78 22.38
CA GLN F 240 14.57 -21.90 23.01
C GLN F 240 14.00 -20.53 23.43
N ALA F 241 13.13 -19.96 22.59
CA ALA F 241 12.57 -18.65 22.88
C ALA F 241 11.54 -18.74 24.01
N LEU F 242 10.79 -19.83 24.03
CA LEU F 242 9.91 -20.13 25.15
C LEU F 242 10.69 -20.43 26.46
N HIS F 243 11.87 -21.06 26.34
CA HIS F 243 12.73 -21.32 27.50
C HIS F 243 13.26 -20.01 28.12
N ASP F 244 13.84 -19.14 27.30
CA ASP F 244 14.31 -17.85 27.78
C ASP F 244 13.11 -16.96 28.09
N GLY F 245 11.99 -17.20 27.38
CA GLY F 245 10.81 -16.37 27.49
C GLY F 245 9.94 -16.62 28.70
N ILE F 246 9.67 -17.89 29.00
CA ILE F 246 8.64 -18.21 30.00
C ILE F 246 8.75 -17.48 31.33
N GLY F 247 9.94 -17.52 31.95
CA GLY F 247 10.22 -16.87 33.24
C GLY F 247 9.84 -15.40 33.24
N LYS F 248 10.26 -14.70 32.19
CA LYS F 248 9.86 -13.31 31.98
C LYS F 248 8.35 -13.10 32.04
N VAL F 249 7.60 -13.99 31.38
CA VAL F 249 6.15 -13.83 31.26
C VAL F 249 5.48 -14.02 32.61
N ARG F 250 6.01 -14.98 33.36
CA ARG F 250 5.52 -15.29 34.70
C ARG F 250 5.68 -14.12 35.68
N GLU F 251 6.85 -13.50 35.70
CA GLU F 251 7.06 -12.38 36.61
C GLU F 251 6.06 -11.27 36.33
N VAL F 252 5.68 -11.11 35.06
CA VAL F 252 4.74 -10.06 34.69
C VAL F 252 3.34 -10.33 35.21
N LEU F 253 2.93 -11.61 35.23
CA LEU F 253 1.62 -12.00 35.78
C LEU F 253 1.56 -11.84 37.30
N ALA F 254 2.59 -12.29 38.00
CA ALA F 254 2.73 -12.03 39.43
C ALA F 254 2.41 -10.59 39.83
N ARG F 255 2.98 -9.62 39.12
CA ARG F 255 2.67 -8.21 39.37
C ARG F 255 1.22 -7.85 39.06
N VAL F 256 0.74 -8.21 37.87
CA VAL F 256 -0.60 -7.84 37.47
C VAL F 256 -1.63 -8.44 38.41
N LEU F 257 -1.36 -9.64 38.91
CA LEU F 257 -2.27 -10.28 39.85
C LEU F 257 -2.29 -9.59 41.23
N ALA F 258 -1.10 -9.33 41.80
CA ALA F 258 -0.92 -8.63 43.10
C ALA F 258 -1.71 -7.32 43.29
N1 HPA G . -2.94 16.35 -13.20
C2 HPA G . -2.23 17.33 -12.52
N3 HPA G . -2.70 18.60 -12.52
C4 HPA G . -3.84 18.92 -13.19
C5 HPA G . -4.57 17.95 -13.86
C6 HPA G . -4.12 16.64 -13.87
O6 HPA G . -4.72 15.79 -14.53
N7 HPA G . -5.65 18.53 -14.41
C8 HPA G . -5.59 19.84 -14.09
N9 HPA G . -4.50 20.10 -13.34
S SO4 H . -8.80 6.10 -2.13
O1 SO4 H . -8.77 4.81 -1.43
O2 SO4 H . -8.52 5.96 -3.56
O3 SO4 H . -10.15 6.65 -1.94
O4 SO4 H . -7.78 6.98 -1.56
S SO4 I . -7.57 47.64 4.56
O1 SO4 I . -7.37 46.39 5.31
O2 SO4 I . -6.97 47.50 3.23
O3 SO4 I . -9.03 47.88 4.48
O4 SO4 I . -6.91 48.74 5.27
N1 HPA J . 19.45 2.34 -8.42
C2 HPA J . 19.54 3.45 -9.22
N3 HPA J . 20.29 3.41 -10.38
C4 HPA J . 20.93 2.26 -10.74
C5 HPA J . 20.82 1.13 -9.95
C6 HPA J . 20.08 1.16 -8.78
O6 HPA J . 20.27 0.28 -7.92
N7 HPA J . 21.53 0.16 -10.54
C8 HPA J . 22.08 0.68 -11.67
N9 HPA J . 21.71 1.97 -11.81
S SO4 K . 5.09 -5.56 -8.11
O1 SO4 K . 5.27 -6.98 -7.77
O2 SO4 K . 5.18 -5.38 -9.57
O3 SO4 K . 3.76 -5.16 -7.64
O4 SO4 K . 6.14 -4.74 -7.47
N1 HPA L . 7.45 15.85 11.67
C2 HPA L . 8.64 16.22 11.07
N3 HPA L . 9.74 16.59 11.82
C4 HPA L . 9.66 16.57 13.17
C5 HPA L . 8.46 16.19 13.81
C6 HPA L . 7.34 15.83 13.04
O6 HPA L . 6.25 15.67 13.58
N7 HPA L . 8.66 16.29 15.13
C8 HPA L . 9.95 16.71 15.32
N9 HPA L . 10.56 16.90 14.13
S SO4 M . 4.76 -0.85 9.88
O1 SO4 M . 5.05 -2.23 10.31
O2 SO4 M . 4.63 -0.76 8.42
O3 SO4 M . 3.48 -0.41 10.45
O4 SO4 M . 5.88 -0.01 10.36
N1 HPA N . -8.49 -15.70 -11.78
C2 HPA N . -8.56 -16.79 -10.93
N3 HPA N . -8.34 -18.07 -11.42
C4 HPA N . -8.06 -18.26 -12.74
C5 HPA N . -8.00 -17.17 -13.61
C6 HPA N . -8.21 -15.89 -13.11
O6 HPA N . -8.31 -14.97 -13.91
N7 HPA N . -7.71 -17.63 -14.81
C8 HPA N . -7.59 -18.98 -14.72
N9 HPA N . -7.82 -19.38 -13.45
N1 HPA O . -19.11 -2.29 9.38
C2 HPA O . -19.65 -3.38 8.74
N3 HPA O . -20.99 -3.39 8.37
C4 HPA O . -21.81 -2.35 8.65
C5 HPA O . -21.27 -1.23 9.30
C6 HPA O . -19.91 -1.21 9.67
O6 HPA O . -19.45 -0.29 10.33
N7 HPA O . -22.29 -0.34 9.46
C8 HPA O . -23.41 -0.88 8.92
N9 HPA O . -23.12 -2.12 8.41
N1 HPA P . 3.37 -17.28 12.50
C2 HPA P . 2.09 -17.69 12.93
N3 HPA P . 1.87 -18.11 14.22
C4 HPA P . 2.89 -18.12 15.10
C5 HPA P . 4.18 -17.70 14.71
C6 HPA P . 4.43 -17.28 13.38
O6 HPA P . 5.57 -17.09 12.92
N7 HPA P . 4.97 -17.83 15.80
C8 HPA P . 4.21 -18.31 16.84
N9 HPA P . 2.93 -18.48 16.40
#